data_2Z0K
# 
_entry.id   2Z0K 
# 
_audit_conform.dict_name       mmcif_pdbx.dic 
_audit_conform.dict_version    5.380 
_audit_conform.dict_location   http://mmcif.pdb.org/dictionaries/ascii/mmcif_pdbx.dic 
# 
loop_
_database_2.database_id 
_database_2.database_code 
_database_2.pdbx_database_accession 
_database_2.pdbx_DOI 
PDB   2Z0K         pdb_00002z0k 10.2210/pdb2z0k/pdb 
RCSB  RCSB027368   ?            ?                   
WWPDB D_1000027368 ?            ?                   
# 
_pdbx_database_related.db_name        TargetDB 
_pdbx_database_related.db_id          ttk003001048.4 
_pdbx_database_related.details        . 
_pdbx_database_related.content_type   unspecified 
# 
_pdbx_database_status.status_code                     REL 
_pdbx_database_status.entry_id                        2Z0K 
_pdbx_database_status.recvd_initial_deposition_date   2007-05-07 
_pdbx_database_status.deposit_site                    PDBJ 
_pdbx_database_status.process_site                    PDBJ 
_pdbx_database_status.status_code_sf                  REL 
_pdbx_database_status.status_code_mr                  ? 
_pdbx_database_status.SG_entry                        Y 
_pdbx_database_status.pdb_format_compatible           Y 
_pdbx_database_status.status_code_cs                  ? 
_pdbx_database_status.status_code_nmr_data            ? 
_pdbx_database_status.methods_development_category    ? 
# 
loop_
_audit_author.name 
_audit_author.pdbx_ordinal 
'Murayama, K.'                                           1 
'Kato-Murayama, M.'                                      2 
'Terada, T.'                                             3 
'Kuramitsu, S.'                                          4 
'Shirouzu, M.'                                           5 
'Yokoyama, S.'                                           6 
'RIKEN Structural Genomics/Proteomics Initiative (RSGI)' 7 
# 
_citation.id                        primary 
_citation.title                     'Crystal structure of ProX-AlaSA complex from T. thermophilus' 
_citation.journal_abbrev            'to be published' 
_citation.journal_volume            ? 
_citation.page_first                ? 
_citation.page_last                 ? 
_citation.year                      ? 
_citation.journal_id_ASTM           ? 
_citation.country                   ? 
_citation.journal_id_ISSN           ? 
_citation.journal_id_CSD            0353 
_citation.book_publisher            ? 
_citation.pdbx_database_id_PubMed   ? 
_citation.pdbx_database_id_DOI      ? 
# 
loop_
_citation_author.citation_id 
_citation_author.name 
_citation_author.ordinal 
_citation_author.identifier_ORCID 
primary 'Murayama, K.'      1 ? 
primary 'Kato-Murayama, M.' 2 ? 
primary 'Terada, T.'        3 ? 
primary 'Kuramitsu, S.'     4 ? 
primary 'Shirouzu, M.'      5 ? 
primary 'Yokoyama, S.'      6 ? 
# 
_cell.entry_id           2Z0K 
_cell.length_a           31.426 
_cell.length_b           50.522 
_cell.length_c           81.281 
_cell.angle_alpha        90.00 
_cell.angle_beta         90.00 
_cell.angle_gamma        90.00 
_cell.Z_PDB              4 
_cell.pdbx_unique_axis   ? 
_cell.length_a_esd       ? 
_cell.length_b_esd       ? 
_cell.length_c_esd       ? 
_cell.angle_alpha_esd    ? 
_cell.angle_beta_esd     ? 
_cell.angle_gamma_esd    ? 
# 
_symmetry.entry_id                         2Z0K 
_symmetry.space_group_name_H-M             'P 21 21 21' 
_symmetry.pdbx_full_space_group_name_H-M   ? 
_symmetry.cell_setting                     ? 
_symmetry.Int_Tables_number                19 
_symmetry.space_group_name_Hall            ? 
# 
loop_
_entity.id 
_entity.type 
_entity.src_method 
_entity.pdbx_description 
_entity.formula_weight 
_entity.pdbx_number_of_molecules 
_entity.pdbx_ec 
_entity.pdbx_mutation 
_entity.pdbx_fragment 
_entity.details 
1 polymer     man 'Putative uncharacterized protein TTHA1699' 16575.008 1   ? ? ? ? 
2 non-polymer syn "'5'-O-(N-(L-ALANYL)-SULFAMOYL)ADENOSINE"   417.398   1   ? ? ? ? 
3 water       nat water                                       18.015    131 ? ? ? ? 
# 
_entity_name_com.entity_id   1 
_entity_name_com.name        'A putative trans-editing enzyme for prolyl-tRNA-synthetase' 
# 
_entity_poly.entity_id                      1 
_entity_poly.type                           'polypeptide(L)' 
_entity_poly.nstd_linkage                   no 
_entity_poly.nstd_monomer                   no 
_entity_poly.pdbx_seq_one_letter_code       
;MSLSPSARRVQGALETRGFGHLKVVELPASTRTAKEAAQAVGAEVGQIVKSLVFVGEKGAYLFLVSGKNRLDLGKATRLV
GGPLRQATPEEVRELTGFAIGGVPPVGHNTPLPAYLDEDLLGYPEVWAAGGTPRALFRATPKELLALTGAQVADLKEG
;
_entity_poly.pdbx_seq_one_letter_code_can   
;MSLSPSARRVQGALETRGFGHLKVVELPASTRTAKEAAQAVGAEVGQIVKSLVFVGEKGAYLFLVSGKNRLDLGKATRLV
GGPLRQATPEEVRELTGFAIGGVPPVGHNTPLPAYLDEDLLGYPEVWAAGGTPRALFRATPKELLALTGAQVADLKEG
;
_entity_poly.pdbx_strand_id                 A 
_entity_poly.pdbx_target_identifier         ttk003001048.4 
# 
loop_
_entity_poly_seq.entity_id 
_entity_poly_seq.num 
_entity_poly_seq.mon_id 
_entity_poly_seq.hetero 
1 1   MET n 
1 2   SER n 
1 3   LEU n 
1 4   SER n 
1 5   PRO n 
1 6   SER n 
1 7   ALA n 
1 8   ARG n 
1 9   ARG n 
1 10  VAL n 
1 11  GLN n 
1 12  GLY n 
1 13  ALA n 
1 14  LEU n 
1 15  GLU n 
1 16  THR n 
1 17  ARG n 
1 18  GLY n 
1 19  PHE n 
1 20  GLY n 
1 21  HIS n 
1 22  LEU n 
1 23  LYS n 
1 24  VAL n 
1 25  VAL n 
1 26  GLU n 
1 27  LEU n 
1 28  PRO n 
1 29  ALA n 
1 30  SER n 
1 31  THR n 
1 32  ARG n 
1 33  THR n 
1 34  ALA n 
1 35  LYS n 
1 36  GLU n 
1 37  ALA n 
1 38  ALA n 
1 39  GLN n 
1 40  ALA n 
1 41  VAL n 
1 42  GLY n 
1 43  ALA n 
1 44  GLU n 
1 45  VAL n 
1 46  GLY n 
1 47  GLN n 
1 48  ILE n 
1 49  VAL n 
1 50  LYS n 
1 51  SER n 
1 52  LEU n 
1 53  VAL n 
1 54  PHE n 
1 55  VAL n 
1 56  GLY n 
1 57  GLU n 
1 58  LYS n 
1 59  GLY n 
1 60  ALA n 
1 61  TYR n 
1 62  LEU n 
1 63  PHE n 
1 64  LEU n 
1 65  VAL n 
1 66  SER n 
1 67  GLY n 
1 68  LYS n 
1 69  ASN n 
1 70  ARG n 
1 71  LEU n 
1 72  ASP n 
1 73  LEU n 
1 74  GLY n 
1 75  LYS n 
1 76  ALA n 
1 77  THR n 
1 78  ARG n 
1 79  LEU n 
1 80  VAL n 
1 81  GLY n 
1 82  GLY n 
1 83  PRO n 
1 84  LEU n 
1 85  ARG n 
1 86  GLN n 
1 87  ALA n 
1 88  THR n 
1 89  PRO n 
1 90  GLU n 
1 91  GLU n 
1 92  VAL n 
1 93  ARG n 
1 94  GLU n 
1 95  LEU n 
1 96  THR n 
1 97  GLY n 
1 98  PHE n 
1 99  ALA n 
1 100 ILE n 
1 101 GLY n 
1 102 GLY n 
1 103 VAL n 
1 104 PRO n 
1 105 PRO n 
1 106 VAL n 
1 107 GLY n 
1 108 HIS n 
1 109 ASN n 
1 110 THR n 
1 111 PRO n 
1 112 LEU n 
1 113 PRO n 
1 114 ALA n 
1 115 TYR n 
1 116 LEU n 
1 117 ASP n 
1 118 GLU n 
1 119 ASP n 
1 120 LEU n 
1 121 LEU n 
1 122 GLY n 
1 123 TYR n 
1 124 PRO n 
1 125 GLU n 
1 126 VAL n 
1 127 TRP n 
1 128 ALA n 
1 129 ALA n 
1 130 GLY n 
1 131 GLY n 
1 132 THR n 
1 133 PRO n 
1 134 ARG n 
1 135 ALA n 
1 136 LEU n 
1 137 PHE n 
1 138 ARG n 
1 139 ALA n 
1 140 THR n 
1 141 PRO n 
1 142 LYS n 
1 143 GLU n 
1 144 LEU n 
1 145 LEU n 
1 146 ALA n 
1 147 LEU n 
1 148 THR n 
1 149 GLY n 
1 150 ALA n 
1 151 GLN n 
1 152 VAL n 
1 153 ALA n 
1 154 ASP n 
1 155 LEU n 
1 156 LYS n 
1 157 GLU n 
1 158 GLY n 
# 
_entity_src_gen.entity_id                          1 
_entity_src_gen.pdbx_src_id                        1 
_entity_src_gen.pdbx_alt_source_flag               sample 
_entity_src_gen.pdbx_seq_type                      ? 
_entity_src_gen.pdbx_beg_seq_num                   ? 
_entity_src_gen.pdbx_end_seq_num                   ? 
_entity_src_gen.gene_src_common_name               ? 
_entity_src_gen.gene_src_genus                     Thermus 
_entity_src_gen.pdbx_gene_src_gene                 ? 
_entity_src_gen.gene_src_species                   'Thermus thermophilus' 
_entity_src_gen.gene_src_strain                    HB8 
_entity_src_gen.gene_src_tissue                    ? 
_entity_src_gen.gene_src_tissue_fraction           ? 
_entity_src_gen.gene_src_details                   ? 
_entity_src_gen.pdbx_gene_src_fragment             ? 
_entity_src_gen.pdbx_gene_src_scientific_name      'Thermus thermophilus' 
_entity_src_gen.pdbx_gene_src_ncbi_taxonomy_id     300852 
_entity_src_gen.pdbx_gene_src_variant              ? 
_entity_src_gen.pdbx_gene_src_cell_line            ? 
_entity_src_gen.pdbx_gene_src_atcc                 ? 
_entity_src_gen.pdbx_gene_src_organ                ? 
_entity_src_gen.pdbx_gene_src_organelle            ? 
_entity_src_gen.pdbx_gene_src_cell                 ? 
_entity_src_gen.pdbx_gene_src_cellular_location    ? 
_entity_src_gen.host_org_common_name               ? 
_entity_src_gen.pdbx_host_org_scientific_name      'Escherichia coli' 
_entity_src_gen.pdbx_host_org_ncbi_taxonomy_id     562 
_entity_src_gen.host_org_genus                     Escherichia 
_entity_src_gen.pdbx_host_org_gene                 ? 
_entity_src_gen.pdbx_host_org_organ                ? 
_entity_src_gen.host_org_species                   ? 
_entity_src_gen.pdbx_host_org_tissue               ? 
_entity_src_gen.pdbx_host_org_tissue_fraction      ? 
_entity_src_gen.pdbx_host_org_strain               ? 
_entity_src_gen.pdbx_host_org_variant              ? 
_entity_src_gen.pdbx_host_org_cell_line            ? 
_entity_src_gen.pdbx_host_org_atcc                 ? 
_entity_src_gen.pdbx_host_org_culture_collection   ? 
_entity_src_gen.pdbx_host_org_cell                 ? 
_entity_src_gen.pdbx_host_org_organelle            ? 
_entity_src_gen.pdbx_host_org_cellular_location    ? 
_entity_src_gen.pdbx_host_org_vector_type          PLASMID 
_entity_src_gen.pdbx_host_org_vector               ? 
_entity_src_gen.host_org_details                   ? 
_entity_src_gen.expression_system_id               ? 
_entity_src_gen.plasmid_name                       pET11a 
_entity_src_gen.plasmid_details                    ? 
_entity_src_gen.pdbx_description                   ? 
# 
_struct_ref.id                         1 
_struct_ref.db_name                    UNP 
_struct_ref.db_code                    Q5SHN1_THET8 
_struct_ref.pdbx_db_accession          Q5SHN1 
_struct_ref.entity_id                  1 
_struct_ref.pdbx_seq_one_letter_code   
;MSLSPSARRVQGALETRGFGHLKVVELPASTRTAKEAAQAVGAEVGQIVKSLVFVGEKGAYLFLVSGKNRLDLGKATRLV
GGPLRQATPEEVRELTGFAIGGVPPVGHNTPLPAYLDEDLLGYPEVWAAGGTPRALFRATPKELLALTGAQVADLKEG
;
_struct_ref.pdbx_align_begin           1 
_struct_ref.pdbx_db_isoform            ? 
# 
_struct_ref_seq.align_id                      1 
_struct_ref_seq.ref_id                        1 
_struct_ref_seq.pdbx_PDB_id_code              2Z0K 
_struct_ref_seq.pdbx_strand_id                A 
_struct_ref_seq.seq_align_beg                 1 
_struct_ref_seq.pdbx_seq_align_beg_ins_code   ? 
_struct_ref_seq.seq_align_end                 158 
_struct_ref_seq.pdbx_seq_align_end_ins_code   ? 
_struct_ref_seq.pdbx_db_accession             Q5SHN1 
_struct_ref_seq.db_align_beg                  1 
_struct_ref_seq.pdbx_db_align_beg_ins_code    ? 
_struct_ref_seq.db_align_end                  158 
_struct_ref_seq.pdbx_db_align_end_ins_code    ? 
_struct_ref_seq.pdbx_auth_seq_align_beg       1 
_struct_ref_seq.pdbx_auth_seq_align_end       158 
# 
loop_
_chem_comp.id 
_chem_comp.type 
_chem_comp.mon_nstd_flag 
_chem_comp.name 
_chem_comp.pdbx_synonyms 
_chem_comp.formula 
_chem_comp.formula_weight 
A5A non-polymer         . "'5'-O-(N-(L-ALANYL)-SULFAMOYL)ADENOSINE" ? 'C13 H19 N7 O7 S' 417.398 
ALA 'L-peptide linking' y ALANINE                                   ? 'C3 H7 N O2'      89.093  
ARG 'L-peptide linking' y ARGININE                                  ? 'C6 H15 N4 O2 1'  175.209 
ASN 'L-peptide linking' y ASPARAGINE                                ? 'C4 H8 N2 O3'     132.118 
ASP 'L-peptide linking' y 'ASPARTIC ACID'                           ? 'C4 H7 N O4'      133.103 
GLN 'L-peptide linking' y GLUTAMINE                                 ? 'C5 H10 N2 O3'    146.144 
GLU 'L-peptide linking' y 'GLUTAMIC ACID'                           ? 'C5 H9 N O4'      147.129 
GLY 'peptide linking'   y GLYCINE                                   ? 'C2 H5 N O2'      75.067  
HIS 'L-peptide linking' y HISTIDINE                                 ? 'C6 H10 N3 O2 1'  156.162 
HOH non-polymer         . WATER                                     ? 'H2 O'            18.015  
ILE 'L-peptide linking' y ISOLEUCINE                                ? 'C6 H13 N O2'     131.173 
LEU 'L-peptide linking' y LEUCINE                                   ? 'C6 H13 N O2'     131.173 
LYS 'L-peptide linking' y LYSINE                                    ? 'C6 H15 N2 O2 1'  147.195 
MET 'L-peptide linking' y METHIONINE                                ? 'C5 H11 N O2 S'   149.211 
PHE 'L-peptide linking' y PHENYLALANINE                             ? 'C9 H11 N O2'     165.189 
PRO 'L-peptide linking' y PROLINE                                   ? 'C5 H9 N O2'      115.130 
SER 'L-peptide linking' y SERINE                                    ? 'C3 H7 N O3'      105.093 
THR 'L-peptide linking' y THREONINE                                 ? 'C4 H9 N O3'      119.119 
TRP 'L-peptide linking' y TRYPTOPHAN                                ? 'C11 H12 N2 O2'   204.225 
TYR 'L-peptide linking' y TYROSINE                                  ? 'C9 H11 N O3'     181.189 
VAL 'L-peptide linking' y VALINE                                    ? 'C5 H11 N O2'     117.146 
# 
_exptl.entry_id          2Z0K 
_exptl.method            'X-RAY DIFFRACTION' 
_exptl.crystals_number   1 
# 
_exptl_crystal.id                    1 
_exptl_crystal.density_meas          ? 
_exptl_crystal.density_Matthews      1.95 
_exptl_crystal.density_percent_sol   36.81 
_exptl_crystal.description           ? 
_exptl_crystal.F_000                 ? 
_exptl_crystal.preparation           ? 
# 
_exptl_crystal_grow.crystal_id      1 
_exptl_crystal_grow.method          'VAPOR DIFFUSION, HANGING DROP' 
_exptl_crystal_grow.temp            293 
_exptl_crystal_grow.temp_details    ? 
_exptl_crystal_grow.pH              7.5 
_exptl_crystal_grow.pdbx_details    '30% PEG3350, 0.1M Hepes, 30mM AlaSA, pH 7.5, VAPOR DIFFUSION, HANGING DROP, temperature 293K' 
_exptl_crystal_grow.pdbx_pH_range   . 
# 
_diffrn.id                     1 
_diffrn.ambient_temp           100 
_diffrn.ambient_temp_details   ? 
_diffrn.crystal_id             1 
# 
_diffrn_detector.diffrn_id              1 
_diffrn_detector.detector               'IMAGE PLATE' 
_diffrn_detector.type                   'RIGAKU RAXIS IV' 
_diffrn_detector.pdbx_collection_date   2005-06-13 
_diffrn_detector.details                ? 
# 
_diffrn_radiation.diffrn_id                        1 
_diffrn_radiation.wavelength_id                    1 
_diffrn_radiation.pdbx_monochromatic_or_laue_m_l   M 
_diffrn_radiation.monochromator                    ? 
_diffrn_radiation.pdbx_diffrn_protocol             'SINGLE WAVELENGTH' 
_diffrn_radiation.pdbx_scattering_type             x-ray 
# 
_diffrn_radiation_wavelength.id           1 
_diffrn_radiation_wavelength.wavelength   1.5418 
_diffrn_radiation_wavelength.wt           1.0 
# 
_diffrn_source.diffrn_id                   1 
_diffrn_source.source                      'ROTATING ANODE' 
_diffrn_source.type                        'RIGAKU FR-E+ SUPERBRIGHT' 
_diffrn_source.pdbx_synchrotron_site       ? 
_diffrn_source.pdbx_synchrotron_beamline   ? 
_diffrn_source.pdbx_wavelength             ? 
_diffrn_source.pdbx_wavelength_list        1.5418 
# 
_reflns.entry_id                     2Z0K 
_reflns.observed_criterion_sigma_I   ? 
_reflns.observed_criterion_sigma_F   -3.0 
_reflns.d_resolution_low             43.03 
_reflns.d_resolution_high            2.19 
_reflns.number_obs                   6636 
_reflns.number_all                   ? 
_reflns.percent_possible_obs         93.8 
_reflns.pdbx_Rmerge_I_obs            ? 
_reflns.pdbx_Rsym_value              0.050 
_reflns.pdbx_netI_over_sigmaI        32.3 
_reflns.B_iso_Wilson_estimate        12.8 
_reflns.pdbx_redundancy              6.4 
_reflns.R_free_details               ? 
_reflns.limit_h_max                  ? 
_reflns.limit_h_min                  ? 
_reflns.limit_k_max                  ? 
_reflns.limit_k_min                  ? 
_reflns.limit_l_max                  ? 
_reflns.limit_l_min                  ? 
_reflns.observed_criterion_F_max     ? 
_reflns.observed_criterion_F_min     ? 
_reflns.pdbx_chi_squared             ? 
_reflns.pdbx_scaling_rejects         ? 
_reflns.pdbx_ordinal                 1 
_reflns.pdbx_diffrn_id               1 
# 
_reflns_shell.d_res_high             2.20 
_reflns_shell.d_res_low              2.28 
_reflns_shell.percent_possible_all   77.5 
_reflns_shell.Rmerge_I_obs           ? 
_reflns_shell.pdbx_Rsym_value        0.133 
_reflns_shell.meanI_over_sigI_obs    ? 
_reflns_shell.pdbx_redundancy        ? 
_reflns_shell.percent_possible_obs   ? 
_reflns_shell.number_unique_all      ? 
_reflns_shell.number_measured_all    ? 
_reflns_shell.number_measured_obs    ? 
_reflns_shell.number_unique_obs      ? 
_reflns_shell.pdbx_chi_squared       ? 
_reflns_shell.pdbx_ordinal           1 
_reflns_shell.pdbx_diffrn_id         1 
# 
_refine.entry_id                                 2Z0K 
_refine.ls_number_reflns_obs                     6587 
_refine.ls_number_reflns_all                     ? 
_refine.pdbx_ls_sigma_I                          ? 
_refine.pdbx_ls_sigma_F                          0.0 
_refine.pdbx_data_cutoff_high_absF               1037818.30 
_refine.pdbx_data_cutoff_low_absF                0.000000 
_refine.pdbx_data_cutoff_high_rms_absF           ? 
_refine.ls_d_res_low                             31.67 
_refine.ls_d_res_high                            2.20 
_refine.ls_percent_reflns_obs                    94.2 
_refine.ls_R_factor_obs                          0.179 
_refine.ls_R_factor_all                          ? 
_refine.ls_R_factor_R_work                       0.179 
_refine.ls_R_factor_R_free                       0.254 
_refine.ls_R_factor_R_free_error                 0.009 
_refine.ls_R_factor_R_free_error_details         ? 
_refine.ls_percent_reflns_R_free                 10.9 
_refine.ls_number_reflns_R_free                  721 
_refine.ls_number_parameters                     ? 
_refine.ls_number_restraints                     ? 
_refine.occupancy_min                            ? 
_refine.occupancy_max                            ? 
_refine.correlation_coeff_Fo_to_Fc               ? 
_refine.correlation_coeff_Fo_to_Fc_free          ? 
_refine.B_iso_mean                               19.3 
_refine.aniso_B[1][1]                            -3.17 
_refine.aniso_B[2][2]                            -4.40 
_refine.aniso_B[3][3]                            7.57 
_refine.aniso_B[1][2]                            0.00 
_refine.aniso_B[1][3]                            0.00 
_refine.aniso_B[2][3]                            0.00 
_refine.solvent_model_details                    'FLAT MODEL' 
_refine.solvent_model_param_ksol                 0.316586 
_refine.solvent_model_param_bsol                 40.8232 
_refine.pdbx_solvent_vdw_probe_radii             ? 
_refine.pdbx_solvent_ion_probe_radii             ? 
_refine.pdbx_solvent_shrinkage_radii             ? 
_refine.pdbx_ls_cross_valid_method               THROUGHOUT 
_refine.details                                  ? 
_refine.pdbx_starting_model                      'PDB ENTRY 2CX5' 
_refine.pdbx_method_to_determine_struct          'MOLECULAR REPLACEMENT' 
_refine.pdbx_isotropic_thermal_model             RESTRAINED 
_refine.pdbx_stereochemistry_target_values       ? 
_refine.pdbx_stereochem_target_val_spec_case     ? 
_refine.pdbx_R_Free_selection_details            RANDOM 
_refine.pdbx_overall_ESU_R                       ? 
_refine.pdbx_overall_ESU_R_Free                  ? 
_refine.overall_SU_ML                            ? 
_refine.overall_SU_B                             ? 
_refine.ls_redundancy_reflns_obs                 ? 
_refine.B_iso_min                                ? 
_refine.B_iso_max                                ? 
_refine.overall_SU_R_Cruickshank_DPI             ? 
_refine.overall_SU_R_free                        ? 
_refine.ls_wR_factor_R_free                      ? 
_refine.ls_wR_factor_R_work                      ? 
_refine.overall_FOM_free_R_set                   ? 
_refine.overall_FOM_work_R_set                   ? 
_refine.pdbx_refine_id                           'X-RAY DIFFRACTION' 
_refine.pdbx_diffrn_id                           1 
_refine.pdbx_TLS_residual_ADP_flag               ? 
_refine.pdbx_overall_phase_error                 ? 
_refine.pdbx_overall_SU_R_free_Cruickshank_DPI   ? 
_refine.pdbx_overall_SU_R_Blow_DPI               ? 
_refine.pdbx_overall_SU_R_free_Blow_DPI          ? 
# 
_refine_analyze.entry_id                        2Z0K 
_refine_analyze.Luzzati_coordinate_error_obs    0.21 
_refine_analyze.Luzzati_sigma_a_obs             0.10 
_refine_analyze.Luzzati_d_res_low_obs           5.00 
_refine_analyze.Luzzati_coordinate_error_free   0.30 
_refine_analyze.Luzzati_sigma_a_free            0.20 
_refine_analyze.Luzzati_d_res_low_free          ? 
_refine_analyze.number_disordered_residues      ? 
_refine_analyze.occupancy_sum_hydrogen          ? 
_refine_analyze.occupancy_sum_non_hydrogen      ? 
_refine_analyze.pdbx_Luzzati_d_res_high_obs     ? 
_refine_analyze.pdbx_refine_id                  'X-RAY DIFFRACTION' 
# 
_refine_hist.pdbx_refine_id                   'X-RAY DIFFRACTION' 
_refine_hist.cycle_id                         LAST 
_refine_hist.pdbx_number_atoms_protein        1155 
_refine_hist.pdbx_number_atoms_nucleic_acid   0 
_refine_hist.pdbx_number_atoms_ligand         28 
_refine_hist.number_atoms_solvent             131 
_refine_hist.number_atoms_total               1314 
_refine_hist.d_res_high                       2.20 
_refine_hist.d_res_low                        31.67 
# 
loop_
_refine_ls_restr.type 
_refine_ls_restr.dev_ideal 
_refine_ls_restr.dev_ideal_target 
_refine_ls_restr.weight 
_refine_ls_restr.number 
_refine_ls_restr.pdbx_refine_id 
_refine_ls_restr.pdbx_restraint_function 
c_bond_d                0.005 ?    ? ? 'X-RAY DIFFRACTION' ? 
c_bond_d_na             ?     ?    ? ? 'X-RAY DIFFRACTION' ? 
c_bond_d_prot           ?     ?    ? ? 'X-RAY DIFFRACTION' ? 
c_angle_d               ?     ?    ? ? 'X-RAY DIFFRACTION' ? 
c_angle_d_na            ?     ?    ? ? 'X-RAY DIFFRACTION' ? 
c_angle_d_prot          ?     ?    ? ? 'X-RAY DIFFRACTION' ? 
c_angle_deg             1.3   ?    ? ? 'X-RAY DIFFRACTION' ? 
c_angle_deg_na          ?     ?    ? ? 'X-RAY DIFFRACTION' ? 
c_angle_deg_prot        ?     ?    ? ? 'X-RAY DIFFRACTION' ? 
c_dihedral_angle_d      23.4  ?    ? ? 'X-RAY DIFFRACTION' ? 
c_dihedral_angle_d_na   ?     ?    ? ? 'X-RAY DIFFRACTION' ? 
c_dihedral_angle_d_prot ?     ?    ? ? 'X-RAY DIFFRACTION' ? 
c_improper_angle_d      0.86  ?    ? ? 'X-RAY DIFFRACTION' ? 
c_improper_angle_d_na   ?     ?    ? ? 'X-RAY DIFFRACTION' ? 
c_improper_angle_d_prot ?     ?    ? ? 'X-RAY DIFFRACTION' ? 
c_mcbond_it             1.22  1.50 ? ? 'X-RAY DIFFRACTION' ? 
c_mcangle_it            1.82  2.00 ? ? 'X-RAY DIFFRACTION' ? 
c_scbond_it             1.95  2.00 ? ? 'X-RAY DIFFRACTION' ? 
c_scangle_it            2.70  2.50 ? ? 'X-RAY DIFFRACTION' ? 
# 
_refine_ls_shell.pdbx_total_number_of_bins_used   6 
_refine_ls_shell.d_res_high                       2.20 
_refine_ls_shell.d_res_low                        2.34 
_refine_ls_shell.number_reflns_R_work             884 
_refine_ls_shell.R_factor_R_work                  0.172 
_refine_ls_shell.percent_reflns_obs               86.7 
_refine_ls_shell.R_factor_R_free                  0.259 
_refine_ls_shell.R_factor_R_free_error            0.027 
_refine_ls_shell.percent_reflns_R_free            9.1 
_refine_ls_shell.number_reflns_R_free             89 
_refine_ls_shell.number_reflns_all                ? 
_refine_ls_shell.R_factor_all                     ? 
_refine_ls_shell.number_reflns_obs                ? 
_refine_ls_shell.redundancy_reflns_obs            ? 
_refine_ls_shell.pdbx_refine_id                   'X-RAY DIFFRACTION' 
# 
loop_
_pdbx_xplor_file.serial_no 
_pdbx_xplor_file.param_file 
_pdbx_xplor_file.topol_file 
_pdbx_xplor_file.pdbx_refine_id 
1 protein_rep.param protein.top   'X-RAY DIFFRACTION' 
2 alasa2.param      alasa2.top    'X-RAY DIFFRACTION' 
3 water_rep.param   water_rep.top 'X-RAY DIFFRACTION' 
# 
_struct.entry_id                  2Z0K 
_struct.title                     'Crystal structure of ProX-AlaSA complex from T. thermophilus' 
_struct.pdbx_model_details        ? 
_struct.pdbx_CASP_flag            ? 
_struct.pdbx_model_type_details   ? 
# 
_struct_keywords.entry_id        2Z0K 
_struct_keywords.pdbx_keywords   TRANSLATION 
_struct_keywords.text            
;Protein-AlaSA complex, trans-editing domain, prolyl-tRNA synthetase, TRANSLATION, Structural Genomics, NPPSFA, National Project on Protein Structural and Functional Analyses, RIKEN Structural Genomics/Proteomics Initiative, RSGI
;
# 
loop_
_struct_asym.id 
_struct_asym.pdbx_blank_PDB_chainid_flag 
_struct_asym.pdbx_modified 
_struct_asym.entity_id 
_struct_asym.details 
A N N 1 ? 
B N N 2 ? 
C N N 3 ? 
# 
_struct_biol.id   1 
# 
loop_
_struct_conf.conf_type_id 
_struct_conf.id 
_struct_conf.pdbx_PDB_helix_id 
_struct_conf.beg_label_comp_id 
_struct_conf.beg_label_asym_id 
_struct_conf.beg_label_seq_id 
_struct_conf.pdbx_beg_PDB_ins_code 
_struct_conf.end_label_comp_id 
_struct_conf.end_label_asym_id 
_struct_conf.end_label_seq_id 
_struct_conf.pdbx_end_PDB_ins_code 
_struct_conf.beg_auth_comp_id 
_struct_conf.beg_auth_asym_id 
_struct_conf.beg_auth_seq_id 
_struct_conf.end_auth_comp_id 
_struct_conf.end_auth_asym_id 
_struct_conf.end_auth_seq_id 
_struct_conf.pdbx_PDB_helix_class 
_struct_conf.details 
_struct_conf.pdbx_PDB_helix_length 
HELX_P HELX_P1 1 SER A 4   ? GLY A 18  ? SER A 4   GLY A 18  1 ? 15 
HELX_P HELX_P2 2 THR A 33  ? GLY A 42  ? THR A 33  GLY A 42  1 ? 10 
HELX_P HELX_P3 3 GLU A 44  ? GLY A 46  ? GLU A 44  GLY A 46  5 ? 3  
HELX_P HELX_P4 4 ASP A 72  ? GLY A 81  ? ASP A 72  GLY A 81  1 ? 10 
HELX_P HELX_P5 5 THR A 88  ? GLY A 97  ? THR A 88  GLY A 97  1 ? 10 
HELX_P HELX_P6 6 ASP A 119 ? TYR A 123 ? ASP A 119 TYR A 123 5 ? 5  
HELX_P HELX_P7 7 THR A 140 ? GLY A 149 ? THR A 140 GLY A 149 1 ? 10 
# 
_struct_conf_type.id          HELX_P 
_struct_conf_type.criteria    ? 
_struct_conf_type.reference   ? 
# 
loop_
_struct_sheet.id 
_struct_sheet.type 
_struct_sheet.number_strands 
_struct_sheet.details 
A ? 5 ? 
B ? 7 ? 
# 
loop_
_struct_sheet_order.sheet_id 
_struct_sheet_order.range_id_1 
_struct_sheet_order.range_id_2 
_struct_sheet_order.offset 
_struct_sheet_order.sense 
A 1 2 ? anti-parallel 
A 2 3 ? anti-parallel 
A 3 4 ? parallel      
A 4 5 ? anti-parallel 
B 1 2 ? anti-parallel 
B 2 3 ? anti-parallel 
B 3 4 ? parallel      
B 4 5 ? anti-parallel 
B 5 6 ? parallel      
B 6 7 ? parallel      
# 
loop_
_struct_sheet_range.sheet_id 
_struct_sheet_range.id 
_struct_sheet_range.beg_label_comp_id 
_struct_sheet_range.beg_label_asym_id 
_struct_sheet_range.beg_label_seq_id 
_struct_sheet_range.pdbx_beg_PDB_ins_code 
_struct_sheet_range.end_label_comp_id 
_struct_sheet_range.end_label_asym_id 
_struct_sheet_range.end_label_seq_id 
_struct_sheet_range.pdbx_end_PDB_ins_code 
_struct_sheet_range.beg_auth_comp_id 
_struct_sheet_range.beg_auth_asym_id 
_struct_sheet_range.beg_auth_seq_id 
_struct_sheet_range.end_auth_comp_id 
_struct_sheet_range.end_auth_asym_id 
_struct_sheet_range.end_auth_seq_id 
A 1 VAL A 24  ? GLU A 26  ? VAL A 24  GLU A 26  
A 2 ALA A 135 ? ALA A 139 ? ALA A 135 ALA A 139 
A 3 VAL A 126 ? ALA A 129 ? VAL A 126 ALA A 129 
A 4 ILE A 48  ? GLY A 56  ? ILE A 48  GLY A 56  
A 5 LEU A 84  ? GLN A 86  ? LEU A 84  GLN A 86  
B 1 VAL A 24  ? GLU A 26  ? VAL A 24  GLU A 26  
B 2 ALA A 135 ? ALA A 139 ? ALA A 135 ALA A 139 
B 3 VAL A 126 ? ALA A 129 ? VAL A 126 ALA A 129 
B 4 ILE A 48  ? GLY A 56  ? ILE A 48  GLY A 56  
B 5 ALA A 60  ? SER A 66  ? ALA A 60  SER A 66  
B 6 ALA A 114 ? ASP A 117 ? ALA A 114 ASP A 117 
B 7 GLN A 151 ? ALA A 153 ? GLN A 151 ALA A 153 
# 
loop_
_pdbx_struct_sheet_hbond.sheet_id 
_pdbx_struct_sheet_hbond.range_id_1 
_pdbx_struct_sheet_hbond.range_id_2 
_pdbx_struct_sheet_hbond.range_1_label_atom_id 
_pdbx_struct_sheet_hbond.range_1_label_comp_id 
_pdbx_struct_sheet_hbond.range_1_label_asym_id 
_pdbx_struct_sheet_hbond.range_1_label_seq_id 
_pdbx_struct_sheet_hbond.range_1_PDB_ins_code 
_pdbx_struct_sheet_hbond.range_1_auth_atom_id 
_pdbx_struct_sheet_hbond.range_1_auth_comp_id 
_pdbx_struct_sheet_hbond.range_1_auth_asym_id 
_pdbx_struct_sheet_hbond.range_1_auth_seq_id 
_pdbx_struct_sheet_hbond.range_2_label_atom_id 
_pdbx_struct_sheet_hbond.range_2_label_comp_id 
_pdbx_struct_sheet_hbond.range_2_label_asym_id 
_pdbx_struct_sheet_hbond.range_2_label_seq_id 
_pdbx_struct_sheet_hbond.range_2_PDB_ins_code 
_pdbx_struct_sheet_hbond.range_2_auth_atom_id 
_pdbx_struct_sheet_hbond.range_2_auth_comp_id 
_pdbx_struct_sheet_hbond.range_2_auth_asym_id 
_pdbx_struct_sheet_hbond.range_2_auth_seq_id 
A 1 2 N VAL A 25  ? N VAL A 25  O LEU A 136 ? O LEU A 136 
A 2 3 O ALA A 139 ? O ALA A 139 N VAL A 126 ? N VAL A 126 
A 3 4 O TRP A 127 ? O TRP A 127 N VAL A 49  ? N VAL A 49  
A 4 5 N VAL A 55  ? N VAL A 55  O ARG A 85  ? O ARG A 85  
B 1 2 N VAL A 25  ? N VAL A 25  O LEU A 136 ? O LEU A 136 
B 2 3 O ALA A 139 ? O ALA A 139 N VAL A 126 ? N VAL A 126 
B 3 4 O TRP A 127 ? O TRP A 127 N VAL A 49  ? N VAL A 49  
B 4 5 N LEU A 52  ? N LEU A 52  O PHE A 63  ? O PHE A 63  
B 5 6 N LEU A 64  ? N LEU A 64  O ASP A 117 ? O ASP A 117 
B 6 7 N LEU A 116 ? N LEU A 116 O ALA A 153 ? O ALA A 153 
# 
_struct_site.id                   AC1 
_struct_site.pdbx_evidence_code   Software 
_struct_site.pdbx_auth_asym_id    A 
_struct_site.pdbx_auth_comp_id    A5A 
_struct_site.pdbx_auth_seq_id     600 
_struct_site.pdbx_auth_ins_code   ? 
_struct_site.pdbx_num_residues    18 
_struct_site.details              'BINDING SITE FOR RESIDUE A5A A 600' 
# 
loop_
_struct_site_gen.id 
_struct_site_gen.site_id 
_struct_site_gen.pdbx_num_res 
_struct_site_gen.label_comp_id 
_struct_site_gen.label_asym_id 
_struct_site_gen.label_seq_id 
_struct_site_gen.pdbx_auth_ins_code 
_struct_site_gen.auth_comp_id 
_struct_site_gen.auth_asym_id 
_struct_site_gen.auth_seq_id 
_struct_site_gen.label_atom_id 
_struct_site_gen.label_alt_id 
_struct_site_gen.symmetry 
_struct_site_gen.details 
1  AC1 18 THR A 31  ? THR A 31  . ? 1_555 ? 
2  AC1 18 ARG A 32  ? ARG A 32  . ? 1_555 ? 
3  AC1 18 LYS A 50  ? LYS A 50  . ? 1_555 ? 
4  AC1 18 LEU A 52  ? LEU A 52  . ? 1_555 ? 
5  AC1 18 ARG A 78  ? ARG A 78  . ? 1_455 ? 
6  AC1 18 GLN A 86  ? GLN A 86  . ? 1_555 ? 
7  AC1 18 ALA A 87  ? ALA A 87  . ? 1_555 ? 
8  AC1 18 PRO A 89  ? PRO A 89  . ? 1_555 ? 
9  AC1 18 GLY A 101 ? GLY A 101 . ? 1_555 ? 
10 AC1 18 GLY A 102 ? GLY A 102 . ? 1_555 ? 
11 AC1 18 GLU A 157 ? GLU A 157 . ? 4_466 ? 
12 AC1 18 GLY A 158 ? GLY A 158 . ? 4_466 ? 
13 AC1 18 HOH C .   ? HOH A 602 . ? 1_555 ? 
14 AC1 18 HOH C .   ? HOH A 610 . ? 1_555 ? 
15 AC1 18 HOH C .   ? HOH A 620 . ? 1_555 ? 
16 AC1 18 HOH C .   ? HOH A 657 . ? 1_555 ? 
17 AC1 18 HOH C .   ? HOH A 676 . ? 1_555 ? 
18 AC1 18 HOH C .   ? HOH A 690 . ? 1_555 ? 
# 
_atom_sites.entry_id                    2Z0K 
_atom_sites.fract_transf_matrix[1][1]   0.00859774 
_atom_sites.fract_transf_matrix[1][2]   0.02723562 
_atom_sites.fract_transf_matrix[1][3]   0.01403125 
_atom_sites.fract_transf_matrix[2][1]   -0.00268834 
_atom_sites.fract_transf_matrix[2][2]   0.00964474 
_atom_sites.fract_transf_matrix[2][3]   -0.01707380 
_atom_sites.fract_transf_matrix[3][1]   -0.01172695 
_atom_sites.fract_transf_matrix[3][2]   0.00213065 
_atom_sites.fract_transf_matrix[3][3]   0.00305003 
_atom_sites.fract_transf_vector[1]      1.281362 
_atom_sites.fract_transf_vector[2]      0.837720 
_atom_sites.fract_transf_vector[3]      0.328167 
# 
loop_
_atom_type.symbol 
C 
N 
O 
S 
# 
loop_
_atom_site.group_PDB 
_atom_site.id 
_atom_site.type_symbol 
_atom_site.label_atom_id 
_atom_site.label_alt_id 
_atom_site.label_comp_id 
_atom_site.label_asym_id 
_atom_site.label_entity_id 
_atom_site.label_seq_id 
_atom_site.pdbx_PDB_ins_code 
_atom_site.Cartn_x 
_atom_site.Cartn_y 
_atom_site.Cartn_z 
_atom_site.occupancy 
_atom_site.B_iso_or_equiv 
_atom_site.pdbx_formal_charge 
_atom_site.auth_seq_id 
_atom_site.auth_comp_id 
_atom_site.auth_asym_id 
_atom_site.auth_atom_id 
_atom_site.pdbx_PDB_model_num 
ATOM   1    N N     . LEU A 1 3   ? 6.523   -16.891 -8.556  1.00 23.02 ? 3   LEU A N     1 
ATOM   2    C CA    . LEU A 1 3   ? 5.574   -15.779 -8.243  1.00 21.25 ? 3   LEU A CA    1 
ATOM   3    C C     . LEU A 1 3   ? 4.586   -15.567 -9.374  1.00 19.04 ? 3   LEU A C     1 
ATOM   4    O O     . LEU A 1 3   ? 4.971   -15.583 -10.539 1.00 19.78 ? 3   LEU A O     1 
ATOM   5    C CB    . LEU A 1 3   ? 6.342   -14.476 -8.002  1.00 22.35 ? 3   LEU A CB    1 
ATOM   6    C CG    . LEU A 1 3   ? 7.038   -14.281 -6.653  1.00 23.19 ? 3   LEU A CG    1 
ATOM   7    C CD1   . LEU A 1 3   ? 7.920   -13.041 -6.718  1.00 25.11 ? 3   LEU A CD1   1 
ATOM   8    C CD2   . LEU A 1 3   ? 5.999   -14.139 -5.540  1.00 21.73 ? 3   LEU A CD2   1 
ATOM   9    N N     . SER A 1 4   ? 3.312   -15.368 -9.032  1.00 17.77 ? 4   SER A N     1 
ATOM   10   C CA    . SER A 1 4   ? 2.295   -15.136 -10.049 1.00 17.88 ? 4   SER A CA    1 
ATOM   11   C C     . SER A 1 4   ? 2.659   -13.829 -10.750 1.00 17.08 ? 4   SER A C     1 
ATOM   12   O O     . SER A 1 4   ? 3.457   -13.049 -10.232 1.00 15.82 ? 4   SER A O     1 
ATOM   13   C CB    . SER A 1 4   ? 0.899   -15.027 -9.418  1.00 19.59 ? 4   SER A CB    1 
ATOM   14   O OG    . SER A 1 4   ? 0.727   -13.794 -8.745  1.00 16.81 ? 4   SER A OG    1 
ATOM   15   N N     . PRO A 1 5   ? 2.074   -13.572 -11.930 1.00 16.68 ? 5   PRO A N     1 
ATOM   16   C CA    . PRO A 1 5   ? 2.344   -12.359 -12.710 1.00 17.50 ? 5   PRO A CA    1 
ATOM   17   C C     . PRO A 1 5   ? 2.324   -11.056 -11.916 1.00 17.02 ? 5   PRO A C     1 
ATOM   18   O O     . PRO A 1 5   ? 3.334   -10.353 -11.839 1.00 17.68 ? 5   PRO A O     1 
ATOM   19   C CB    . PRO A 1 5   ? 1.267   -12.402 -13.789 1.00 18.48 ? 5   PRO A CB    1 
ATOM   20   C CG    . PRO A 1 5   ? 1.083   -13.882 -14.003 1.00 17.78 ? 5   PRO A CG    1 
ATOM   21   C CD    . PRO A 1 5   ? 1.027   -14.379 -12.580 1.00 16.85 ? 5   PRO A CD    1 
ATOM   22   N N     . SER A 1 6   ? 1.172   -10.729 -11.341 1.00 14.08 ? 6   SER A N     1 
ATOM   23   C CA    . SER A 1 6   ? 1.051   -9.509  -10.559 1.00 14.81 ? 6   SER A CA    1 
ATOM   24   C C     . SER A 1 6   ? 2.115   -9.430  -9.467  1.00 13.68 ? 6   SER A C     1 
ATOM   25   O O     . SER A 1 6   ? 2.677   -8.367  -9.213  1.00 13.54 ? 6   SER A O     1 
ATOM   26   C CB    . SER A 1 6   ? -0.349  -9.412  -9.944  1.00 15.39 ? 6   SER A CB    1 
ATOM   27   O OG    . SER A 1 6   ? -1.316  -9.141  -10.946 1.00 13.79 ? 6   SER A OG    1 
ATOM   28   N N     . ALA A 1 7   ? 2.400   -10.556 -8.821  1.00 12.75 ? 7   ALA A N     1 
ATOM   29   C CA    . ALA A 1 7   ? 3.408   -10.567 -7.771  1.00 13.23 ? 7   ALA A CA    1 
ATOM   30   C C     . ALA A 1 7   ? 4.776   -10.297 -8.400  1.00 14.73 ? 7   ALA A C     1 
ATOM   31   O O     . ALA A 1 7   ? 5.603   -9.571  -7.847  1.00 15.10 ? 7   ALA A O     1 
ATOM   32   C CB    . ALA A 1 7   ? 3.402   -11.906 -7.062  1.00 11.36 ? 7   ALA A CB    1 
ATOM   33   N N     . ARG A 1 8   ? 4.995   -10.881 -9.571  1.00 14.89 ? 8   ARG A N     1 
ATOM   34   C CA    . ARG A 1 8   ? 6.244   -10.708 -10.300 1.00 16.49 ? 8   ARG A CA    1 
ATOM   35   C C     . ARG A 1 8   ? 6.389   -9.254  -10.729 1.00 16.10 ? 8   ARG A C     1 
ATOM   36   O O     . ARG A 1 8   ? 7.478   -8.690  -10.689 1.00 14.61 ? 8   ARG A O     1 
ATOM   37   C CB    . ARG A 1 8   ? 6.245   -11.609 -11.534 1.00 19.98 ? 8   ARG A CB    1 
ATOM   38   C CG    . ARG A 1 8   ? 7.482   -11.482 -12.403 1.00 24.76 ? 8   ARG A CG    1 
ATOM   39   C CD    . ARG A 1 8   ? 7.253   -12.204 -13.715 1.00 28.57 ? 8   ARG A CD    1 
ATOM   40   N NE    . ARG A 1 8   ? 6.879   -13.595 -13.489 1.00 30.09 ? 8   ARG A NE    1 
ATOM   41   C CZ    . ARG A 1 8   ? 6.065   -14.288 -14.279 1.00 30.96 ? 8   ARG A CZ    1 
ATOM   42   N NH1   . ARG A 1 8   ? 5.533   -13.721 -15.354 1.00 28.10 ? 8   ARG A NH1   1 
ATOM   43   N NH2   . ARG A 1 8   ? 5.785   -15.552 -13.991 1.00 32.09 ? 8   ARG A NH2   1 
ATOM   44   N N     . ARG A 1 9   ? 5.280   -8.653  -11.150 1.00 16.52 ? 9   ARG A N     1 
ATOM   45   C CA    . ARG A 1 9   ? 5.283   -7.256  -11.570 1.00 16.65 ? 9   ARG A CA    1 
ATOM   46   C C     . ARG A 1 9   ? 5.772   -6.374  -10.419 1.00 17.13 ? 9   ARG A C     1 
ATOM   47   O O     . ARG A 1 9   ? 6.534   -5.432  -10.630 1.00 17.29 ? 9   ARG A O     1 
ATOM   48   C CB    . ARG A 1 9   ? 3.873   -6.835  -11.998 1.00 18.23 ? 9   ARG A CB    1 
ATOM   49   C CG    . ARG A 1 9   ? 3.698   -5.341  -12.196 1.00 18.93 ? 9   ARG A CG    1 
ATOM   50   C CD    . ARG A 1 9   ? 2.458   -5.027  -13.018 1.00 21.12 ? 9   ARG A CD    1 
ATOM   51   N NE    . ARG A 1 9   ? 2.202   -3.592  -13.086 1.00 21.28 ? 9   ARG A NE    1 
ATOM   52   C CZ    . ARG A 1 9   ? 1.362   -3.013  -13.938 1.00 19.33 ? 9   ARG A CZ    1 
ATOM   53   N NH1   . ARG A 1 9   ? 0.685   -3.742  -14.814 1.00 19.58 ? 9   ARG A NH1   1 
ATOM   54   N NH2   . ARG A 1 9   ? 1.199   -1.696  -13.913 1.00 19.61 ? 9   ARG A NH2   1 
ATOM   55   N N     . VAL A 1 10  ? 5.340   -6.688  -9.201  1.00 16.30 ? 10  VAL A N     1 
ATOM   56   C CA    . VAL A 1 10  ? 5.758   -5.910  -8.044  1.00 14.85 ? 10  VAL A CA    1 
ATOM   57   C C     . VAL A 1 10  ? 7.230   -6.152  -7.756  1.00 15.40 ? 10  VAL A C     1 
ATOM   58   O O     . VAL A 1 10  ? 7.965   -5.213  -7.464  1.00 16.48 ? 10  VAL A O     1 
ATOM   59   C CB    . VAL A 1 10  ? 4.936   -6.254  -6.784  1.00 12.84 ? 10  VAL A CB    1 
ATOM   60   C CG1   . VAL A 1 10  ? 5.571   -5.610  -5.552  1.00 9.87  ? 10  VAL A CG1   1 
ATOM   61   C CG2   . VAL A 1 10  ? 3.503   -5.745  -6.950  1.00 12.19 ? 10  VAL A CG2   1 
ATOM   62   N N     . GLN A 1 11  ? 7.659   -7.407  -7.835  1.00 15.89 ? 11  GLN A N     1 
ATOM   63   C CA    . GLN A 1 11  ? 9.061   -7.730  -7.593  1.00 17.17 ? 11  GLN A CA    1 
ATOM   64   C C     . GLN A 1 11  ? 9.903   -6.944  -8.586  1.00 16.28 ? 11  GLN A C     1 
ATOM   65   O O     . GLN A 1 11  ? 10.925  -6.359  -8.228  1.00 16.33 ? 11  GLN A O     1 
ATOM   66   C CB    . GLN A 1 11  ? 9.321   -9.225  -7.784  1.00 16.78 ? 11  GLN A CB    1 
ATOM   67   C CG    . GLN A 1 11  ? 10.757  -9.656  -7.469  1.00 17.02 ? 11  GLN A CG    1 
ATOM   68   C CD    . GLN A 1 11  ? 11.185  -9.306  -6.055  1.00 19.42 ? 11  GLN A CD    1 
ATOM   69   O OE1   . GLN A 1 11  ? 11.921  -8.338  -5.830  1.00 21.01 ? 11  GLN A OE1   1 
ATOM   70   N NE2   . GLN A 1 11  ? 10.717  -10.090 -5.090  1.00 21.41 ? 11  GLN A NE2   1 
ATOM   71   N N     . GLY A 1 12  ? 9.452   -6.938  -9.837  1.00 16.23 ? 12  GLY A N     1 
ATOM   72   C CA    . GLY A 1 12  ? 10.150  -6.217  -10.883 1.00 16.24 ? 12  GLY A CA    1 
ATOM   73   C C     . GLY A 1 12  ? 10.268  -4.742  -10.562 1.00 16.40 ? 12  GLY A C     1 
ATOM   74   O O     . GLY A 1 12  ? 11.314  -4.138  -10.784 1.00 15.56 ? 12  GLY A O     1 
ATOM   75   N N     . ALA A 1 13  ? 9.199   -4.157  -10.032 1.00 15.43 ? 13  ALA A N     1 
ATOM   76   C CA    . ALA A 1 13  ? 9.215   -2.741  -9.687  1.00 15.65 ? 13  ALA A CA    1 
ATOM   77   C C     . ALA A 1 13  ? 10.214  -2.484  -8.560  1.00 15.64 ? 13  ALA A C     1 
ATOM   78   O O     . ALA A 1 13  ? 10.928  -1.483  -8.566  1.00 14.69 ? 13  ALA A O     1 
ATOM   79   C CB    . ALA A 1 13  ? 7.821   -2.282  -9.278  1.00 16.07 ? 13  ALA A CB    1 
ATOM   80   N N     . LEU A 1 14  ? 10.269  -3.390  -7.590  1.00 15.94 ? 14  LEU A N     1 
ATOM   81   C CA    . LEU A 1 14  ? 11.209  -3.223  -6.489  1.00 16.77 ? 14  LEU A CA    1 
ATOM   82   C C     . LEU A 1 14  ? 12.629  -3.258  -7.053  1.00 19.60 ? 14  LEU A C     1 
ATOM   83   O O     . LEU A 1 14  ? 13.499  -2.484  -6.643  1.00 19.99 ? 14  LEU A O     1 
ATOM   84   C CB    . LEU A 1 14  ? 11.031  -4.344  -5.465  1.00 16.65 ? 14  LEU A CB    1 
ATOM   85   C CG    . LEU A 1 14  ? 9.713   -4.393  -4.691  1.00 12.85 ? 14  LEU A CG    1 
ATOM   86   C CD1   . LEU A 1 14  ? 9.647   -5.678  -3.893  1.00 12.54 ? 14  LEU A CD1   1 
ATOM   87   C CD2   . LEU A 1 14  ? 9.611   -3.184  -3.771  1.00 15.43 ? 14  LEU A CD2   1 
ATOM   88   N N     . GLU A 1 15  ? 12.854  -4.157  -8.004  1.00 21.42 ? 15  GLU A N     1 
ATOM   89   C CA    . GLU A 1 15  ? 14.163  -4.296  -8.625  1.00 24.97 ? 15  GLU A CA    1 
ATOM   90   C C     . GLU A 1 15  ? 14.547  -3.047  -9.417  1.00 24.70 ? 15  GLU A C     1 
ATOM   91   O O     . GLU A 1 15  ? 15.627  -2.494  -9.225  1.00 23.07 ? 15  GLU A O     1 
ATOM   92   C CB    . GLU A 1 15  ? 14.177  -5.528  -9.535  1.00 26.93 ? 15  GLU A CB    1 
ATOM   93   C CG    . GLU A 1 15  ? 14.203  -6.847  -8.777  1.00 31.16 ? 15  GLU A CG    1 
ATOM   94   C CD    . GLU A 1 15  ? 13.901  -8.042  -9.663  1.00 35.22 ? 15  GLU A CD    1 
ATOM   95   O OE1   . GLU A 1 15  ? 14.436  -8.105  -10.791 1.00 38.66 ? 15  GLU A OE1   1 
ATOM   96   O OE2   . GLU A 1 15  ? 13.135  -8.925  -9.229  1.00 36.06 ? 15  GLU A OE2   1 
ATOM   97   N N     . THR A 1 16  ? 13.655  -2.601  -10.295 1.00 25.30 ? 16  THR A N     1 
ATOM   98   C CA    . THR A 1 16  ? 13.914  -1.416  -11.111 1.00 26.29 ? 16  THR A CA    1 
ATOM   99   C C     . THR A 1 16  ? 14.201  -0.170  -10.266 1.00 25.98 ? 16  THR A C     1 
ATOM   100  O O     . THR A 1 16  ? 14.934  0.720   -10.690 1.00 25.70 ? 16  THR A O     1 
ATOM   101  C CB    . THR A 1 16  ? 12.717  -1.117  -12.038 1.00 27.16 ? 16  THR A CB    1 
ATOM   102  O OG1   . THR A 1 16  ? 12.453  -2.260  -12.859 1.00 27.81 ? 16  THR A OG1   1 
ATOM   103  C CG2   . THR A 1 16  ? 13.015  0.078   -12.929 1.00 26.87 ? 16  THR A CG2   1 
ATOM   104  N N     . ARG A 1 17  ? 13.618  -0.113  -9.072  1.00 26.71 ? 17  ARG A N     1 
ATOM   105  C CA    . ARG A 1 17  ? 13.801  1.021   -8.168  1.00 26.69 ? 17  ARG A CA    1 
ATOM   106  C C     . ARG A 1 17  ? 15.134  0.985   -7.425  1.00 25.32 ? 17  ARG A C     1 
ATOM   107  O O     . ARG A 1 17  ? 15.540  1.983   -6.828  1.00 23.73 ? 17  ARG A O     1 
ATOM   108  C CB    . ARG A 1 17  ? 12.668  1.058   -7.139  1.00 29.24 ? 17  ARG A CB    1 
ATOM   109  C CG    . ARG A 1 17  ? 11.297  1.320   -7.728  1.00 32.64 ? 17  ARG A CG    1 
ATOM   110  C CD    . ARG A 1 17  ? 10.890  2.761   -7.541  1.00 35.49 ? 17  ARG A CD    1 
ATOM   111  N NE    . ARG A 1 17  ? 10.043  3.206   -8.637  1.00 37.65 ? 17  ARG A NE    1 
ATOM   112  C CZ    . ARG A 1 17  ? 9.632   4.457   -8.805  1.00 36.43 ? 17  ARG A CZ    1 
ATOM   113  N NH1   . ARG A 1 17  ? 9.981   5.398   -7.939  1.00 34.58 ? 17  ARG A NH1   1 
ATOM   114  N NH2   . ARG A 1 17  ? 8.893   4.766   -9.861  1.00 36.13 ? 17  ARG A NH2   1 
ATOM   115  N N     . GLY A 1 18  ? 15.801  -0.166  -7.452  1.00 24.14 ? 18  GLY A N     1 
ATOM   116  C CA    . GLY A 1 18  ? 17.070  -0.308  -6.759  1.00 21.31 ? 18  GLY A CA    1 
ATOM   117  C C     . GLY A 1 18  ? 16.901  -0.985  -5.407  1.00 21.53 ? 18  GLY A C     1 
ATOM   118  O O     . GLY A 1 18  ? 17.825  -1.007  -4.590  1.00 22.02 ? 18  GLY A O     1 
ATOM   119  N N     . PHE A 1 19  ? 15.717  -1.544  -5.173  1.00 19.09 ? 19  PHE A N     1 
ATOM   120  C CA    . PHE A 1 19  ? 15.406  -2.228  -3.921  1.00 18.51 ? 19  PHE A CA    1 
ATOM   121  C C     . PHE A 1 19  ? 15.226  -3.722  -4.158  1.00 17.75 ? 19  PHE A C     1 
ATOM   122  O O     . PHE A 1 19  ? 14.391  -4.373  -3.519  1.00 18.36 ? 19  PHE A O     1 
ATOM   123  C CB    . PHE A 1 19  ? 14.130  -1.639  -3.318  1.00 18.34 ? 19  PHE A CB    1 
ATOM   124  C CG    . PHE A 1 19  ? 14.274  -0.210  -2.891  1.00 19.26 ? 19  PHE A CG    1 
ATOM   125  C CD1   . PHE A 1 19  ? 14.639  0.106   -1.589  1.00 18.91 ? 19  PHE A CD1   1 
ATOM   126  C CD2   . PHE A 1 19  ? 14.085  0.820   -3.801  1.00 20.78 ? 19  PHE A CD2   1 
ATOM   127  C CE1   . PHE A 1 19  ? 14.813  1.431   -1.198  1.00 21.28 ? 19  PHE A CE1   1 
ATOM   128  C CE2   . PHE A 1 19  ? 14.258  2.150   -3.419  1.00 22.88 ? 19  PHE A CE2   1 
ATOM   129  C CZ    . PHE A 1 19  ? 14.622  2.455   -2.116  1.00 21.69 ? 19  PHE A CZ    1 
ATOM   130  N N     . GLY A 1 20  ? 16.021  -4.254  -5.079  1.00 16.78 ? 20  GLY A N     1 
ATOM   131  C CA    . GLY A 1 20  ? 15.948  -5.663  -5.419  1.00 16.83 ? 20  GLY A CA    1 
ATOM   132  C C     . GLY A 1 20  ? 16.126  -6.617  -4.256  1.00 17.83 ? 20  GLY A C     1 
ATOM   133  O O     . GLY A 1 20  ? 15.705  -7.773  -4.332  1.00 19.51 ? 20  GLY A O     1 
ATOM   134  N N     . HIS A 1 21  ? 16.741  -6.150  -3.175  1.00 16.95 ? 21  HIS A N     1 
ATOM   135  C CA    . HIS A 1 21  ? 16.947  -7.013  -2.019  1.00 17.92 ? 21  HIS A CA    1 
ATOM   136  C C     . HIS A 1 21  ? 15.635  -7.270  -1.282  1.00 17.51 ? 21  HIS A C     1 
ATOM   137  O O     . HIS A 1 21  ? 15.559  -8.149  -0.427  1.00 16.95 ? 21  HIS A O     1 
ATOM   138  C CB    . HIS A 1 21  ? 17.977  -6.401  -1.066  1.00 17.68 ? 21  HIS A CB    1 
ATOM   139  C CG    . HIS A 1 21  ? 17.580  -5.065  -0.531  1.00 17.98 ? 21  HIS A CG    1 
ATOM   140  N ND1   . HIS A 1 21  ? 17.442  -3.953  -1.333  1.00 18.00 ? 21  HIS A ND1   1 
ATOM   141  C CD2   . HIS A 1 21  ? 17.267  -4.665  0.725   1.00 17.35 ? 21  HIS A CD2   1 
ATOM   142  C CE1   . HIS A 1 21  ? 17.061  -2.926  -0.595  1.00 18.52 ? 21  HIS A CE1   1 
ATOM   143  N NE2   . HIS A 1 21  ? 16.947  -3.332  0.657   1.00 14.16 ? 21  HIS A NE2   1 
ATOM   144  N N     . LEU A 1 22  ? 14.604  -6.496  -1.608  1.00 18.64 ? 22  LEU A N     1 
ATOM   145  C CA    . LEU A 1 22  ? 13.294  -6.682  -0.984  1.00 16.76 ? 22  LEU A CA    1 
ATOM   146  C C     . LEU A 1 22  ? 12.616  -7.794  -1.774  1.00 16.39 ? 22  LEU A C     1 
ATOM   147  O O     . LEU A 1 22  ? 12.621  -7.767  -3.006  1.00 18.23 ? 22  LEU A O     1 
ATOM   148  C CB    . LEU A 1 22  ? 12.484  -5.386  -1.052  1.00 16.54 ? 22  LEU A CB    1 
ATOM   149  C CG    . LEU A 1 22  ? 13.119  -4.205  -0.311  1.00 16.18 ? 22  LEU A CG    1 
ATOM   150  C CD1   . LEU A 1 22  ? 12.215  -2.979  -0.403  1.00 15.44 ? 22  LEU A CD1   1 
ATOM   151  C CD2   . LEU A 1 22  ? 13.348  -4.590  1.148   1.00 14.54 ? 22  LEU A CD2   1 
ATOM   152  N N     . LYS A 1 23  ? 12.039  -8.772  -1.077  1.00 14.67 ? 23  LYS A N     1 
ATOM   153  C CA    . LYS A 1 23  ? 11.416  -9.908  -1.753  1.00 14.48 ? 23  LYS A CA    1 
ATOM   154  C C     . LYS A 1 23  ? 9.918   -10.106 -1.561  1.00 13.51 ? 23  LYS A C     1 
ATOM   155  O O     . LYS A 1 23  ? 9.417   -10.154 -0.439  1.00 13.74 ? 23  LYS A O     1 
ATOM   156  C CB    . LYS A 1 23  ? 12.123  -11.206 -1.339  1.00 16.47 ? 23  LYS A CB    1 
ATOM   157  C CG    . LYS A 1 23  ? 13.634  -11.194 -1.543  1.00 17.69 ? 23  LYS A CG    1 
ATOM   158  C CD    . LYS A 1 23  ? 13.992  -11.017 -3.009  1.00 17.10 ? 23  LYS A CD    1 
ATOM   159  C CE    . LYS A 1 23  ? 15.485  -11.164 -3.225  1.00 20.51 ? 23  LYS A CE    1 
ATOM   160  N NZ    . LYS A 1 23  ? 15.865  -10.987 -4.654  1.00 20.71 ? 23  LYS A NZ    1 
ATOM   161  N N     . VAL A 1 24  ? 9.209   -10.243 -2.673  1.00 14.45 ? 24  VAL A N     1 
ATOM   162  C CA    . VAL A 1 24  ? 7.776   -10.479 -2.638  1.00 15.74 ? 24  VAL A CA    1 
ATOM   163  C C     . VAL A 1 24  ? 7.572   -11.967 -2.382  1.00 16.20 ? 24  VAL A C     1 
ATOM   164  O O     . VAL A 1 24  ? 8.226   -12.799 -3.004  1.00 16.16 ? 24  VAL A O     1 
ATOM   165  C CB    . VAL A 1 24  ? 7.113   -10.103 -3.979  1.00 16.87 ? 24  VAL A CB    1 
ATOM   166  C CG1   . VAL A 1 24  ? 5.663   -10.581 -4.001  1.00 15.70 ? 24  VAL A CG1   1 
ATOM   167  C CG2   . VAL A 1 24  ? 7.173   -8.594  -4.176  1.00 16.21 ? 24  VAL A CG2   1 
ATOM   168  N N     . VAL A 1 25  ? 6.677   -12.298 -1.459  1.00 16.05 ? 25  VAL A N     1 
ATOM   169  C CA    . VAL A 1 25  ? 6.400   -13.688 -1.143  1.00 16.16 ? 25  VAL A CA    1 
ATOM   170  C C     . VAL A 1 25  ? 4.914   -13.991 -1.305  1.00 18.15 ? 25  VAL A C     1 
ATOM   171  O O     . VAL A 1 25  ? 4.059   -13.250 -0.818  1.00 19.38 ? 25  VAL A O     1 
ATOM   172  C CB    . VAL A 1 25  ? 6.843   -14.030 0.300   1.00 16.52 ? 25  VAL A CB    1 
ATOM   173  C CG1   . VAL A 1 25  ? 8.368   -13.919 0.422   1.00 18.21 ? 25  VAL A CG1   1 
ATOM   174  C CG2   . VAL A 1 25  ? 6.181   -13.090 1.280   1.00 16.06 ? 25  VAL A CG2   1 
ATOM   175  N N     . GLU A 1 26  ? 4.612   -15.075 -2.012  1.00 19.04 ? 26  GLU A N     1 
ATOM   176  C CA    . GLU A 1 26  ? 3.231   -15.487 -2.238  1.00 20.52 ? 26  GLU A CA    1 
ATOM   177  C C     . GLU A 1 26  ? 2.983   -16.636 -1.259  1.00 19.03 ? 26  GLU A C     1 
ATOM   178  O O     . GLU A 1 26  ? 3.240   -17.802 -1.550  1.00 17.59 ? 26  GLU A O     1 
ATOM   179  C CB    . GLU A 1 26  ? 3.059   -15.924 -3.691  1.00 21.63 ? 26  GLU A CB    1 
ATOM   180  C CG    . GLU A 1 26  ? 1.679   -15.652 -4.250  1.00 23.61 ? 26  GLU A CG    1 
ATOM   181  C CD    . GLU A 1 26  ? 1.715   -15.078 -5.660  1.00 21.96 ? 26  GLU A CD    1 
ATOM   182  O OE1   . GLU A 1 26  ? 2.480   -15.590 -6.506  1.00 21.50 ? 26  GLU A OE1   1 
ATOM   183  O OE2   . GLU A 1 26  ? 0.961   -14.118 -5.923  1.00 21.55 ? 26  GLU A OE2   1 
ATOM   184  N N     . LEU A 1 27  ? 2.483   -16.260 -0.090  1.00 19.28 ? 27  LEU A N     1 
ATOM   185  C CA    . LEU A 1 27  ? 2.232   -17.154 1.034   1.00 18.85 ? 27  LEU A CA    1 
ATOM   186  C C     . LEU A 1 27  ? 1.224   -18.291 0.966   1.00 19.94 ? 27  LEU A C     1 
ATOM   187  O O     . LEU A 1 27  ? 0.224   -18.228 0.240   1.00 18.58 ? 27  LEU A O     1 
ATOM   188  C CB    . LEU A 1 27  ? 1.913   -16.301 2.268   1.00 16.92 ? 27  LEU A CB    1 
ATOM   189  C CG    . LEU A 1 27  ? 3.110   -15.799 3.084   1.00 18.72 ? 27  LEU A CG    1 
ATOM   190  C CD1   . LEU A 1 27  ? 4.335   -15.681 2.203   1.00 18.23 ? 27  LEU A CD1   1 
ATOM   191  C CD2   . LEU A 1 27  ? 2.766   -14.472 3.740   1.00 17.02 ? 27  LEU A CD2   1 
ATOM   192  N N     . PRO A 1 28  ? 1.486   -19.354 1.751   1.00 19.04 ? 28  PRO A N     1 
ATOM   193  C CA    . PRO A 1 28  ? 0.658   -20.558 1.864   1.00 19.11 ? 28  PRO A CA    1 
ATOM   194  C C     . PRO A 1 28  ? -0.591  -20.248 2.699   1.00 17.85 ? 28  PRO A C     1 
ATOM   195  O O     . PRO A 1 28  ? -1.444  -21.106 2.909   1.00 19.39 ? 28  PRO A O     1 
ATOM   196  C CB    . PRO A 1 28  ? 1.592   -21.554 2.548   1.00 19.40 ? 28  PRO A CB    1 
ATOM   197  C CG    . PRO A 1 28  ? 2.416   -20.672 3.437   1.00 21.18 ? 28  PRO A CG    1 
ATOM   198  C CD    . PRO A 1 28  ? 2.734   -19.507 2.523   1.00 19.01 ? 28  PRO A CD    1 
ATOM   199  N N     . ALA A 1 29  ? -0.677  -19.013 3.183   1.00 16.80 ? 29  ALA A N     1 
ATOM   200  C CA    . ALA A 1 29  ? -1.828  -18.550 3.955   1.00 16.93 ? 29  ALA A CA    1 
ATOM   201  C C     . ALA A 1 29  ? -2.218  -17.201 3.365   1.00 15.96 ? 29  ALA A C     1 
ATOM   202  O O     . ALA A 1 29  ? -1.352  -16.435 2.940   1.00 15.14 ? 29  ALA A O     1 
ATOM   203  C CB    . ALA A 1 29  ? -1.468  -18.397 5.421   1.00 16.45 ? 29  ALA A CB    1 
ATOM   204  N N     . SER A 1 30  ? -3.512  -16.908 3.342   1.00 15.08 ? 30  SER A N     1 
ATOM   205  C CA    . SER A 1 30  ? -3.993  -15.659 2.772   1.00 14.97 ? 30  SER A CA    1 
ATOM   206  C C     . SER A 1 30  ? -3.486  -14.384 3.441   1.00 15.49 ? 30  SER A C     1 
ATOM   207  O O     . SER A 1 30  ? -3.211  -14.366 4.636   1.00 15.20 ? 30  SER A O     1 
ATOM   208  C CB    . SER A 1 30  ? -5.523  -15.633 2.773   1.00 16.87 ? 30  SER A CB    1 
ATOM   209  O OG    . SER A 1 30  ? -5.984  -14.408 2.234   1.00 13.03 ? 30  SER A OG    1 
ATOM   210  N N     . THR A 1 31  ? -3.370  -13.322 2.644   1.00 14.80 ? 31  THR A N     1 
ATOM   211  C CA    . THR A 1 31  ? -2.943  -12.008 3.124   1.00 15.32 ? 31  THR A CA    1 
ATOM   212  C C     . THR A 1 31  ? -3.895  -10.968 2.511   1.00 15.35 ? 31  THR A C     1 
ATOM   213  O O     . THR A 1 31  ? -3.580  -9.780  2.426   1.00 13.98 ? 31  THR A O     1 
ATOM   214  C CB    . THR A 1 31  ? -1.485  -11.680 2.697   1.00 14.47 ? 31  THR A CB    1 
ATOM   215  O OG1   . THR A 1 31  ? -1.405  -11.602 1.270   1.00 13.65 ? 31  THR A OG1   1 
ATOM   216  C CG2   . THR A 1 31  ? -0.526  -12.759 3.183   1.00 15.92 ? 31  THR A CG2   1 
ATOM   217  N N     . ARG A 1 32  ? -5.070  -11.433 2.100   1.00 16.55 ? 32  ARG A N     1 
ATOM   218  C CA    . ARG A 1 32  ? -6.072  -10.574 1.472   1.00 15.93 ? 32  ARG A CA    1 
ATOM   219  C C     . ARG A 1 32  ? -6.387  -9.338  2.300   1.00 14.43 ? 32  ARG A C     1 
ATOM   220  O O     . ARG A 1 32  ? -6.492  -8.233  1.760   1.00 13.87 ? 32  ARG A O     1 
ATOM   221  C CB    . ARG A 1 32  ? -7.361  -11.360 1.213   1.00 16.82 ? 32  ARG A CB    1 
ATOM   222  C CG    . ARG A 1 32  ? -8.401  -10.586 0.392   1.00 16.24 ? 32  ARG A CG    1 
ATOM   223  C CD    . ARG A 1 32  ? -9.639  -11.437 0.133   1.00 14.87 ? 32  ARG A CD    1 
ATOM   224  N NE    . ARG A 1 32  ? -10.387 -11.712 1.358   1.00 16.45 ? 32  ARG A NE    1 
ATOM   225  C CZ    . ARG A 1 32  ? -11.161 -10.822 1.973   1.00 16.33 ? 32  ARG A CZ    1 
ATOM   226  N NH1   . ARG A 1 32  ? -11.292 -9.598  1.475   1.00 13.21 ? 32  ARG A NH1   1 
ATOM   227  N NH2   . ARG A 1 32  ? -11.799 -11.153 3.087   1.00 17.00 ? 32  ARG A NH2   1 
ATOM   228  N N     . THR A 1 33  ? -6.551  -9.521  3.602   1.00 11.77 ? 33  THR A N     1 
ATOM   229  C CA    . THR A 1 33  ? -6.836  -8.399  4.479   1.00 14.73 ? 33  THR A CA    1 
ATOM   230  C C     . THR A 1 33  ? -5.678  -8.243  5.457   1.00 16.29 ? 33  THR A C     1 
ATOM   231  O O     . THR A 1 33  ? -4.934  -9.199  5.712   1.00 16.73 ? 33  THR A O     1 
ATOM   232  C CB    . THR A 1 33  ? -8.136  -8.611  5.286   1.00 13.25 ? 33  THR A CB    1 
ATOM   233  O OG1   . THR A 1 33  ? -7.963  -9.707  6.185   1.00 11.28 ? 33  THR A OG1   1 
ATOM   234  C CG2   . THR A 1 33  ? -9.305  -8.904  4.360   1.00 14.78 ? 33  THR A CG2   1 
ATOM   235  N N     . ALA A 1 34  ? -5.532  -7.040  6.007   1.00 16.81 ? 34  ALA A N     1 
ATOM   236  C CA    . ALA A 1 34  ? -4.459  -6.755  6.955   1.00 17.99 ? 34  ALA A CA    1 
ATOM   237  C C     . ALA A 1 34  ? -4.431  -7.800  8.062   1.00 18.23 ? 34  ALA A C     1 
ATOM   238  O O     . ALA A 1 34  ? -3.367  -8.295  8.442   1.00 17.49 ? 34  ALA A O     1 
ATOM   239  C CB    . ALA A 1 34  ? -4.641  -5.362  7.552   1.00 17.93 ? 34  ALA A CB    1 
ATOM   240  N N     . LYS A 1 35  ? -5.610  -8.132  8.573   1.00 16.69 ? 35  LYS A N     1 
ATOM   241  C CA    . LYS A 1 35  ? -5.728  -9.113  9.637   1.00 17.77 ? 35  LYS A CA    1 
ATOM   242  C C     . LYS A 1 35  ? -5.070  -10.432 9.241   1.00 18.25 ? 35  LYS A C     1 
ATOM   243  O O     . LYS A 1 35  ? -4.235  -10.963 9.979   1.00 20.02 ? 35  LYS A O     1 
ATOM   244  C CB    . LYS A 1 35  ? -7.203  -9.342  9.964   1.00 19.98 ? 35  LYS A CB    1 
ATOM   245  C CG    . LYS A 1 35  ? -7.445  -10.316 11.098  1.00 19.01 ? 35  LYS A CG    1 
ATOM   246  C CD    . LYS A 1 35  ? -8.921  -10.390 11.434  1.00 19.95 ? 35  LYS A CD    1 
ATOM   247  C CE    . LYS A 1 35  ? -9.173  -11.412 12.523  1.00 20.73 ? 35  LYS A CE    1 
ATOM   248  N NZ    . LYS A 1 35  ? -8.802  -12.774 12.058  1.00 22.07 ? 35  LYS A NZ    1 
ATOM   249  N N     . GLU A 1 36  ? -5.449  -10.958 8.079   1.00 17.13 ? 36  GLU A N     1 
ATOM   250  C CA    . GLU A 1 36  ? -4.894  -12.216 7.593   1.00 17.34 ? 36  GLU A CA    1 
ATOM   251  C C     . GLU A 1 36  ? -3.401  -12.063 7.277   1.00 17.44 ? 36  GLU A C     1 
ATOM   252  O O     . GLU A 1 36  ? -2.599  -12.945 7.586   1.00 16.62 ? 36  GLU A O     1 
ATOM   253  C CB    . GLU A 1 36  ? -5.655  -12.686 6.344   1.00 18.55 ? 36  GLU A CB    1 
ATOM   254  C CG    . GLU A 1 36  ? -7.152  -12.924 6.581   1.00 21.41 ? 36  GLU A CG    1 
ATOM   255  C CD    . GLU A 1 36  ? -7.869  -13.520 5.376   1.00 21.14 ? 36  GLU A CD    1 
ATOM   256  O OE1   . GLU A 1 36  ? -7.850  -12.901 4.296   1.00 19.09 ? 36  GLU A OE1   1 
ATOM   257  O OE2   . GLU A 1 36  ? -8.461  -14.613 5.512   1.00 24.46 ? 36  GLU A OE2   1 
ATOM   258  N N     . ALA A 1 37  ? -3.033  -10.941 6.665   1.00 15.14 ? 37  ALA A N     1 
ATOM   259  C CA    . ALA A 1 37  ? -1.638  -10.696 6.323   1.00 13.94 ? 37  ALA A CA    1 
ATOM   260  C C     . ALA A 1 37  ? -0.753  -10.774 7.571   1.00 14.64 ? 37  ALA A C     1 
ATOM   261  O O     . ALA A 1 37  ? 0.260   -11.481 7.581   1.00 12.56 ? 37  ALA A O     1 
ATOM   262  C CB    . ALA A 1 37  ? -1.494  -9.329  5.661   1.00 11.86 ? 37  ALA A CB    1 
ATOM   263  N N     . ALA A 1 38  ? -1.150  -10.062 8.624   1.00 13.59 ? 38  ALA A N     1 
ATOM   264  C CA    . ALA A 1 38  ? -0.388  -10.045 9.869   1.00 13.46 ? 38  ALA A CA    1 
ATOM   265  C C     . ALA A 1 38  ? -0.238  -11.435 10.471  1.00 13.43 ? 38  ALA A C     1 
ATOM   266  O O     . ALA A 1 38  ? 0.831   -11.780 10.966  1.00 11.98 ? 38  ALA A O     1 
ATOM   267  C CB    . ALA A 1 38  ? -1.039  -9.109  10.872  1.00 14.11 ? 38  ALA A CB    1 
ATOM   268  N N     . GLN A 1 39  ? -1.304  -12.230 10.434  1.00 15.14 ? 39  GLN A N     1 
ATOM   269  C CA    . GLN A 1 39  ? -1.245  -13.582 10.977  1.00 16.49 ? 39  GLN A CA    1 
ATOM   270  C C     . GLN A 1 39  ? -0.331  -14.459 10.122  1.00 17.54 ? 39  GLN A C     1 
ATOM   271  O O     . GLN A 1 39  ? 0.378   -15.321 10.640  1.00 16.78 ? 39  GLN A O     1 
ATOM   272  C CB    . GLN A 1 39  ? -2.645  -14.212 11.037  1.00 18.82 ? 39  GLN A CB    1 
ATOM   273  C CG    . GLN A 1 39  ? -2.670  -15.566 11.753  1.00 21.26 ? 39  GLN A CG    1 
ATOM   274  C CD    . GLN A 1 39  ? -4.041  -16.235 11.742  1.00 25.99 ? 39  GLN A CD    1 
ATOM   275  O OE1   . GLN A 1 39  ? -5.052  -15.629 12.111  1.00 26.66 ? 39  GLN A OE1   1 
ATOM   276  N NE2   . GLN A 1 39  ? -4.076  -17.496 11.329  1.00 23.85 ? 39  GLN A NE2   1 
ATOM   277  N N     . ALA A 1 40  ? -0.339  -14.225 8.811   1.00 16.57 ? 40  ALA A N     1 
ATOM   278  C CA    . ALA A 1 40  ? 0.479   -15.006 7.892   1.00 16.85 ? 40  ALA A CA    1 
ATOM   279  C C     . ALA A 1 40  ? 1.975   -14.817 8.118   1.00 17.32 ? 40  ALA A C     1 
ATOM   280  O O     . ALA A 1 40  ? 2.758   -15.733 7.872   1.00 18.24 ? 40  ALA A O     1 
ATOM   281  C CB    . ALA A 1 40  ? 0.125   -14.659 6.447   1.00 15.43 ? 40  ALA A CB    1 
ATOM   282  N N     . VAL A 1 41  ? 2.375   -13.635 8.581   1.00 15.73 ? 41  VAL A N     1 
ATOM   283  C CA    . VAL A 1 41  ? 3.790   -13.372 8.816   1.00 16.41 ? 41  VAL A CA    1 
ATOM   284  C C     . VAL A 1 41  ? 4.151   -13.168 10.283  1.00 16.68 ? 41  VAL A C     1 
ATOM   285  O O     . VAL A 1 41  ? 5.290   -12.825 10.605  1.00 19.64 ? 41  VAL A O     1 
ATOM   286  C CB    . VAL A 1 41  ? 4.280   -12.142 8.006   1.00 18.40 ? 41  VAL A CB    1 
ATOM   287  C CG1   . VAL A 1 41  ? 4.114   -12.402 6.513   1.00 16.50 ? 41  VAL A CG1   1 
ATOM   288  C CG2   . VAL A 1 41  ? 3.515   -10.898 8.423   1.00 17.73 ? 41  VAL A CG2   1 
ATOM   289  N N     . GLY A 1 42  ? 3.186   -13.388 11.172  1.00 14.43 ? 42  GLY A N     1 
ATOM   290  C CA    . GLY A 1 42  ? 3.442   -13.234 12.591  1.00 11.86 ? 42  GLY A CA    1 
ATOM   291  C C     . GLY A 1 42  ? 3.726   -11.802 12.992  1.00 10.47 ? 42  GLY A C     1 
ATOM   292  O O     . GLY A 1 42  ? 4.412   -11.542 13.979  1.00 10.58 ? 42  GLY A O     1 
ATOM   293  N N     . ALA A 1 43  ? 3.190   -10.866 12.225  1.00 10.12 ? 43  ALA A N     1 
ATOM   294  C CA    . ALA A 1 43  ? 3.392   -9.456  12.507  1.00 11.71 ? 43  ALA A CA    1 
ATOM   295  C C     . ALA A 1 43  ? 2.191   -8.865  13.229  1.00 13.29 ? 43  ALA A C     1 
ATOM   296  O O     . ALA A 1 43  ? 1.138   -9.502  13.340  1.00 14.18 ? 43  ALA A O     1 
ATOM   297  C CB    . ALA A 1 43  ? 3.631   -8.706  11.210  1.00 9.88  ? 43  ALA A CB    1 
ATOM   298  N N     . GLU A 1 44  ? 2.359   -7.650  13.742  1.00 15.34 ? 44  GLU A N     1 
ATOM   299  C CA    . GLU A 1 44  ? 1.261   -6.952  14.400  1.00 16.33 ? 44  GLU A CA    1 
ATOM   300  C C     . GLU A 1 44  ? 0.475   -6.376  13.236  1.00 15.04 ? 44  GLU A C     1 
ATOM   301  O O     . GLU A 1 44  ? 1.069   -5.981  12.239  1.00 15.05 ? 44  GLU A O     1 
ATOM   302  C CB    . GLU A 1 44  ? 1.781   -5.808  15.263  1.00 18.90 ? 44  GLU A CB    1 
ATOM   303  C CG    . GLU A 1 44  ? 2.655   -6.244  16.415  1.00 24.96 ? 44  GLU A CG    1 
ATOM   304  C CD    . GLU A 1 44  ? 3.235   -5.061  17.163  1.00 28.48 ? 44  GLU A CD    1 
ATOM   305  O OE1   . GLU A 1 44  ? 2.444   -4.236  17.667  1.00 29.51 ? 44  GLU A OE1   1 
ATOM   306  O OE2   . GLU A 1 44  ? 4.479   -4.956  17.239  1.00 31.38 ? 44  GLU A OE2   1 
ATOM   307  N N     . VAL A 1 45  ? -0.847  -6.321  13.354  1.00 15.72 ? 45  VAL A N     1 
ATOM   308  C CA    . VAL A 1 45  ? -1.666  -5.796  12.269  1.00 13.11 ? 45  VAL A CA    1 
ATOM   309  C C     . VAL A 1 45  ? -1.229  -4.388  11.870  1.00 12.44 ? 45  VAL A C     1 
ATOM   310  O O     . VAL A 1 45  ? -1.295  -4.019  10.697  1.00 12.81 ? 45  VAL A O     1 
ATOM   311  C CB    . VAL A 1 45  ? -3.168  -5.785  12.648  1.00 12.68 ? 45  VAL A CB    1 
ATOM   312  C CG1   . VAL A 1 45  ? -3.462  -4.659  13.642  1.00 10.79 ? 45  VAL A CG1   1 
ATOM   313  C CG2   . VAL A 1 45  ? -4.010  -5.647  11.392  1.00 10.76 ? 45  VAL A CG2   1 
ATOM   314  N N     . GLY A 1 46  ? -0.768  -3.610  12.845  1.00 11.74 ? 46  GLY A N     1 
ATOM   315  C CA    . GLY A 1 46  ? -0.336  -2.255  12.556  1.00 13.37 ? 46  GLY A CA    1 
ATOM   316  C C     . GLY A 1 46  ? 0.835   -2.195  11.592  1.00 15.72 ? 46  GLY A C     1 
ATOM   317  O O     . GLY A 1 46  ? 1.082   -1.163  10.965  1.00 15.28 ? 46  GLY A O     1 
ATOM   318  N N     . GLN A 1 47  ? 1.563   -3.304  11.470  1.00 15.80 ? 47  GLN A N     1 
ATOM   319  C CA    . GLN A 1 47  ? 2.715   -3.362  10.577  1.00 16.44 ? 47  GLN A CA    1 
ATOM   320  C C     . GLN A 1 47  ? 2.322   -3.566  9.118   1.00 15.94 ? 47  GLN A C     1 
ATOM   321  O O     . GLN A 1 47  ? 3.162   -3.452  8.229   1.00 15.16 ? 47  GLN A O     1 
ATOM   322  C CB    . GLN A 1 47  ? 3.649   -4.498  10.988  1.00 17.80 ? 47  GLN A CB    1 
ATOM   323  C CG    . GLN A 1 47  ? 4.053   -4.469  12.434  1.00 19.32 ? 47  GLN A CG    1 
ATOM   324  C CD    . GLN A 1 47  ? 5.052   -5.548  12.757  1.00 19.91 ? 47  GLN A CD    1 
ATOM   325  O OE1   . GLN A 1 47  ? 6.168   -5.547  12.241  1.00 22.74 ? 47  GLN A OE1   1 
ATOM   326  N NE2   . GLN A 1 47  ? 4.657   -6.481  13.612  1.00 21.36 ? 47  GLN A NE2   1 
ATOM   327  N N     . ILE A 1 48  ? 1.056   -3.884  8.872   1.00 14.51 ? 48  ILE A N     1 
ATOM   328  C CA    . ILE A 1 48  ? 0.602   -4.101  7.508   1.00 14.44 ? 48  ILE A CA    1 
ATOM   329  C C     . ILE A 1 48  ? 0.309   -2.768  6.828   1.00 15.29 ? 48  ILE A C     1 
ATOM   330  O O     . ILE A 1 48  ? -0.280  -1.861  7.430   1.00 16.18 ? 48  ILE A O     1 
ATOM   331  C CB    . ILE A 1 48  ? -0.675  -4.989  7.458   1.00 14.75 ? 48  ILE A CB    1 
ATOM   332  C CG1   . ILE A 1 48  ? -0.414  -6.322  8.166   1.00 12.24 ? 48  ILE A CG1   1 
ATOM   333  C CG2   . ILE A 1 48  ? -1.079  -5.257  6.000   1.00 12.37 ? 48  ILE A CG2   1 
ATOM   334  C CD1   . ILE A 1 48  ? 0.807   -7.062  7.648   1.00 9.01  ? 48  ILE A CD1   1 
ATOM   335  N N     . VAL A 1 49  ? 0.733   -2.658  5.575   1.00 12.24 ? 49  VAL A N     1 
ATOM   336  C CA    . VAL A 1 49  ? 0.520   -1.448  4.805   1.00 13.75 ? 49  VAL A CA    1 
ATOM   337  C C     . VAL A 1 49  ? -0.606  -1.661  3.806   1.00 13.43 ? 49  VAL A C     1 
ATOM   338  O O     . VAL A 1 49  ? -0.516  -2.508  2.915   1.00 13.49 ? 49  VAL A O     1 
ATOM   339  C CB    . VAL A 1 49  ? 1.779   -1.042  4.024   1.00 12.81 ? 49  VAL A CB    1 
ATOM   340  C CG1   . VAL A 1 49  ? 1.567   0.315   3.384   1.00 14.38 ? 49  VAL A CG1   1 
ATOM   341  C CG2   . VAL A 1 49  ? 2.982   -1.022  4.945   1.00 15.06 ? 49  VAL A CG2   1 
ATOM   342  N N     . LYS A 1 50  ? -1.675  -0.899  3.976   1.00 11.00 ? 50  LYS A N     1 
ATOM   343  C CA    . LYS A 1 50  ? -2.808  -0.985  3.083   1.00 11.56 ? 50  LYS A CA    1 
ATOM   344  C C     . LYS A 1 50  ? -2.670  0.141   2.069   1.00 13.59 ? 50  LYS A C     1 
ATOM   345  O O     . LYS A 1 50  ? -2.640  1.317   2.437   1.00 14.76 ? 50  LYS A O     1 
ATOM   346  C CB    . LYS A 1 50  ? -4.108  -0.831  3.870   1.00 8.60  ? 50  LYS A CB    1 
ATOM   347  C CG    . LYS A 1 50  ? -4.341  -1.952  4.875   1.00 13.24 ? 50  LYS A CG    1 
ATOM   348  C CD    . LYS A 1 50  ? -5.584  -1.714  5.717   1.00 14.42 ? 50  LYS A CD    1 
ATOM   349  C CE    . LYS A 1 50  ? -5.419  -0.490  6.602   1.00 14.01 ? 50  LYS A CE    1 
ATOM   350  N NZ    . LYS A 1 50  ? -6.635  -0.243  7.413   1.00 15.18 ? 50  LYS A NZ    1 
ATOM   351  N N     . SER A 1 51  ? -2.550  -0.221  0.796   1.00 13.99 ? 51  SER A N     1 
ATOM   352  C CA    . SER A 1 51  ? -2.436  0.778   -0.256  1.00 15.93 ? 51  SER A CA    1 
ATOM   353  C C     . SER A 1 51  ? -3.844  1.121   -0.698  1.00 15.41 ? 51  SER A C     1 
ATOM   354  O O     . SER A 1 51  ? -4.483  0.351   -1.415  1.00 17.45 ? 51  SER A O     1 
ATOM   355  C CB    . SER A 1 51  ? -1.630  0.229   -1.433  1.00 16.13 ? 51  SER A CB    1 
ATOM   356  O OG    . SER A 1 51  ? -0.314  -0.094  -1.021  1.00 15.24 ? 51  SER A OG    1 
ATOM   357  N N     . LEU A 1 52  ? -4.331  2.275   -0.258  1.00 15.77 ? 52  LEU A N     1 
ATOM   358  C CA    . LEU A 1 52  ? -5.682  2.705   -0.595  1.00 13.85 ? 52  LEU A CA    1 
ATOM   359  C C     . LEU A 1 52  ? -5.667  3.797   -1.652  1.00 13.59 ? 52  LEU A C     1 
ATOM   360  O O     . LEU A 1 52  ? -4.994  4.819   -1.501  1.00 12.81 ? 52  LEU A O     1 
ATOM   361  C CB    . LEU A 1 52  ? -6.393  3.206   0.662   1.00 11.03 ? 52  LEU A CB    1 
ATOM   362  C CG    . LEU A 1 52  ? -6.320  2.250   1.856   1.00 14.93 ? 52  LEU A CG    1 
ATOM   363  C CD1   . LEU A 1 52  ? -6.975  2.902   3.066   1.00 12.51 ? 52  LEU A CD1   1 
ATOM   364  C CD2   . LEU A 1 52  ? -6.996  0.917   1.507   1.00 11.98 ? 52  LEU A CD2   1 
ATOM   365  N N     . VAL A 1 53  ? -6.428  3.576   -2.718  1.00 13.53 ? 53  VAL A N     1 
ATOM   366  C CA    . VAL A 1 53  ? -6.498  4.523   -3.818  1.00 14.65 ? 53  VAL A CA    1 
ATOM   367  C C     . VAL A 1 53  ? -7.753  5.372   -3.772  1.00 14.78 ? 53  VAL A C     1 
ATOM   368  O O     . VAL A 1 53  ? -8.856  4.860   -3.642  1.00 16.22 ? 53  VAL A O     1 
ATOM   369  C CB    . VAL A 1 53  ? -6.452  3.790   -5.174  1.00 14.98 ? 53  VAL A CB    1 
ATOM   370  C CG1   . VAL A 1 53  ? -6.668  4.772   -6.308  1.00 14.78 ? 53  VAL A CG1   1 
ATOM   371  C CG2   . VAL A 1 53  ? -5.111  3.084   -5.333  1.00 13.78 ? 53  VAL A CG2   1 
ATOM   372  N N     . PHE A 1 54  ? -7.575  6.681   -3.881  1.00 16.58 ? 54  PHE A N     1 
ATOM   373  C CA    . PHE A 1 54  ? -8.707  7.592   -3.878  1.00 18.05 ? 54  PHE A CA    1 
ATOM   374  C C     . PHE A 1 54  ? -8.659  8.497   -5.097  1.00 18.79 ? 54  PHE A C     1 
ATOM   375  O O     . PHE A 1 54  ? -7.589  8.921   -5.532  1.00 18.35 ? 54  PHE A O     1 
ATOM   376  C CB    . PHE A 1 54  ? -8.720  8.404   -2.585  1.00 18.38 ? 54  PHE A CB    1 
ATOM   377  C CG    . PHE A 1 54  ? -9.165  7.611   -1.396  1.00 19.55 ? 54  PHE A CG    1 
ATOM   378  C CD1   . PHE A 1 54  ? -10.426 7.805   -0.849  1.00 20.26 ? 54  PHE A CD1   1 
ATOM   379  C CD2   . PHE A 1 54  ? -8.349  6.615   -0.869  1.00 20.41 ? 54  PHE A CD2   1 
ATOM   380  C CE1   . PHE A 1 54  ? -10.876 7.015   0.204   1.00 20.76 ? 54  PHE A CE1   1 
ATOM   381  C CE2   . PHE A 1 54  ? -8.787  5.818   0.185   1.00 20.65 ? 54  PHE A CE2   1 
ATOM   382  C CZ    . PHE A 1 54  ? -10.056 6.018   0.722   1.00 20.23 ? 54  PHE A CZ    1 
ATOM   383  N N     . VAL A 1 55  ? -9.829  8.776   -5.655  1.00 20.16 ? 55  VAL A N     1 
ATOM   384  C CA    . VAL A 1 55  ? -9.926  9.612   -6.835  1.00 20.53 ? 55  VAL A CA    1 
ATOM   385  C C     . VAL A 1 55  ? -10.248 11.054  -6.488  1.00 20.63 ? 55  VAL A C     1 
ATOM   386  O O     . VAL A 1 55  ? -11.166 11.325  -5.722  1.00 22.10 ? 55  VAL A O     1 
ATOM   387  C CB    . VAL A 1 55  ? -11.013 9.086   -7.786  1.00 21.20 ? 55  VAL A CB    1 
ATOM   388  C CG1   . VAL A 1 55  ? -11.035 9.910   -9.062  1.00 19.91 ? 55  VAL A CG1   1 
ATOM   389  C CG2   . VAL A 1 55  ? -10.761 7.625   -8.091  1.00 23.62 ? 55  VAL A CG2   1 
ATOM   390  N N     . GLY A 1 56  ? -9.474  11.971  -7.055  1.00 21.71 ? 56  GLY A N     1 
ATOM   391  C CA    . GLY A 1 56  ? -9.691  13.387  -6.838  1.00 22.98 ? 56  GLY A CA    1 
ATOM   392  C C     . GLY A 1 56  ? -10.156 13.970  -8.158  1.00 25.50 ? 56  GLY A C     1 
ATOM   393  O O     . GLY A 1 56  ? -10.216 13.253  -9.155  1.00 23.96 ? 56  GLY A O     1 
ATOM   394  N N     . GLU A 1 57  ? -10.470 15.260  -8.183  1.00 28.92 ? 57  GLU A N     1 
ATOM   395  C CA    . GLU A 1 57  ? -10.953 15.907  -9.405  1.00 31.74 ? 57  GLU A CA    1 
ATOM   396  C C     . GLU A 1 57  ? -9.932  15.911  -10.541 1.00 32.32 ? 57  GLU A C     1 
ATOM   397  O O     . GLU A 1 57  ? -10.278 15.660  -11.696 1.00 32.15 ? 57  GLU A O     1 
ATOM   398  C CB    . GLU A 1 57  ? -11.379 17.348  -9.100  1.00 34.74 ? 57  GLU A CB    1 
ATOM   399  C CG    . GLU A 1 57  ? -12.351 17.465  -7.935  1.00 38.15 ? 57  GLU A CG    1 
ATOM   400  C CD    . GLU A 1 57  ? -12.696 18.905  -7.589  1.00 40.83 ? 57  GLU A CD    1 
ATOM   401  O OE1   . GLU A 1 57  ? -11.762 19.728  -7.459  1.00 41.84 ? 57  GLU A OE1   1 
ATOM   402  O OE2   . GLU A 1 57  ? -13.900 19.211  -7.431  1.00 42.48 ? 57  GLU A OE2   1 
ATOM   403  N N     . LYS A 1 58  ? -8.674  16.183  -10.209 1.00 32.82 ? 58  LYS A N     1 
ATOM   404  C CA    . LYS A 1 58  ? -7.621  16.238  -11.212 1.00 31.62 ? 58  LYS A CA    1 
ATOM   405  C C     . LYS A 1 58  ? -6.716  15.009  -11.283 1.00 31.50 ? 58  LYS A C     1 
ATOM   406  O O     . LYS A 1 58  ? -5.755  14.999  -12.051 1.00 32.29 ? 58  LYS A O     1 
ATOM   407  C CB    . LYS A 1 58  ? -6.768  17.491  -10.993 1.00 32.10 ? 58  LYS A CB    1 
ATOM   408  C CG    . LYS A 1 58  ? -7.546  18.796  -11.135 1.00 32.70 ? 58  LYS A CG    1 
ATOM   409  C CD    . LYS A 1 58  ? -6.617  20.004  -11.129 1.00 34.19 ? 58  LYS A CD    1 
ATOM   410  C CE    . LYS A 1 58  ? -7.370  21.312  -11.364 1.00 34.98 ? 58  LYS A CE    1 
ATOM   411  N NZ    . LYS A 1 58  ? -8.214  21.718  -10.203 1.00 36.00 ? 58  LYS A NZ    1 
ATOM   412  N N     . GLY A 1 59  ? -7.016  13.976  -10.497 1.00 30.07 ? 59  GLY A N     1 
ATOM   413  C CA    . GLY A 1 59  ? -6.196  12.776  -10.533 1.00 27.82 ? 59  GLY A CA    1 
ATOM   414  C C     . GLY A 1 59  ? -6.469  11.782  -9.420  1.00 26.82 ? 59  GLY A C     1 
ATOM   415  O O     . GLY A 1 59  ? -7.435  11.931  -8.667  1.00 27.00 ? 59  GLY A O     1 
ATOM   416  N N     . ALA A 1 60  ? -5.620  10.758  -9.322  1.00 24.17 ? 60  ALA A N     1 
ATOM   417  C CA    . ALA A 1 60  ? -5.757  9.733   -8.290  1.00 21.86 ? 60  ALA A CA    1 
ATOM   418  C C     . ALA A 1 60  ? -4.667  9.897   -7.233  1.00 19.24 ? 60  ALA A C     1 
ATOM   419  O O     . ALA A 1 60  ? -3.638  10.510  -7.485  1.00 20.82 ? 60  ALA A O     1 
ATOM   420  C CB    . ALA A 1 60  ? -5.680  8.349   -8.911  1.00 22.92 ? 60  ALA A CB    1 
ATOM   421  N N     . TYR A 1 61  ? -4.896  9.337   -6.052  1.00 18.30 ? 61  TYR A N     1 
ATOM   422  C CA    . TYR A 1 61  ? -3.945  9.455   -4.954  1.00 17.09 ? 61  TYR A CA    1 
ATOM   423  C C     . TYR A 1 61  ? -3.785  8.155   -4.179  1.00 16.32 ? 61  TYR A C     1 
ATOM   424  O O     . TYR A 1 61  ? -4.740  7.402   -4.008  1.00 16.38 ? 61  TYR A O     1 
ATOM   425  C CB    . TYR A 1 61  ? -4.401  10.567  -4.011  1.00 17.46 ? 61  TYR A CB    1 
ATOM   426  C CG    . TYR A 1 61  ? -4.488  11.914  -4.691  1.00 20.01 ? 61  TYR A CG    1 
ATOM   427  C CD1   . TYR A 1 61  ? -3.366  12.735  -4.802  1.00 19.78 ? 61  TYR A CD1   1 
ATOM   428  C CD2   . TYR A 1 61  ? -5.683  12.353  -5.259  1.00 19.11 ? 61  TYR A CD2   1 
ATOM   429  C CE1   . TYR A 1 61  ? -3.431  13.959  -5.460  1.00 21.48 ? 61  TYR A CE1   1 
ATOM   430  C CE2   . TYR A 1 61  ? -5.757  13.575  -5.923  1.00 21.90 ? 61  TYR A CE2   1 
ATOM   431  C CZ    . TYR A 1 61  ? -4.628  14.373  -6.019  1.00 21.14 ? 61  TYR A CZ    1 
ATOM   432  O OH    . TYR A 1 61  ? -4.696  15.583  -6.671  1.00 24.30 ? 61  TYR A OH    1 
ATOM   433  N N     . LEU A 1 62  ? -2.567  7.912   -3.707  1.00 14.97 ? 62  LEU A N     1 
ATOM   434  C CA    . LEU A 1 62  ? -2.251  6.710   -2.956  1.00 14.48 ? 62  LEU A CA    1 
ATOM   435  C C     . LEU A 1 62  ? -2.063  7.003   -1.469  1.00 14.17 ? 62  LEU A C     1 
ATOM   436  O O     . LEU A 1 62  ? -1.253  7.846   -1.080  1.00 13.93 ? 62  LEU A O     1 
ATOM   437  C CB    . LEU A 1 62  ? -0.977  6.069   -3.517  1.00 16.71 ? 62  LEU A CB    1 
ATOM   438  C CG    . LEU A 1 62  ? -0.509  4.764   -2.866  1.00 20.21 ? 62  LEU A CG    1 
ATOM   439  C CD1   . LEU A 1 62  ? -1.603  3.705   -2.991  1.00 21.91 ? 62  LEU A CD1   1 
ATOM   440  C CD2   . LEU A 1 62  ? 0.780   4.290   -3.533  1.00 21.78 ? 62  LEU A CD2   1 
ATOM   441  N N     . PHE A 1 63  ? -2.827  6.301   -0.643  1.00 12.36 ? 63  PHE A N     1 
ATOM   442  C CA    . PHE A 1 63  ? -2.746  6.456   0.797   1.00 10.64 ? 63  PHE A CA    1 
ATOM   443  C C     . PHE A 1 63  ? -2.242  5.147   1.383   1.00 11.32 ? 63  PHE A C     1 
ATOM   444  O O     . PHE A 1 63  ? -2.855  4.096   1.188   1.00 12.82 ? 63  PHE A O     1 
ATOM   445  C CB    . PHE A 1 63  ? -4.124  6.808   1.365   1.00 11.27 ? 63  PHE A CB    1 
ATOM   446  C CG    . PHE A 1 63  ? -4.537  8.223   1.097   1.00 11.36 ? 63  PHE A CG    1 
ATOM   447  C CD1   . PHE A 1 63  ? -4.141  9.248   1.949   1.00 11.83 ? 63  PHE A CD1   1 
ATOM   448  C CD2   . PHE A 1 63  ? -5.276  8.542   -0.036  1.00 11.38 ? 63  PHE A CD2   1 
ATOM   449  C CE1   . PHE A 1 63  ? -4.474  10.576  1.675   1.00 11.90 ? 63  PHE A CE1   1 
ATOM   450  C CE2   . PHE A 1 63  ? -5.612  9.860   -0.318  1.00 10.90 ? 63  PHE A CE2   1 
ATOM   451  C CZ    . PHE A 1 63  ? -5.210  10.881  0.540   1.00 12.49 ? 63  PHE A CZ    1 
ATOM   452  N N     . LEU A 1 64  ? -1.111  5.213   2.078   1.00 11.05 ? 64  LEU A N     1 
ATOM   453  C CA    . LEU A 1 64  ? -0.516  4.032   2.693   1.00 10.72 ? 64  LEU A CA    1 
ATOM   454  C C     . LEU A 1 64  ? -0.880  4.067   4.175   1.00 9.48  ? 64  LEU A C     1 
ATOM   455  O O     . LEU A 1 64  ? -0.297  4.804   4.970   1.00 9.57  ? 64  LEU A O     1 
ATOM   456  C CB    . LEU A 1 64  ? 1.004   4.045   2.470   1.00 12.26 ? 64  LEU A CB    1 
ATOM   457  C CG    . LEU A 1 64  ? 1.406   4.186   0.991   1.00 14.67 ? 64  LEU A CG    1 
ATOM   458  C CD1   . LEU A 1 64  ? 2.922   4.267   0.852   1.00 18.61 ? 64  LEU A CD1   1 
ATOM   459  C CD2   . LEU A 1 64  ? 0.873   3.005   0.193   1.00 14.76 ? 64  LEU A CD2   1 
ATOM   460  N N     . VAL A 1 65  ? -1.861  3.247   4.526   1.00 11.29 ? 65  VAL A N     1 
ATOM   461  C CA    . VAL A 1 65  ? -2.402  3.195   5.873   1.00 10.39 ? 65  VAL A CA    1 
ATOM   462  C C     . VAL A 1 65  ? -2.031  1.975   6.698   1.00 10.74 ? 65  VAL A C     1 
ATOM   463  O O     . VAL A 1 65  ? -2.045  0.845   6.210   1.00 12.06 ? 65  VAL A O     1 
ATOM   464  C CB    . VAL A 1 65  ? -3.947  3.289   5.800   1.00 9.27  ? 65  VAL A CB    1 
ATOM   465  C CG1   . VAL A 1 65  ? -4.557  3.187   7.185   1.00 9.15  ? 65  VAL A CG1   1 
ATOM   466  C CG2   . VAL A 1 65  ? -4.348  4.597   5.119   1.00 9.07  ? 65  VAL A CG2   1 
ATOM   467  N N     . SER A 1 66  ? -1.715  2.212   7.966   1.00 11.67 ? 66  SER A N     1 
ATOM   468  C CA    . SER A 1 66  ? -1.367  1.126   8.874   1.00 13.73 ? 66  SER A CA    1 
ATOM   469  C C     . SER A 1 66  ? -2.567  0.202   9.049   1.00 13.98 ? 66  SER A C     1 
ATOM   470  O O     . SER A 1 66  ? -3.714  0.659   9.101   1.00 10.60 ? 66  SER A O     1 
ATOM   471  C CB    . SER A 1 66  ? -0.960  1.682   10.235  1.00 13.37 ? 66  SER A CB    1 
ATOM   472  O OG    . SER A 1 66  ? -0.732  0.632   11.151  1.00 15.39 ? 66  SER A OG    1 
ATOM   473  N N     . GLY A 1 67  ? -2.296  -1.096  9.143   1.00 13.52 ? 67  GLY A N     1 
ATOM   474  C CA    . GLY A 1 67  ? -3.363  -2.065  9.307   1.00 13.82 ? 67  GLY A CA    1 
ATOM   475  C C     . GLY A 1 67  ? -4.232  -1.829  10.529  1.00 14.76 ? 67  GLY A C     1 
ATOM   476  O O     . GLY A 1 67  ? -5.370  -2.293  10.579  1.00 16.07 ? 67  GLY A O     1 
ATOM   477  N N     . LYS A 1 68  ? -3.706  -1.104  11.513  1.00 14.53 ? 68  LYS A N     1 
ATOM   478  C CA    . LYS A 1 68  ? -4.448  -0.823  12.742  1.00 15.11 ? 68  LYS A CA    1 
ATOM   479  C C     . LYS A 1 68  ? -5.309  0.446   12.698  1.00 15.46 ? 68  LYS A C     1 
ATOM   480  O O     . LYS A 1 68  ? -6.093  0.686   13.615  1.00 11.77 ? 68  LYS A O     1 
ATOM   481  C CB    . LYS A 1 68  ? -3.480  -0.699  13.916  1.00 16.58 ? 68  LYS A CB    1 
ATOM   482  C CG    . LYS A 1 68  ? -2.640  0.568   13.880  1.00 18.68 ? 68  LYS A CG    1 
ATOM   483  C CD    . LYS A 1 68  ? -1.653  0.629   15.048  1.00 18.62 ? 68  LYS A CD    1 
ATOM   484  C CE    . LYS A 1 68  ? -0.736  1.837   14.911  1.00 20.93 ? 68  LYS A CE    1 
ATOM   485  N NZ    . LYS A 1 68  ? 0.487   1.731   15.764  1.00 19.86 ? 68  LYS A NZ    1 
ATOM   486  N N     . ASN A 1 69  ? -5.157  1.253   11.647  1.00 14.45 ? 69  ASN A N     1 
ATOM   487  C CA    . ASN A 1 69  ? -5.910  2.502   11.528  1.00 15.67 ? 69  ASN A CA    1 
ATOM   488  C C     . ASN A 1 69  ? -6.938  2.543   10.404  1.00 15.97 ? 69  ASN A C     1 
ATOM   489  O O     . ASN A 1 69  ? -6.850  1.796   9.430   1.00 15.95 ? 69  ASN A O     1 
ATOM   490  C CB    . ASN A 1 69  ? -4.964  3.687   11.311  1.00 15.47 ? 69  ASN A CB    1 
ATOM   491  C CG    . ASN A 1 69  ? -3.991  3.883   12.450  1.00 15.68 ? 69  ASN A CG    1 
ATOM   492  O OD1   . ASN A 1 69  ? -4.349  3.750   13.620  1.00 17.26 ? 69  ASN A OD1   1 
ATOM   493  N ND2   . ASN A 1 69  ? -2.752  4.226   12.114  1.00 14.25 ? 69  ASN A ND2   1 
ATOM   494  N N     . ARG A 1 70  ? -7.901  3.446   10.550  1.00 16.30 ? 70  ARG A N     1 
ATOM   495  C CA    . ARG A 1 70  ? -8.938  3.656   9.546   1.00 16.87 ? 70  ARG A CA    1 
ATOM   496  C C     . ARG A 1 70  ? -8.625  5.000   8.897   1.00 15.61 ? 70  ARG A C     1 
ATOM   497  O O     . ARG A 1 70  ? -8.447  6.004   9.589   1.00 17.38 ? 70  ARG A O     1 
ATOM   498  C CB    . ARG A 1 70  ? -10.322 3.708   10.204  1.00 18.03 ? 70  ARG A CB    1 
ATOM   499  C CG    . ARG A 1 70  ? -11.481 4.005   9.247   1.00 18.23 ? 70  ARG A CG    1 
ATOM   500  C CD    . ARG A 1 70  ? -11.624 2.925   8.188   1.00 18.61 ? 70  ARG A CD    1 
ATOM   501  N NE    . ARG A 1 70  ? -12.739 3.166   7.273   1.00 19.15 ? 70  ARG A NE    1 
ATOM   502  C CZ    . ARG A 1 70  ? -14.012 2.865   7.531   1.00 19.11 ? 70  ARG A CZ    1 
ATOM   503  N NH1   . ARG A 1 70  ? -14.357 2.304   8.684   1.00 18.25 ? 70  ARG A NH1   1 
ATOM   504  N NH2   . ARG A 1 70  ? -14.946 3.121   6.629   1.00 17.16 ? 70  ARG A NH2   1 
ATOM   505  N N     . LEU A 1 71  ? -8.546  5.021   7.573   1.00 13.97 ? 71  LEU A N     1 
ATOM   506  C CA    . LEU A 1 71  ? -8.255  6.260   6.866   1.00 14.49 ? 71  LEU A CA    1 
ATOM   507  C C     . LEU A 1 71  ? -9.350  7.290   7.095   1.00 14.46 ? 71  LEU A C     1 
ATOM   508  O O     . LEU A 1 71  ? -10.535 7.014   6.891   1.00 14.12 ? 71  LEU A O     1 
ATOM   509  C CB    . LEU A 1 71  ? -8.115  6.017   5.361   1.00 15.54 ? 71  LEU A CB    1 
ATOM   510  C CG    . LEU A 1 71  ? -7.849  7.317   4.582   1.00 16.34 ? 71  LEU A CG    1 
ATOM   511  C CD1   . LEU A 1 71  ? -6.418  7.764   4.808   1.00 13.32 ? 71  LEU A CD1   1 
ATOM   512  C CD2   . LEU A 1 71  ? -8.101  7.106   3.107   1.00 17.92 ? 71  LEU A CD2   1 
ATOM   513  N N     . ASP A 1 72  ? -8.951  8.483   7.519   1.00 14.74 ? 72  ASP A N     1 
ATOM   514  C CA    . ASP A 1 72  ? -9.905  9.555   7.758   1.00 14.86 ? 72  ASP A CA    1 
ATOM   515  C C     . ASP A 1 72  ? -10.046 10.317  6.446   1.00 15.56 ? 72  ASP A C     1 
ATOM   516  O O     . ASP A 1 72  ? -9.116  11.006  6.018   1.00 15.47 ? 72  ASP A O     1 
ATOM   517  C CB    . ASP A 1 72  ? -9.393  10.480  8.866   1.00 15.55 ? 72  ASP A CB    1 
ATOM   518  C CG    . ASP A 1 72  ? -10.426 11.512  9.289   1.00 18.55 ? 72  ASP A CG    1 
ATOM   519  O OD1   . ASP A 1 72  ? -10.829 12.325  8.435   1.00 16.14 ? 72  ASP A OD1   1 
ATOM   520  O OD2   . ASP A 1 72  ? -10.835 11.510  10.474  1.00 21.51 ? 72  ASP A OD2   1 
ATOM   521  N N     . LEU A 1 73  ? -11.204 10.181  5.805   1.00 14.63 ? 73  LEU A N     1 
ATOM   522  C CA    . LEU A 1 73  ? -11.449 10.836  4.524   1.00 16.54 ? 73  LEU A CA    1 
ATOM   523  C C     . LEU A 1 73  ? -11.404 12.349  4.653   1.00 16.59 ? 73  LEU A C     1 
ATOM   524  O O     . LEU A 1 73  ? -11.041 13.055  3.707   1.00 18.26 ? 73  LEU A O     1 
ATOM   525  C CB    . LEU A 1 73  ? -12.799 10.398  3.948   1.00 16.35 ? 73  LEU A CB    1 
ATOM   526  C CG    . LEU A 1 73  ? -13.153 10.934  2.558   1.00 19.05 ? 73  LEU A CG    1 
ATOM   527  C CD1   . LEU A 1 73  ? -12.074 10.551  1.548   1.00 18.21 ? 73  LEU A CD1   1 
ATOM   528  C CD2   . LEU A 1 73  ? -14.493 10.355  2.126   1.00 20.85 ? 73  LEU A CD2   1 
ATOM   529  N N     . GLY A 1 74  ? -11.776 12.843  5.827   1.00 17.09 ? 74  GLY A N     1 
ATOM   530  C CA    . GLY A 1 74  ? -11.746 14.271  6.067   1.00 16.65 ? 74  GLY A CA    1 
ATOM   531  C C     . GLY A 1 74  ? -10.307 14.744  5.995   1.00 16.71 ? 74  GLY A C     1 
ATOM   532  O O     . GLY A 1 74  ? -9.997  15.733  5.330   1.00 18.73 ? 74  GLY A O     1 
ATOM   533  N N     . LYS A 1 75  ? -9.422  14.021  6.673   1.00 14.61 ? 75  LYS A N     1 
ATOM   534  C CA    . LYS A 1 75  ? -8.007  14.364  6.677   1.00 14.63 ? 75  LYS A CA    1 
ATOM   535  C C     . LYS A 1 75  ? -7.406  14.248  5.283   1.00 13.24 ? 75  LYS A C     1 
ATOM   536  O O     . LYS A 1 75  ? -6.697  15.139  4.830   1.00 14.95 ? 75  LYS A O     1 
ATOM   537  C CB    . LYS A 1 75  ? -7.248  13.462  7.655   1.00 15.24 ? 75  LYS A CB    1 
ATOM   538  C CG    . LYS A 1 75  ? -7.649  13.689  9.112   1.00 16.44 ? 75  LYS A CG    1 
ATOM   539  C CD    . LYS A 1 75  ? -6.805  12.877  10.076  1.00 17.81 ? 75  LYS A CD    1 
ATOM   540  C CE    . LYS A 1 75  ? -7.233  13.131  11.520  1.00 19.69 ? 75  LYS A CE    1 
ATOM   541  N NZ    . LYS A 1 75  ? -6.453  12.301  12.479  1.00 21.24 ? 75  LYS A NZ    1 
ATOM   542  N N     . ALA A 1 76  ? -7.700  13.150  4.602   1.00 12.76 ? 76  ALA A N     1 
ATOM   543  C CA    . ALA A 1 76  ? -7.181  12.932  3.263   1.00 13.24 ? 76  ALA A CA    1 
ATOM   544  C C     . ALA A 1 76  ? -7.598  14.072  2.340   1.00 14.16 ? 76  ALA A C     1 
ATOM   545  O O     . ALA A 1 76  ? -6.777  14.612  1.599   1.00 12.50 ? 76  ALA A O     1 
ATOM   546  C CB    . ALA A 1 76  ? -7.686  11.596  2.719   1.00 14.09 ? 76  ALA A CB    1 
ATOM   547  N N     . THR A 1 77  ? -8.877  14.432  2.396   1.00 14.51 ? 77  THR A N     1 
ATOM   548  C CA    . THR A 1 77  ? -9.417  15.508  1.567   1.00 15.91 ? 77  THR A CA    1 
ATOM   549  C C     . THR A 1 77  ? -8.676  16.824  1.795   1.00 16.26 ? 77  THR A C     1 
ATOM   550  O O     . THR A 1 77  ? -8.350  17.530  0.843   1.00 14.73 ? 77  THR A O     1 
ATOM   551  C CB    . THR A 1 77  ? -10.919 15.719  1.860   1.00 16.27 ? 77  THR A CB    1 
ATOM   552  O OG1   . THR A 1 77  ? -11.645 14.571  1.418   1.00 18.86 ? 77  THR A OG1   1 
ATOM   553  C CG2   . THR A 1 77  ? -11.448 16.957  1.154   1.00 16.91 ? 77  THR A CG2   1 
ATOM   554  N N     . ARG A 1 78  ? -8.420  17.152  3.060   1.00 17.55 ? 78  ARG A N     1 
ATOM   555  C CA    . ARG A 1 78  ? -7.707  18.380  3.402   1.00 18.38 ? 78  ARG A CA    1 
ATOM   556  C C     . ARG A 1 78  ? -6.281  18.348  2.861   1.00 18.06 ? 78  ARG A C     1 
ATOM   557  O O     . ARG A 1 78  ? -5.812  19.315  2.262   1.00 19.14 ? 78  ARG A O     1 
ATOM   558  C CB    . ARG A 1 78  ? -7.686  18.570  4.921   1.00 18.04 ? 78  ARG A CB    1 
ATOM   559  C CG    . ARG A 1 78  ? -6.791  19.694  5.391   1.00 21.67 ? 78  ARG A CG    1 
ATOM   560  C CD    . ARG A 1 78  ? -7.043  20.050  6.849   1.00 23.03 ? 78  ARG A CD    1 
ATOM   561  N NE    . ARG A 1 78  ? -8.301  20.772  7.024   1.00 24.76 ? 78  ARG A NE    1 
ATOM   562  C CZ    . ARG A 1 78  ? -8.716  21.283  8.183   1.00 27.04 ? 78  ARG A CZ    1 
ATOM   563  N NH1   . ARG A 1 78  ? -7.972  21.148  9.273   1.00 27.07 ? 78  ARG A NH1   1 
ATOM   564  N NH2   . ARG A 1 78  ? -9.873  21.932  8.256   1.00 25.62 ? 78  ARG A NH2   1 
ATOM   565  N N     . LEU A 1 79  ? -5.597  17.227  3.077   1.00 18.52 ? 79  LEU A N     1 
ATOM   566  C CA    . LEU A 1 79  ? -4.228  17.039  2.605   1.00 16.55 ? 79  LEU A CA    1 
ATOM   567  C C     . LEU A 1 79  ? -4.102  17.276  1.103   1.00 18.16 ? 79  LEU A C     1 
ATOM   568  O O     . LEU A 1 79  ? -3.219  18.004  0.658   1.00 19.48 ? 79  LEU A O     1 
ATOM   569  C CB    . LEU A 1 79  ? -3.750  15.622  2.935   1.00 12.88 ? 79  LEU A CB    1 
ATOM   570  C CG    . LEU A 1 79  ? -3.368  15.358  4.391   1.00 15.47 ? 79  LEU A CG    1 
ATOM   571  C CD1   . LEU A 1 79  ? -3.274  13.859  4.654   1.00 14.53 ? 79  LEU A CD1   1 
ATOM   572  C CD2   . LEU A 1 79  ? -2.040  16.050  4.689   1.00 12.57 ? 79  LEU A CD2   1 
ATOM   573  N N     . VAL A 1 80  ? -4.976  16.646  0.323   1.00 17.90 ? 80  VAL A N     1 
ATOM   574  C CA    . VAL A 1 80  ? -4.943  16.806  -1.125  1.00 18.68 ? 80  VAL A CA    1 
ATOM   575  C C     . VAL A 1 80  ? -5.396  18.210  -1.512  1.00 20.45 ? 80  VAL A C     1 
ATOM   576  O O     . VAL A 1 80  ? -4.891  18.794  -2.476  1.00 20.12 ? 80  VAL A O     1 
ATOM   577  C CB    . VAL A 1 80  ? -5.840  15.755  -1.821  1.00 19.20 ? 80  VAL A CB    1 
ATOM   578  C CG1   . VAL A 1 80  ? -6.103  16.160  -3.268  1.00 20.74 ? 80  VAL A CG1   1 
ATOM   579  C CG2   . VAL A 1 80  ? -5.153  14.398  -1.789  1.00 16.64 ? 80  VAL A CG2   1 
ATOM   580  N N     . GLY A 1 81  ? -6.342  18.754  -0.752  1.00 20.02 ? 81  GLY A N     1 
ATOM   581  C CA    . GLY A 1 81  ? -6.829  20.091  -1.031  1.00 21.13 ? 81  GLY A CA    1 
ATOM   582  C C     . GLY A 1 81  ? -7.941  20.109  -2.055  1.00 21.48 ? 81  GLY A C     1 
ATOM   583  O O     . GLY A 1 81  ? -8.074  21.057  -2.820  1.00 22.01 ? 81  GLY A O     1 
ATOM   584  N N     . GLY A 1 82  ? -8.745  19.053  -2.066  1.00 21.97 ? 82  GLY A N     1 
ATOM   585  C CA    . GLY A 1 82  ? -9.844  18.973  -3.007  1.00 21.54 ? 82  GLY A CA    1 
ATOM   586  C C     . GLY A 1 82  ? -10.709 17.775  -2.686  1.00 21.73 ? 82  GLY A C     1 
ATOM   587  O O     . GLY A 1 82  ? -10.279 16.888  -1.952  1.00 19.15 ? 82  GLY A O     1 
ATOM   588  N N     . PRO A 1 83  ? -11.937 17.714  -3.217  1.00 22.19 ? 83  PRO A N     1 
ATOM   589  C CA    . PRO A 1 83  ? -12.810 16.571  -2.931  1.00 23.58 ? 83  PRO A CA    1 
ATOM   590  C C     . PRO A 1 83  ? -12.179 15.238  -3.314  1.00 23.71 ? 83  PRO A C     1 
ATOM   591  O O     . PRO A 1 83  ? -11.464 15.138  -4.307  1.00 24.17 ? 83  PRO A O     1 
ATOM   592  C CB    . PRO A 1 83  ? -14.071 16.885  -3.736  1.00 22.38 ? 83  PRO A CB    1 
ATOM   593  C CG    . PRO A 1 83  ? -13.560 17.718  -4.857  1.00 23.76 ? 83  PRO A CG    1 
ATOM   594  C CD    . PRO A 1 83  ? -12.574 18.633  -4.172  1.00 22.18 ? 83  PRO A CD    1 
ATOM   595  N N     . LEU A 1 84  ? -12.456 14.219  -2.511  1.00 24.30 ? 84  LEU A N     1 
ATOM   596  C CA    . LEU A 1 84  ? -11.919 12.883  -2.734  1.00 24.72 ? 84  LEU A CA    1 
ATOM   597  C C     . LEU A 1 84  ? -12.976 11.822  -2.486  1.00 24.50 ? 84  LEU A C     1 
ATOM   598  O O     . LEU A 1 84  ? -13.952 12.053  -1.774  1.00 23.57 ? 84  LEU A O     1 
ATOM   599  C CB    . LEU A 1 84  ? -10.753 12.614  -1.780  1.00 23.91 ? 84  LEU A CB    1 
ATOM   600  C CG    . LEU A 1 84  ? -9.369  13.188  -2.062  1.00 24.89 ? 84  LEU A CG    1 
ATOM   601  C CD1   . LEU A 1 84  ? -8.471  12.992  -0.836  1.00 22.77 ? 84  LEU A CD1   1 
ATOM   602  C CD2   . LEU A 1 84  ? -8.783  12.499  -3.286  1.00 23.23 ? 84  LEU A CD2   1 
ATOM   603  N N     . ARG A 1 85  ? -12.770 10.655  -3.081  1.00 24.15 ? 85  ARG A N     1 
ATOM   604  C CA    . ARG A 1 85  ? -13.676 9.539   -2.881  1.00 25.58 ? 85  ARG A CA    1 
ATOM   605  C C     . ARG A 1 85  ? -12.936 8.235   -3.106  1.00 25.43 ? 85  ARG A C     1 
ATOM   606  O O     . ARG A 1 85  ? -12.035 8.143   -3.941  1.00 24.01 ? 85  ARG A O     1 
ATOM   607  C CB    . ARG A 1 85  ? -14.892 9.622   -3.811  1.00 25.54 ? 85  ARG A CB    1 
ATOM   608  C CG    . ARG A 1 85  ? -14.597 9.448   -5.283  1.00 27.03 ? 85  ARG A CG    1 
ATOM   609  C CD    . ARG A 1 85  ? -15.895 9.412   -6.084  1.00 27.19 ? 85  ARG A CD    1 
ATOM   610  N NE    . ARG A 1 85  ? -15.651 9.242   -7.512  1.00 27.61 ? 85  ARG A NE    1 
ATOM   611  C CZ    . ARG A 1 85  ? -15.112 8.154   -8.058  1.00 28.89 ? 85  ARG A CZ    1 
ATOM   612  N NH1   . ARG A 1 85  ? -14.757 7.124   -7.296  1.00 26.73 ? 85  ARG A NH1   1 
ATOM   613  N NH2   . ARG A 1 85  ? -14.919 8.100   -9.368  1.00 27.44 ? 85  ARG A NH2   1 
ATOM   614  N N     . GLN A 1 86  ? -13.314 7.236   -2.324  1.00 26.08 ? 86  GLN A N     1 
ATOM   615  C CA    . GLN A 1 86  ? -12.724 5.916   -2.415  1.00 26.50 ? 86  GLN A CA    1 
ATOM   616  C C     . GLN A 1 86  ? -12.967 5.403   -3.825  1.00 24.27 ? 86  GLN A C     1 
ATOM   617  O O     . GLN A 1 86  ? -14.077 5.506   -4.344  1.00 24.92 ? 86  GLN A O     1 
ATOM   618  C CB    . GLN A 1 86  ? -13.384 5.002   -1.378  1.00 27.37 ? 86  GLN A CB    1 
ATOM   619  C CG    . GLN A 1 86  ? -13.054 3.527   -1.494  1.00 30.88 ? 86  GLN A CG    1 
ATOM   620  C CD    . GLN A 1 86  ? -13.752 2.703   -0.422  1.00 33.04 ? 86  GLN A CD    1 
ATOM   621  O OE1   . GLN A 1 86  ? -13.389 2.760   0.752   1.00 34.93 ? 86  GLN A OE1   1 
ATOM   622  N NE2   . GLN A 1 86  ? -14.767 1.946   -0.821  1.00 32.83 ? 86  GLN A NE2   1 
ATOM   623  N N     . ALA A 1 87  ? -11.923 4.871   -4.449  1.00 22.17 ? 87  ALA A N     1 
ATOM   624  C CA    . ALA A 1 87  ? -12.031 4.343   -5.799  1.00 20.29 ? 87  ALA A CA    1 
ATOM   625  C C     . ALA A 1 87  ? -12.791 3.024   -5.797  1.00 20.08 ? 87  ALA A C     1 
ATOM   626  O O     . ALA A 1 87  ? -12.635 2.211   -4.890  1.00 18.62 ? 87  ALA A O     1 
ATOM   627  C CB    . ALA A 1 87  ? -10.647 4.134   -6.390  1.00 20.73 ? 87  ALA A CB    1 
ATOM   628  N N     . THR A 1 88  ? -13.612 2.814   -6.822  1.00 18.76 ? 88  THR A N     1 
ATOM   629  C CA    . THR A 1 88  ? -14.375 1.583   -6.932  1.00 18.39 ? 88  THR A CA    1 
ATOM   630  C C     . THR A 1 88  ? -13.394 0.481   -7.298  1.00 18.85 ? 88  THR A C     1 
ATOM   631  O O     . THR A 1 88  ? -12.289 0.759   -7.765  1.00 17.77 ? 88  THR A O     1 
ATOM   632  C CB    . THR A 1 88  ? -15.437 1.671   -8.045  1.00 16.95 ? 88  THR A CB    1 
ATOM   633  O OG1   . THR A 1 88  ? -14.780 1.818   -9.307  1.00 17.33 ? 88  THR A OG1   1 
ATOM   634  C CG2   . THR A 1 88  ? -16.364 2.869   -7.819  1.00 16.68 ? 88  THR A CG2   1 
ATOM   635  N N     . PRO A 1 89  ? -13.781 -0.784  -7.086  1.00 19.45 ? 89  PRO A N     1 
ATOM   636  C CA    . PRO A 1 89  ? -12.902 -1.909  -7.414  1.00 20.56 ? 89  PRO A CA    1 
ATOM   637  C C     . PRO A 1 89  ? -12.440 -1.785  -8.860  1.00 20.57 ? 89  PRO A C     1 
ATOM   638  O O     . PRO A 1 89  ? -11.301 -2.107  -9.201  1.00 21.48 ? 89  PRO A O     1 
ATOM   639  C CB    . PRO A 1 89  ? -13.806 -3.123  -7.201  1.00 19.32 ? 89  PRO A CB    1 
ATOM   640  C CG    . PRO A 1 89  ? -14.703 -2.672  -6.088  1.00 19.95 ? 89  PRO A CG    1 
ATOM   641  C CD    . PRO A 1 89  ? -15.053 -1.262  -6.516  1.00 20.42 ? 89  PRO A CD    1 
ATOM   642  N N     . GLU A 1 90  ? -13.345 -1.304  -9.705  1.00 21.52 ? 90  GLU A N     1 
ATOM   643  C CA    . GLU A 1 90  ? -13.066 -1.124  -11.121 1.00 21.53 ? 90  GLU A CA    1 
ATOM   644  C C     . GLU A 1 90  ? -11.993 -0.060  -11.347 1.00 20.34 ? 90  GLU A C     1 
ATOM   645  O O     . GLU A 1 90  ? -11.059 -0.268  -12.124 1.00 21.51 ? 90  GLU A O     1 
ATOM   646  C CB    . GLU A 1 90  ? -14.352 -0.736  -11.859 1.00 23.77 ? 90  GLU A CB    1 
ATOM   647  C CG    . GLU A 1 90  ? -15.431 -1.832  -11.902 1.00 27.63 ? 90  GLU A CG    1 
ATOM   648  C CD    . GLU A 1 90  ? -15.924 -2.276  -10.523 1.00 29.73 ? 90  GLU A CD    1 
ATOM   649  O OE1   . GLU A 1 90  ? -16.259 -1.408  -9.688  1.00 28.89 ? 90  GLU A OE1   1 
ATOM   650  O OE2   . GLU A 1 90  ? -15.992 -3.502  -10.281 1.00 31.66 ? 90  GLU A OE2   1 
ATOM   651  N N     . GLU A 1 91  ? -12.126 1.075   -10.667 1.00 19.25 ? 91  GLU A N     1 
ATOM   652  C CA    . GLU A 1 91  ? -11.164 2.164   -10.804 1.00 19.04 ? 91  GLU A CA    1 
ATOM   653  C C     . GLU A 1 91  ? -9.784  1.769   -10.287 1.00 18.23 ? 91  GLU A C     1 
ATOM   654  O O     . GLU A 1 91  ? -8.763  2.192   -10.830 1.00 18.04 ? 91  GLU A O     1 
ATOM   655  C CB    . GLU A 1 91  ? -11.663 3.404   -10.062 1.00 19.89 ? 91  GLU A CB    1 
ATOM   656  C CG    . GLU A 1 91  ? -12.970 3.953   -10.616 1.00 23.01 ? 91  GLU A CG    1 
ATOM   657  C CD    . GLU A 1 91  ? -13.511 5.101   -9.796  1.00 21.07 ? 91  GLU A CD    1 
ATOM   658  O OE1   . GLU A 1 91  ? -13.624 4.951   -8.564  1.00 23.01 ? 91  GLU A OE1   1 
ATOM   659  O OE2   . GLU A 1 91  ? -13.829 6.152   -10.385 1.00 22.26 ? 91  GLU A OE2   1 
ATOM   660  N N     . VAL A 1 92  ? -9.753  0.959   -9.234  1.00 17.56 ? 92  VAL A N     1 
ATOM   661  C CA    . VAL A 1 92  ? -8.483  0.506   -8.680  1.00 17.25 ? 92  VAL A CA    1 
ATOM   662  C C     . VAL A 1 92  ? -7.711  -0.245  -9.768  1.00 17.57 ? 92  VAL A C     1 
ATOM   663  O O     . VAL A 1 92  ? -6.519  -0.017  -9.978  1.00 15.27 ? 92  VAL A O     1 
ATOM   664  C CB    . VAL A 1 92  ? -8.703  -0.446  -7.481  1.00 16.53 ? 92  VAL A CB    1 
ATOM   665  C CG1   . VAL A 1 92  ? -7.382  -1.108  -7.092  1.00 14.89 ? 92  VAL A CG1   1 
ATOM   666  C CG2   . VAL A 1 92  ? -9.288  0.326   -6.293  1.00 14.22 ? 92  VAL A CG2   1 
ATOM   667  N N     . ARG A 1 93  ? -8.413  -1.135  -10.464 1.00 18.22 ? 93  ARG A N     1 
ATOM   668  C CA    . ARG A 1 93  ? -7.813  -1.940  -11.523 1.00 20.00 ? 93  ARG A CA    1 
ATOM   669  C C     . ARG A 1 93  ? -7.292  -1.095  -12.679 1.00 19.87 ? 93  ARG A C     1 
ATOM   670  O O     . ARG A 1 93  ? -6.169  -1.301  -13.143 1.00 18.64 ? 93  ARG A O     1 
ATOM   671  C CB    . ARG A 1 93  ? -8.831  -2.959  -12.036 1.00 22.37 ? 93  ARG A CB    1 
ATOM   672  C CG    . ARG A 1 93  ? -8.359  -3.826  -13.185 1.00 26.50 ? 93  ARG A CG    1 
ATOM   673  C CD    . ARG A 1 93  ? -9.466  -4.785  -13.585 1.00 31.24 ? 93  ARG A CD    1 
ATOM   674  N NE    . ARG A 1 93  ? -10.714 -4.078  -13.865 1.00 32.66 ? 93  ARG A NE    1 
ATOM   675  C CZ    . ARG A 1 93  ? -11.917 -4.650  -13.865 1.00 35.46 ? 93  ARG A CZ    1 
ATOM   676  N NH1   . ARG A 1 93  ? -12.038 -5.948  -13.601 1.00 33.02 ? 93  ARG A NH1   1 
ATOM   677  N NH2   . ARG A 1 93  ? -13.002 -3.922  -14.117 1.00 33.28 ? 93  ARG A NH2   1 
ATOM   678  N N     . GLU A 1 94  ? -8.097  -0.146  -13.145 1.00 20.34 ? 94  GLU A N     1 
ATOM   679  C CA    . GLU A 1 94  ? -7.666  0.714   -14.245 1.00 23.49 ? 94  GLU A CA    1 
ATOM   680  C C     . GLU A 1 94  ? -6.476  1.587   -13.856 1.00 24.24 ? 94  GLU A C     1 
ATOM   681  O O     . GLU A 1 94  ? -5.510  1.719   -14.610 1.00 25.23 ? 94  GLU A O     1 
ATOM   682  C CB    . GLU A 1 94  ? -8.807  1.620   -14.711 1.00 26.30 ? 94  GLU A CB    1 
ATOM   683  C CG    . GLU A 1 94  ? -9.996  0.883   -15.300 1.00 32.58 ? 94  GLU A CG    1 
ATOM   684  C CD    . GLU A 1 94  ? -10.886 1.791   -16.134 1.00 37.44 ? 94  GLU A CD    1 
ATOM   685  O OE1   . GLU A 1 94  ? -11.305 2.852   -15.618 1.00 38.68 ? 94  GLU A OE1   1 
ATOM   686  O OE2   . GLU A 1 94  ? -11.166 1.441   -17.306 1.00 38.10 ? 94  GLU A OE2   1 
ATOM   687  N N     . LEU A 1 95  ? -6.547  2.181   -12.670 1.00 23.73 ? 95  LEU A N     1 
ATOM   688  C CA    . LEU A 1 95  ? -5.486  3.058   -12.194 1.00 23.89 ? 95  LEU A CA    1 
ATOM   689  C C     . LEU A 1 95  ? -4.183  2.356   -11.850 1.00 22.76 ? 95  LEU A C     1 
ATOM   690  O O     . LEU A 1 95  ? -3.131  2.702   -12.379 1.00 22.69 ? 95  LEU A O     1 
ATOM   691  C CB    . LEU A 1 95  ? -5.964  3.846   -10.970 1.00 24.33 ? 95  LEU A CB    1 
ATOM   692  C CG    . LEU A 1 95  ? -7.123  4.826   -11.175 1.00 24.83 ? 95  LEU A CG    1 
ATOM   693  C CD1   . LEU A 1 95  ? -7.504  5.443   -9.837  1.00 25.78 ? 95  LEU A CD1   1 
ATOM   694  C CD2   . LEU A 1 95  ? -6.720  5.910   -12.169 1.00 24.59 ? 95  LEU A CD2   1 
ATOM   695  N N     . THR A 1 96  ? -4.262  1.365   -10.966 1.00 23.73 ? 96  THR A N     1 
ATOM   696  C CA    . THR A 1 96  ? -3.085  0.636   -10.505 1.00 21.26 ? 96  THR A CA    1 
ATOM   697  C C     . THR A 1 96  ? -2.683  -0.577  -11.336 1.00 22.42 ? 96  THR A C     1 
ATOM   698  O O     . THR A 1 96  ? -1.495  -0.831  -11.520 1.00 23.57 ? 96  THR A O     1 
ATOM   699  C CB    . THR A 1 96  ? -3.278  0.159   -9.051  1.00 20.30 ? 96  THR A CB    1 
ATOM   700  O OG1   . THR A 1 96  ? -4.230  -0.912  -9.020  1.00 18.38 ? 96  THR A OG1   1 
ATOM   701  C CG2   . THR A 1 96  ? -3.788  1.298   -8.182  1.00 18.99 ? 96  THR A CG2   1 
ATOM   702  N N     . GLY A 1 97  ? -3.670  -1.326  -11.821 1.00 22.76 ? 97  GLY A N     1 
ATOM   703  C CA    . GLY A 1 97  ? -3.390  -2.523  -12.597 1.00 22.46 ? 97  GLY A CA    1 
ATOM   704  C C     . GLY A 1 97  ? -3.507  -3.773  -11.732 1.00 22.78 ? 97  GLY A C     1 
ATOM   705  O O     . GLY A 1 97  ? -3.206  -4.887  -12.170 1.00 22.63 ? 97  GLY A O     1 
ATOM   706  N N     . PHE A 1 98  ? -3.949  -3.578  -10.492 1.00 21.11 ? 98  PHE A N     1 
ATOM   707  C CA    . PHE A 1 98  ? -4.117  -4.669  -9.538  1.00 19.46 ? 98  PHE A CA    1 
ATOM   708  C C     . PHE A 1 98  ? -5.529  -4.621  -8.961  1.00 19.09 ? 98  PHE A C     1 
ATOM   709  O O     . PHE A 1 98  ? -6.204  -3.591  -9.033  1.00 19.82 ? 98  PHE A O     1 
ATOM   710  C CB    . PHE A 1 98  ? -3.104  -4.527  -8.404  1.00 18.53 ? 98  PHE A CB    1 
ATOM   711  C CG    . PHE A 1 98  ? -1.679  -4.427  -8.867  1.00 17.90 ? 98  PHE A CG    1 
ATOM   712  C CD1   . PHE A 1 98  ? -0.860  -5.556  -8.901  1.00 16.79 ? 98  PHE A CD1   1 
ATOM   713  C CD2   . PHE A 1 98  ? -1.152  -3.203  -9.273  1.00 17.21 ? 98  PHE A CD2   1 
ATOM   714  C CE1   . PHE A 1 98  ? 0.467   -5.466  -9.332  1.00 16.84 ? 98  PHE A CE1   1 
ATOM   715  C CE2   . PHE A 1 98  ? 0.175   -3.100  -9.708  1.00 16.37 ? 98  PHE A CE2   1 
ATOM   716  C CZ    . PHE A 1 98  ? 0.985   -4.232  -9.736  1.00 14.94 ? 98  PHE A CZ    1 
ATOM   717  N N     . ALA A 1 99  ? -5.970  -5.734  -8.384  1.00 19.15 ? 99  ALA A N     1 
ATOM   718  C CA    . ALA A 1 99  ? -7.300  -5.815  -7.790  1.00 17.47 ? 99  ALA A CA    1 
ATOM   719  C C     . ALA A 1 99  ? -7.218  -5.584  -6.287  1.00 17.35 ? 99  ALA A C     1 
ATOM   720  O O     . ALA A 1 99  ? -6.230  -5.955  -5.649  1.00 16.22 ? 99  ALA A O     1 
ATOM   721  C CB    . ALA A 1 99  ? -7.913  -7.180  -8.076  1.00 18.88 ? 99  ALA A CB    1 
ATOM   722  N N     . ILE A 1 100 ? -8.258  -4.972  -5.722  1.00 17.28 ? 100 ILE A N     1 
ATOM   723  C CA    . ILE A 1 100 ? -8.290  -4.698  -4.291  1.00 17.64 ? 100 ILE A CA    1 
ATOM   724  C C     . ILE A 1 100 ? -8.006  -5.965  -3.495  1.00 17.67 ? 100 ILE A C     1 
ATOM   725  O O     . ILE A 1 100 ? -8.443  -7.055  -3.870  1.00 15.69 ? 100 ILE A O     1 
ATOM   726  C CB    . ILE A 1 100 ? -9.658  -4.123  -3.840  1.00 19.97 ? 100 ILE A CB    1 
ATOM   727  C CG1   . ILE A 1 100 ? -10.776 -5.134  -4.107  1.00 21.23 ? 100 ILE A CG1   1 
ATOM   728  C CG2   . ILE A 1 100 ? -9.919  -2.793  -4.534  1.00 18.80 ? 100 ILE A CG2   1 
ATOM   729  C CD1   . ILE A 1 100 ? -11.102 -5.352  -5.572  1.00 25.35 ? 100 ILE A CD1   1 
ATOM   730  N N     . GLY A 1 101 ? -7.282  -5.807  -2.390  1.00 18.44 ? 101 GLY A N     1 
ATOM   731  C CA    . GLY A 1 101 ? -6.918  -6.941  -1.561  1.00 15.81 ? 101 GLY A CA    1 
ATOM   732  C C     . GLY A 1 101 ? -5.508  -7.378  -1.920  1.00 17.01 ? 101 GLY A C     1 
ATOM   733  O O     . GLY A 1 101 ? -4.907  -8.222  -1.244  1.00 16.30 ? 101 GLY A O     1 
ATOM   734  N N     . GLY A 1 102 ? -4.980  -6.789  -2.994  1.00 15.60 ? 102 GLY A N     1 
ATOM   735  C CA    . GLY A 1 102 ? -3.639  -7.108  -3.453  1.00 15.21 ? 102 GLY A CA    1 
ATOM   736  C C     . GLY A 1 102 ? -2.898  -5.885  -3.969  1.00 15.59 ? 102 GLY A C     1 
ATOM   737  O O     . GLY A 1 102 ? -1.772  -5.983  -4.465  1.00 13.13 ? 102 GLY A O     1 
ATOM   738  N N     . VAL A 1 103 ? -3.538  -4.727  -3.846  1.00 15.37 ? 103 VAL A N     1 
ATOM   739  C CA    . VAL A 1 103 ? -2.960  -3.474  -4.301  1.00 14.32 ? 103 VAL A CA    1 
ATOM   740  C C     . VAL A 1 103 ? -1.658  -3.158  -3.580  1.00 15.15 ? 103 VAL A C     1 
ATOM   741  O O     . VAL A 1 103 ? -1.643  -2.936  -2.365  1.00 16.99 ? 103 VAL A O     1 
ATOM   742  C CB    . VAL A 1 103 ? -3.930  -2.296  -4.083  1.00 15.61 ? 103 VAL A CB    1 
ATOM   743  C CG1   . VAL A 1 103 ? -3.296  -1.001  -4.594  1.00 14.33 ? 103 VAL A CG1   1 
ATOM   744  C CG2   . VAL A 1 103 ? -5.253  -2.571  -4.793  1.00 12.62 ? 103 VAL A CG2   1 
ATOM   745  N N     . PRO A 1 104 ? -0.547  -3.115  -4.332  1.00 14.32 ? 104 PRO A N     1 
ATOM   746  C CA    . PRO A 1 104 ? 0.789   -2.827  -3.813  1.00 13.76 ? 104 PRO A CA    1 
ATOM   747  C C     . PRO A 1 104 ? 1.054   -1.322  -3.808  1.00 13.70 ? 104 PRO A C     1 
ATOM   748  O O     . PRO A 1 104 ? 0.312   -0.548  -4.420  1.00 12.50 ? 104 PRO A O     1 
ATOM   749  C CB    . PRO A 1 104 ? 1.683   -3.540  -4.807  1.00 12.64 ? 104 PRO A CB    1 
ATOM   750  C CG    . PRO A 1 104 ? 1.008   -3.185  -6.095  1.00 13.33 ? 104 PRO A CG    1 
ATOM   751  C CD    . PRO A 1 104 ? -0.480  -3.397  -5.779  1.00 14.76 ? 104 PRO A CD    1 
ATOM   752  N N     . PRO A 1 105 ? 2.115   -0.892  -3.111  1.00 12.72 ? 105 PRO A N     1 
ATOM   753  C CA    . PRO A 1 105 ? 2.469   0.525   -3.040  1.00 14.12 ? 105 PRO A CA    1 
ATOM   754  C C     . PRO A 1 105 ? 3.314   0.996   -4.229  1.00 14.99 ? 105 PRO A C     1 
ATOM   755  O O     . PRO A 1 105 ? 3.631   2.182   -4.334  1.00 14.43 ? 105 PRO A O     1 
ATOM   756  C CB    . PRO A 1 105 ? 3.219   0.624   -1.714  1.00 13.10 ? 105 PRO A CB    1 
ATOM   757  C CG    . PRO A 1 105 ? 3.921   -0.691  -1.643  1.00 14.11 ? 105 PRO A CG    1 
ATOM   758  C CD    . PRO A 1 105 ? 2.855   -1.671  -2.098  1.00 12.96 ? 105 PRO A CD    1 
ATOM   759  N N     . VAL A 1 106 ? 3.672   0.071   -5.118  1.00 15.42 ? 106 VAL A N     1 
ATOM   760  C CA    . VAL A 1 106 ? 4.478   0.413   -6.294  1.00 17.76 ? 106 VAL A CA    1 
ATOM   761  C C     . VAL A 1 106 ? 4.105   -0.412  -7.531  1.00 17.78 ? 106 VAL A C     1 
ATOM   762  O O     . VAL A 1 106 ? 3.376   -1.397  -7.437  1.00 17.94 ? 106 VAL A O     1 
ATOM   763  C CB    . VAL A 1 106 ? 5.996   0.204   -6.033  1.00 17.83 ? 106 VAL A CB    1 
ATOM   764  C CG1   . VAL A 1 106 ? 6.429   0.963   -4.783  1.00 20.04 ? 106 VAL A CG1   1 
ATOM   765  C CG2   . VAL A 1 106 ? 6.301   -1.280  -5.896  1.00 17.65 ? 106 VAL A CG2   1 
ATOM   766  N N     . GLY A 1 107 ? 4.622   0.005   -8.683  1.00 17.85 ? 107 GLY A N     1 
ATOM   767  C CA    . GLY A 1 107 ? 4.366   -0.699  -9.929  1.00 16.62 ? 107 GLY A CA    1 
ATOM   768  C C     . GLY A 1 107 ? 2.993   -0.509  -10.551 1.00 16.69 ? 107 GLY A C     1 
ATOM   769  O O     . GLY A 1 107 ? 2.515   -1.394  -11.258 1.00 15.66 ? 107 GLY A O     1 
ATOM   770  N N     . HIS A 1 108 ? 2.355   0.631   -10.302 1.00 14.61 ? 108 HIS A N     1 
ATOM   771  C CA    . HIS A 1 108 ? 1.026   0.893   -10.864 1.00 17.31 ? 108 HIS A CA    1 
ATOM   772  C C     . HIS A 1 108 ? 1.106   1.361   -12.313 1.00 16.03 ? 108 HIS A C     1 
ATOM   773  O O     . HIS A 1 108 ? 2.194   1.573   -12.837 1.00 16.67 ? 108 HIS A O     1 
ATOM   774  C CB    . HIS A 1 108 ? 0.302   1.941   -10.022 1.00 16.60 ? 108 HIS A CB    1 
ATOM   775  C CG    . HIS A 1 108 ? 0.039   1.501   -8.620  1.00 19.79 ? 108 HIS A CG    1 
ATOM   776  N ND1   . HIS A 1 108 ? -0.291  2.380   -7.612  1.00 20.49 ? 108 HIS A ND1   1 
ATOM   777  C CD2   . HIS A 1 108 ? 0.054   0.269   -8.056  1.00 20.25 ? 108 HIS A CD2   1 
ATOM   778  C CE1   . HIS A 1 108 ? -0.465  1.710   -6.487  1.00 21.77 ? 108 HIS A CE1   1 
ATOM   779  N NE2   . HIS A 1 108 ? -0.262  0.427   -6.729  1.00 21.93 ? 108 HIS A NE2   1 
ATOM   780  N N     . ASN A 1 109 ? -0.046  1.508   -12.963 1.00 17.13 ? 109 ASN A N     1 
ATOM   781  C CA    . ASN A 1 109 ? -0.070  1.960   -14.351 1.00 17.62 ? 109 ASN A CA    1 
ATOM   782  C C     . ASN A 1 109 ? 0.422   3.404   -14.430 1.00 18.82 ? 109 ASN A C     1 
ATOM   783  O O     . ASN A 1 109 ? 0.838   3.880   -15.484 1.00 18.37 ? 109 ASN A O     1 
ATOM   784  C CB    . ASN A 1 109 ? -1.487  1.869   -14.928 1.00 18.18 ? 109 ASN A CB    1 
ATOM   785  C CG    . ASN A 1 109 ? -1.988  0.439   -15.021 1.00 17.42 ? 109 ASN A CG    1 
ATOM   786  O OD1   . ASN A 1 109 ? -1.216  -0.488  -15.272 1.00 16.16 ? 109 ASN A OD1   1 
ATOM   787  N ND2   . ASN A 1 109 ? -3.290  0.258   -14.839 1.00 15.23 ? 109 ASN A ND2   1 
ATOM   788  N N     . THR A 1 110 ? 0.352   4.090   -13.298 1.00 20.58 ? 110 THR A N     1 
ATOM   789  C CA    . THR A 1 110 ? 0.788   5.477   -13.187 1.00 21.51 ? 110 THR A CA    1 
ATOM   790  C C     . THR A 1 110 ? 1.167   5.690   -11.732 1.00 21.33 ? 110 THR A C     1 
ATOM   791  O O     . THR A 1 110 ? 0.393   5.360   -10.837 1.00 21.65 ? 110 THR A O     1 
ATOM   792  C CB    . THR A 1 110 ? -0.346  6.467   -13.528 1.00 22.20 ? 110 THR A CB    1 
ATOM   793  O OG1   . THR A 1 110 ? -0.737  6.303   -14.897 1.00 24.01 ? 110 THR A OG1   1 
ATOM   794  C CG2   . THR A 1 110 ? 0.113   7.900   -13.303 1.00 24.78 ? 110 THR A CG2   1 
ATOM   795  N N     . PRO A 1 111 ? 2.365   6.235   -11.473 1.00 21.17 ? 111 PRO A N     1 
ATOM   796  C CA    . PRO A 1 111 ? 2.777   6.465   -10.085 1.00 21.87 ? 111 PRO A CA    1 
ATOM   797  C C     . PRO A 1 111 ? 1.895   7.572   -9.520  1.00 19.44 ? 111 PRO A C     1 
ATOM   798  O O     . PRO A 1 111 ? 1.810   8.653   -10.095 1.00 20.90 ? 111 PRO A O     1 
ATOM   799  C CB    . PRO A 1 111 ? 4.230   6.897   -10.229 1.00 22.60 ? 111 PRO A CB    1 
ATOM   800  C CG    . PRO A 1 111 ? 4.181   7.709   -11.498 1.00 24.65 ? 111 PRO A CG    1 
ATOM   801  C CD    . PRO A 1 111 ? 3.313   6.855   -12.415 1.00 22.33 ? 111 PRO A CD    1 
ATOM   802  N N     . LEU A 1 112 ? 1.230   7.302   -8.407  1.00 18.69 ? 112 LEU A N     1 
ATOM   803  C CA    . LEU A 1 112 ? 0.343   8.292   -7.805  1.00 18.65 ? 112 LEU A CA    1 
ATOM   804  C C     . LEU A 1 112 ? 0.968   9.001   -6.613  1.00 16.77 ? 112 LEU A C     1 
ATOM   805  O O     . LEU A 1 112 ? 1.743   8.404   -5.863  1.00 15.85 ? 112 LEU A O     1 
ATOM   806  C CB    . LEU A 1 112 ? -0.956  7.624   -7.344  1.00 19.80 ? 112 LEU A CB    1 
ATOM   807  C CG    . LEU A 1 112 ? -1.730  6.786   -8.360  1.00 22.58 ? 112 LEU A CG    1 
ATOM   808  C CD1   . LEU A 1 112 ? -2.929  6.141   -7.672  1.00 24.18 ? 112 LEU A CD1   1 
ATOM   809  C CD2   . LEU A 1 112 ? -2.176  7.659   -9.525  1.00 23.83 ? 112 LEU A CD2   1 
ATOM   810  N N     . PRO A 1 113 ? 0.645   10.292  -6.429  1.00 15.09 ? 113 PRO A N     1 
ATOM   811  C CA    . PRO A 1 113 ? 1.196   11.034  -5.292  1.00 13.78 ? 113 PRO A CA    1 
ATOM   812  C C     . PRO A 1 113 ? 0.737   10.240  -4.076  1.00 13.53 ? 113 PRO A C     1 
ATOM   813  O O     . PRO A 1 113 ? -0.410  9.786   -4.034  1.00 12.21 ? 113 PRO A O     1 
ATOM   814  C CB    . PRO A 1 113 ? 0.504   12.390  -5.402  1.00 12.34 ? 113 PRO A CB    1 
ATOM   815  C CG    . PRO A 1 113 ? 0.322   12.541  -6.881  1.00 12.37 ? 113 PRO A CG    1 
ATOM   816  C CD    . PRO A 1 113 ? -0.168  11.170  -7.284  1.00 15.11 ? 113 PRO A CD    1 
ATOM   817  N N     . ALA A 1 114 ? 1.617   10.062  -3.098  1.00 12.82 ? 114 ALA A N     1 
ATOM   818  C CA    . ALA A 1 114 ? 1.262   9.267   -1.936  1.00 14.51 ? 114 ALA A CA    1 
ATOM   819  C C     . ALA A 1 114 ? 1.447   9.930   -0.583  1.00 14.77 ? 114 ALA A C     1 
ATOM   820  O O     . ALA A 1 114 ? 2.240   10.856  -0.414  1.00 16.95 ? 114 ALA A O     1 
ATOM   821  C CB    . ALA A 1 114 ? 2.034   7.942   -1.970  1.00 10.54 ? 114 ALA A CB    1 
ATOM   822  N N     . TYR A 1 115 ? 0.700   9.417   0.382   1.00 15.41 ? 115 TYR A N     1 
ATOM   823  C CA    . TYR A 1 115 ? 0.738   9.893   1.752   1.00 14.93 ? 115 TYR A CA    1 
ATOM   824  C C     . TYR A 1 115 ? 0.940   8.659   2.606   1.00 16.30 ? 115 TYR A C     1 
ATOM   825  O O     . TYR A 1 115 ? 0.326   7.616   2.355   1.00 17.68 ? 115 TYR A O     1 
ATOM   826  C CB    . TYR A 1 115 ? -0.585  10.569  2.112   1.00 12.08 ? 115 TYR A CB    1 
ATOM   827  C CG    . TYR A 1 115 ? -0.832  11.835  1.335   1.00 10.31 ? 115 TYR A CG    1 
ATOM   828  C CD1   . TYR A 1 115 ? -0.416  13.069  1.830   1.00 11.68 ? 115 TYR A CD1   1 
ATOM   829  C CD2   . TYR A 1 115 ? -1.456  11.799  0.091   1.00 10.46 ? 115 TYR A CD2   1 
ATOM   830  C CE1   . TYR A 1 115 ? -0.616  14.240  1.106   1.00 12.36 ? 115 TYR A CE1   1 
ATOM   831  C CE2   . TYR A 1 115 ? -1.662  12.962  -0.644  1.00 10.76 ? 115 TYR A CE2   1 
ATOM   832  C CZ    . TYR A 1 115 ? -1.238  14.178  -0.130  1.00 12.08 ? 115 TYR A CZ    1 
ATOM   833  O OH    . TYR A 1 115 ? -1.429  15.329  -0.854  1.00 16.47 ? 115 TYR A OH    1 
ATOM   834  N N     . LEU A 1 116 ? 1.799   8.771   3.613   1.00 15.36 ? 116 LEU A N     1 
ATOM   835  C CA    . LEU A 1 116 ? 2.075   7.638   4.474   1.00 15.15 ? 116 LEU A CA    1 
ATOM   836  C C     . LEU A 1 116 ? 1.606   7.866   5.904   1.00 16.34 ? 116 LEU A C     1 
ATOM   837  O O     . LEU A 1 116 ? 1.920   8.887   6.525   1.00 15.81 ? 116 LEU A O     1 
ATOM   838  C CB    . LEU A 1 116 ? 3.575   7.322   4.443   1.00 14.60 ? 116 LEU A CB    1 
ATOM   839  C CG    . LEU A 1 116 ? 4.030   6.076   5.208   1.00 16.88 ? 116 LEU A CG    1 
ATOM   840  C CD1   . LEU A 1 116 ? 5.191   5.422   4.493   1.00 17.24 ? 116 LEU A CD1   1 
ATOM   841  C CD2   . LEU A 1 116 ? 4.411   6.461   6.628   1.00 21.09 ? 116 LEU A CD2   1 
ATOM   842  N N     . ASP A 1 117 ? 0.825   6.910   6.400   1.00 14.89 ? 117 ASP A N     1 
ATOM   843  C CA    . ASP A 1 117 ? 0.296   6.922   7.756   1.00 13.33 ? 117 ASP A CA    1 
ATOM   844  C C     . ASP A 1 117 ? 1.497   7.026   8.691   1.00 13.46 ? 117 ASP A C     1 
ATOM   845  O O     . ASP A 1 117 ? 2.280   6.087   8.799   1.00 15.26 ? 117 ASP A O     1 
ATOM   846  C CB    . ASP A 1 117 ? -0.451  5.608   8.011   1.00 13.20 ? 117 ASP A CB    1 
ATOM   847  C CG    . ASP A 1 117 ? -1.062  5.525   9.403   1.00 13.24 ? 117 ASP A CG    1 
ATOM   848  O OD1   . ASP A 1 117 ? -0.562  6.195   10.330  1.00 12.73 ? 117 ASP A OD1   1 
ATOM   849  O OD2   . ASP A 1 117 ? -2.037  4.762   9.571   1.00 11.50 ? 117 ASP A OD2   1 
ATOM   850  N N     . GLU A 1 118 ? 1.639   8.167   9.358   1.00 13.29 ? 118 GLU A N     1 
ATOM   851  C CA    . GLU A 1 118 ? 2.756   8.395   10.268  1.00 13.87 ? 118 GLU A CA    1 
ATOM   852  C C     . GLU A 1 118 ? 2.974   7.258   11.271  1.00 12.63 ? 118 GLU A C     1 
ATOM   853  O O     . GLU A 1 118 ? 4.086   7.060   11.751  1.00 12.09 ? 118 GLU A O     1 
ATOM   854  C CB    . GLU A 1 118 ? 2.561   9.709   11.032  1.00 13.91 ? 118 GLU A CB    1 
ATOM   855  C CG    . GLU A 1 118 ? 1.477   9.655   12.107  1.00 15.96 ? 118 GLU A CG    1 
ATOM   856  C CD    . GLU A 1 118 ? 1.561   10.827  13.057  1.00 17.68 ? 118 GLU A CD    1 
ATOM   857  O OE1   . GLU A 1 118 ? 2.671   11.083  13.577  1.00 15.36 ? 118 GLU A OE1   1 
ATOM   858  O OE2   . GLU A 1 118 ? 0.523   11.487  13.288  1.00 21.44 ? 118 GLU A OE2   1 
ATOM   859  N N     . ASP A 1 119 ? 1.917   6.518   11.590  1.00 11.62 ? 119 ASP A N     1 
ATOM   860  C CA    . ASP A 1 119 ? 2.037   5.415   12.536  1.00 12.72 ? 119 ASP A CA    1 
ATOM   861  C C     . ASP A 1 119 ? 2.919   4.282   12.010  1.00 12.94 ? 119 ASP A C     1 
ATOM   862  O O     . ASP A 1 119 ? 3.387   3.452   12.783  1.00 12.97 ? 119 ASP A O     1 
ATOM   863  C CB    . ASP A 1 119 ? 0.656   4.866   12.915  1.00 8.23  ? 119 ASP A CB    1 
ATOM   864  C CG    . ASP A 1 119 ? -0.041  5.710   13.969  1.00 9.69  ? 119 ASP A CG    1 
ATOM   865  O OD1   . ASP A 1 119 ? 0.610   6.600   14.544  1.00 10.10 ? 119 ASP A OD1   1 
ATOM   866  O OD2   . ASP A 1 119 ? -1.243  5.476   14.234  1.00 11.62 ? 119 ASP A OD2   1 
ATOM   867  N N     . LEU A 1 120 ? 3.150   4.247   10.703  1.00 12.20 ? 120 LEU A N     1 
ATOM   868  C CA    . LEU A 1 120 ? 3.992   3.208   10.125  1.00 14.26 ? 120 LEU A CA    1 
ATOM   869  C C     . LEU A 1 120 ? 5.458   3.457   10.482  1.00 15.84 ? 120 LEU A C     1 
ATOM   870  O O     . LEU A 1 120 ? 6.266   2.534   10.478  1.00 16.95 ? 120 LEU A O     1 
ATOM   871  C CB    . LEU A 1 120 ? 3.821   3.161   8.605   1.00 12.71 ? 120 LEU A CB    1 
ATOM   872  C CG    . LEU A 1 120 ? 2.465   2.634   8.123   1.00 13.36 ? 120 LEU A CG    1 
ATOM   873  C CD1   . LEU A 1 120 ? 2.326   2.842   6.619   1.00 11.32 ? 120 LEU A CD1   1 
ATOM   874  C CD2   . LEU A 1 120 ? 2.334   1.161   8.488   1.00 11.07 ? 120 LEU A CD2   1 
ATOM   875  N N     . LEU A 1 121 ? 5.793   4.703   10.795  1.00 14.72 ? 121 LEU A N     1 
ATOM   876  C CA    . LEU A 1 121 ? 7.157   5.047   11.170  1.00 17.31 ? 121 LEU A CA    1 
ATOM   877  C C     . LEU A 1 121 ? 7.506   4.528   12.564  1.00 16.61 ? 121 LEU A C     1 
ATOM   878  O O     . LEU A 1 121 ? 8.629   4.707   13.031  1.00 17.06 ? 121 LEU A O     1 
ATOM   879  C CB    . LEU A 1 121 ? 7.363   6.567   11.126  1.00 18.48 ? 121 LEU A CB    1 
ATOM   880  C CG    . LEU A 1 121 ? 7.910   7.171   9.826   1.00 20.72 ? 121 LEU A CG    1 
ATOM   881  C CD1   . LEU A 1 121 ? 6.951   6.901   8.683   1.00 23.51 ? 121 LEU A CD1   1 
ATOM   882  C CD2   . LEU A 1 121 ? 8.113   8.661   10.000  1.00 21.54 ? 121 LEU A CD2   1 
ATOM   883  N N     . GLY A 1 122 ? 6.550   3.884   13.227  1.00 14.87 ? 122 GLY A N     1 
ATOM   884  C CA    . GLY A 1 122 ? 6.811   3.364   14.559  1.00 14.78 ? 122 GLY A CA    1 
ATOM   885  C C     . GLY A 1 122 ? 7.361   1.946   14.554  1.00 16.73 ? 122 GLY A C     1 
ATOM   886  O O     . GLY A 1 122 ? 7.816   1.446   15.580  1.00 16.34 ? 122 GLY A O     1 
ATOM   887  N N     . TYR A 1 123 ? 7.324   1.295   13.397  1.00 16.54 ? 123 TYR A N     1 
ATOM   888  C CA    . TYR A 1 123 ? 7.810   -0.075  13.278  1.00 16.92 ? 123 TYR A CA    1 
ATOM   889  C C     . TYR A 1 123 ? 9.130   -0.130  12.524  1.00 16.64 ? 123 TYR A C     1 
ATOM   890  O O     . TYR A 1 123 ? 9.352   0.625   11.584  1.00 16.12 ? 123 TYR A O     1 
ATOM   891  C CB    . TYR A 1 123 ? 6.788   -0.934  12.536  1.00 15.76 ? 123 TYR A CB    1 
ATOM   892  C CG    . TYR A 1 123 ? 5.421   -0.948  13.164  1.00 14.61 ? 123 TYR A CG    1 
ATOM   893  C CD1   . TYR A 1 123 ? 5.174   -1.668  14.333  1.00 15.89 ? 123 TYR A CD1   1 
ATOM   894  C CD2   . TYR A 1 123 ? 4.372   -0.231  12.598  1.00 14.69 ? 123 TYR A CD2   1 
ATOM   895  C CE1   . TYR A 1 123 ? 3.912   -1.674  14.915  1.00 16.60 ? 123 TYR A CE1   1 
ATOM   896  C CE2   . TYR A 1 123 ? 3.108   -0.227  13.173  1.00 15.16 ? 123 TYR A CE2   1 
ATOM   897  C CZ    . TYR A 1 123 ? 2.884   -0.949  14.331  1.00 15.57 ? 123 TYR A CZ    1 
ATOM   898  O OH    . TYR A 1 123 ? 1.636   -0.940  14.903  1.00 20.40 ? 123 TYR A OH    1 
ATOM   899  N N     . PRO A 1 124 ? 10.026  -1.034  12.936  1.00 18.04 ? 124 PRO A N     1 
ATOM   900  C CA    . PRO A 1 124 ? 11.329  -1.177  12.276  1.00 19.02 ? 124 PRO A CA    1 
ATOM   901  C C     . PRO A 1 124 ? 11.155  -1.771  10.883  1.00 19.06 ? 124 PRO A C     1 
ATOM   902  O O     . PRO A 1 124 ? 11.899  -1.448  9.956   1.00 19.98 ? 124 PRO A O     1 
ATOM   903  C CB    . PRO A 1 124 ? 12.093  -2.107  13.217  1.00 18.13 ? 124 PRO A CB    1 
ATOM   904  C CG    . PRO A 1 124 ? 11.001  -2.954  13.816  1.00 20.36 ? 124 PRO A CG    1 
ATOM   905  C CD    . PRO A 1 124 ? 9.898   -1.954  14.080  1.00 18.69 ? 124 PRO A CD    1 
ATOM   906  N N     . GLU A 1 125 ? 10.150  -2.632  10.753  1.00 18.74 ? 125 GLU A N     1 
ATOM   907  C CA    . GLU A 1 125 ? 9.837   -3.296  9.496   1.00 17.70 ? 125 GLU A CA    1 
ATOM   908  C C     . GLU A 1 125 ? 8.324   -3.362  9.324   1.00 16.41 ? 125 GLU A C     1 
ATOM   909  O O     . GLU A 1 125 ? 7.587   -3.519  10.299  1.00 15.06 ? 125 GLU A O     1 
ATOM   910  C CB    . GLU A 1 125 ? 10.405  -4.716  9.497   1.00 20.24 ? 125 GLU A CB    1 
ATOM   911  C CG    . GLU A 1 125 ? 11.907  -4.781  9.727   1.00 27.00 ? 125 GLU A CG    1 
ATOM   912  C CD    . GLU A 1 125 ? 12.449  -6.196  9.711   1.00 28.54 ? 125 GLU A CD    1 
ATOM   913  O OE1   . GLU A 1 125 ? 12.049  -7.006  10.575  1.00 32.90 ? 125 GLU A OE1   1 
ATOM   914  O OE2   . GLU A 1 125 ? 13.281  -6.498  8.836   1.00 30.75 ? 125 GLU A OE2   1 
ATOM   915  N N     . VAL A 1 126 ? 7.867   -3.233  8.084   1.00 13.50 ? 126 VAL A N     1 
ATOM   916  C CA    . VAL A 1 126 ? 6.448   -3.311  7.773   1.00 13.96 ? 126 VAL A CA    1 
ATOM   917  C C     . VAL A 1 126 ? 6.256   -4.236  6.572   1.00 14.52 ? 126 VAL A C     1 
ATOM   918  O O     . VAL A 1 126 ? 7.220   -4.571  5.888   1.00 15.18 ? 126 VAL A O     1 
ATOM   919  C CB    . VAL A 1 126 ? 5.861   -1.915  7.445   1.00 13.48 ? 126 VAL A CB    1 
ATOM   920  C CG1   . VAL A 1 126 ? 5.779   -1.075  8.711   1.00 12.26 ? 126 VAL A CG1   1 
ATOM   921  C CG2   . VAL A 1 126 ? 6.718   -1.214  6.400   1.00 11.38 ? 126 VAL A CG2   1 
ATOM   922  N N     . TRP A 1 127 ? 5.020   -4.659  6.330   1.00 14.05 ? 127 TRP A N     1 
ATOM   923  C CA    . TRP A 1 127 ? 4.715   -5.534  5.203   1.00 15.51 ? 127 TRP A CA    1 
ATOM   924  C C     . TRP A 1 127 ? 3.651   -4.905  4.317   1.00 15.79 ? 127 TRP A C     1 
ATOM   925  O O     . TRP A 1 127 ? 2.563   -4.559  4.788   1.00 15.88 ? 127 TRP A O     1 
ATOM   926  C CB    . TRP A 1 127 ? 4.196   -6.888  5.681   1.00 16.66 ? 127 TRP A CB    1 
ATOM   927  C CG    . TRP A 1 127 ? 5.144   -7.631  6.550   1.00 17.40 ? 127 TRP A CG    1 
ATOM   928  C CD1   . TRP A 1 127 ? 5.452   -7.359  7.851   1.00 16.73 ? 127 TRP A CD1   1 
ATOM   929  C CD2   . TRP A 1 127 ? 5.895   -8.790  6.190   1.00 15.11 ? 127 TRP A CD2   1 
ATOM   930  N NE1   . TRP A 1 127 ? 6.348   -8.282  8.324   1.00 18.52 ? 127 TRP A NE1   1 
ATOM   931  C CE2   . TRP A 1 127 ? 6.638   -9.173  7.325   1.00 15.87 ? 127 TRP A CE2   1 
ATOM   932  C CE3   . TRP A 1 127 ? 6.013   -9.544  5.017   1.00 14.24 ? 127 TRP A CE3   1 
ATOM   933  C CZ2   . TRP A 1 127 ? 7.490   -10.281 7.325   1.00 15.52 ? 127 TRP A CZ2   1 
ATOM   934  C CZ3   . TRP A 1 127 ? 6.861   -10.646 5.015   1.00 16.98 ? 127 TRP A CZ3   1 
ATOM   935  C CH2   . TRP A 1 127 ? 7.588   -11.002 6.164   1.00 15.26 ? 127 TRP A CH2   1 
ATOM   936  N N     . ALA A 1 128 ? 3.966   -4.762  3.036   1.00 14.70 ? 128 ALA A N     1 
ATOM   937  C CA    . ALA A 1 128 ? 3.029   -4.189  2.082   1.00 15.63 ? 128 ALA A CA    1 
ATOM   938  C C     . ALA A 1 128 ? 2.563   -5.291  1.134   1.00 15.22 ? 128 ALA A C     1 
ATOM   939  O O     . ALA A 1 128 ? 3.195   -6.341  1.040   1.00 16.25 ? 128 ALA A O     1 
ATOM   940  C CB    . ALA A 1 128 ? 3.698   -3.062  1.305   1.00 15.64 ? 128 ALA A CB    1 
ATOM   941  N N     . ALA A 1 129 ? 1.458   -5.051  0.437   1.00 13.27 ? 129 ALA A N     1 
ATOM   942  C CA    . ALA A 1 129 ? 0.916   -6.039  -0.494  1.00 14.21 ? 129 ALA A CA    1 
ATOM   943  C C     . ALA A 1 129 ? 1.817   -6.205  -1.714  1.00 12.92 ? 129 ALA A C     1 
ATOM   944  O O     . ALA A 1 129 ? 2.347   -5.232  -2.241  1.00 12.71 ? 129 ALA A O     1 
ATOM   945  C CB    . ALA A 1 129 ? -0.487  -5.626  -0.935  1.00 11.15 ? 129 ALA A CB    1 
ATOM   946  N N     . GLY A 1 130 ? 1.982   -7.443  -2.165  1.00 12.66 ? 130 GLY A N     1 
ATOM   947  C CA    . GLY A 1 130 ? 2.823   -7.695  -3.320  1.00 12.08 ? 130 GLY A CA    1 
ATOM   948  C C     . GLY A 1 130 ? 2.083   -7.883  -4.632  1.00 13.27 ? 130 GLY A C     1 
ATOM   949  O O     . GLY A 1 130 ? 2.585   -8.548  -5.536  1.00 14.35 ? 130 GLY A O     1 
ATOM   950  N N     . GLY A 1 131 ? 0.880   -7.324  -4.737  1.00 14.66 ? 131 GLY A N     1 
ATOM   951  C CA    . GLY A 1 131 ? 0.124   -7.434  -5.974  1.00 14.11 ? 131 GLY A CA    1 
ATOM   952  C C     . GLY A 1 131 ? -1.015  -8.439  -6.021  1.00 14.41 ? 131 GLY A C     1 
ATOM   953  O O     . GLY A 1 131 ? -1.789  -8.436  -6.979  1.00 13.76 ? 131 GLY A O     1 
ATOM   954  N N     . THR A 1 132 ? -1.122  -9.300  -5.009  1.00 14.26 ? 132 THR A N     1 
ATOM   955  C CA    . THR A 1 132 ? -2.179  -10.309 -4.973  1.00 14.47 ? 132 THR A CA    1 
ATOM   956  C C     . THR A 1 132 ? -2.668  -10.548 -3.542  1.00 13.88 ? 132 THR A C     1 
ATOM   957  O O     . THR A 1 132 ? -2.041  -10.105 -2.579  1.00 14.35 ? 132 THR A O     1 
ATOM   958  C CB    . THR A 1 132 ? -1.678  -11.663 -5.543  1.00 14.79 ? 132 THR A CB    1 
ATOM   959  O OG1   . THR A 1 132 ? -0.987  -12.387 -4.518  1.00 13.74 ? 132 THR A OG1   1 
ATOM   960  C CG2   . THR A 1 132 ? -0.720  -11.432 -6.708  1.00 13.63 ? 132 THR A CG2   1 
ATOM   961  N N     . PRO A 1 133 ? -3.810  -11.241 -3.384  1.00 14.59 ? 133 PRO A N     1 
ATOM   962  C CA    . PRO A 1 133 ? -4.309  -11.499 -2.024  1.00 14.11 ? 133 PRO A CA    1 
ATOM   963  C C     . PRO A 1 133 ? -3.471  -12.521 -1.243  1.00 13.71 ? 133 PRO A C     1 
ATOM   964  O O     . PRO A 1 133 ? -3.897  -13.029 -0.208  1.00 12.67 ? 133 PRO A O     1 
ATOM   965  C CB    . PRO A 1 133 ? -5.753  -11.964 -2.257  1.00 12.72 ? 133 PRO A CB    1 
ATOM   966  C CG    . PRO A 1 133 ? -5.732  -12.521 -3.642  1.00 14.78 ? 133 PRO A CG    1 
ATOM   967  C CD    . PRO A 1 133 ? -4.842  -11.550 -4.389  1.00 13.57 ? 133 PRO A CD    1 
ATOM   968  N N     . ARG A 1 134 ? -2.273  -12.808 -1.742  1.00 13.95 ? 134 ARG A N     1 
ATOM   969  C CA    . ARG A 1 134 ? -1.382  -13.754 -1.081  1.00 14.47 ? 134 ARG A CA    1 
ATOM   970  C C     . ARG A 1 134 ? 0.052   -13.245 -1.079  1.00 15.19 ? 134 ARG A C     1 
ATOM   971  O O     . ARG A 1 134 ? 0.942   -13.874 -0.507  1.00 13.59 ? 134 ARG A O     1 
ATOM   972  C CB    . ARG A 1 134 ? -1.439  -15.105 -1.795  1.00 16.21 ? 134 ARG A CB    1 
ATOM   973  C CG    . ARG A 1 134 ? -2.732  -15.862 -1.578  1.00 15.93 ? 134 ARG A CG    1 
ATOM   974  C CD    . ARG A 1 134 ? -2.529  -16.990 -0.582  1.00 16.40 ? 134 ARG A CD    1 
ATOM   975  N NE    . ARG A 1 134 ? -3.795  -17.526 -0.106  1.00 15.01 ? 134 ARG A NE    1 
ATOM   976  C CZ    . ARG A 1 134 ? -3.920  -18.686 0.524   1.00 16.95 ? 134 ARG A CZ    1 
ATOM   977  N NH1   . ARG A 1 134 ? -2.847  -19.432 0.746   1.00 16.49 ? 134 ARG A NH1   1 
ATOM   978  N NH2   . ARG A 1 134 ? -5.117  -19.094 0.937   1.00 14.33 ? 134 ARG A NH2   1 
ATOM   979  N N     . ALA A 1 135 ? 0.265   -12.094 -1.714  1.00 14.62 ? 135 ALA A N     1 
ATOM   980  C CA    . ALA A 1 135 ? 1.595   -11.516 -1.822  1.00 14.80 ? 135 ALA A CA    1 
ATOM   981  C C     . ALA A 1 135 ? 1.890   -10.387 -0.845  1.00 14.24 ? 135 ALA A C     1 
ATOM   982  O O     . ALA A 1 135 ? 1.044   -9.534  -0.582  1.00 13.28 ? 135 ALA A O     1 
ATOM   983  C CB    . ALA A 1 135 ? 1.822   -11.026 -3.248  1.00 15.18 ? 135 ALA A CB    1 
ATOM   984  N N     . LEU A 1 136 ? 3.114   -10.392 -0.329  1.00 11.15 ? 136 LEU A N     1 
ATOM   985  C CA    . LEU A 1 136 ? 3.582   -9.379  0.605   1.00 11.67 ? 136 LEU A CA    1 
ATOM   986  C C     . LEU A 1 136 ? 5.096   -9.277  0.472   1.00 13.51 ? 136 LEU A C     1 
ATOM   987  O O     . LEU A 1 136 ? 5.758   -10.216 0.019   1.00 14.48 ? 136 LEU A O     1 
ATOM   988  C CB    . LEU A 1 136 ? 3.267   -9.775  2.051   1.00 6.55  ? 136 LEU A CB    1 
ATOM   989  C CG    . LEU A 1 136 ? 1.833   -9.873  2.584   1.00 9.14  ? 136 LEU A CG    1 
ATOM   990  C CD1   . LEU A 1 136 ? 1.856   -10.530 3.971   1.00 6.73  ? 136 LEU A CD1   1 
ATOM   991  C CD2   . LEU A 1 136 ? 1.201   -8.485  2.664   1.00 5.20  ? 136 LEU A CD2   1 
ATOM   992  N N     . PHE A 1 137 ? 5.640   -8.126  0.844   1.00 12.63 ? 137 PHE A N     1 
ATOM   993  C CA    . PHE A 1 137 ? 7.083   -7.955  0.857   1.00 12.57 ? 137 PHE A CA    1 
ATOM   994  C C     . PHE A 1 137 ? 7.372   -7.091  2.079   1.00 13.34 ? 137 PHE A C     1 
ATOM   995  O O     . PHE A 1 137 ? 6.643   -6.137  2.365   1.00 14.15 ? 137 PHE A O     1 
ATOM   996  C CB    . PHE A 1 137 ? 7.612   -7.347  -0.460  1.00 9.97  ? 137 PHE A CB    1 
ATOM   997  C CG    . PHE A 1 137 ? 7.307   -5.891  -0.657  1.00 9.63  ? 137 PHE A CG    1 
ATOM   998  C CD1   . PHE A 1 137 ? 8.145   -4.913  -0.129  1.00 10.33 ? 137 PHE A CD1   1 
ATOM   999  C CD2   . PHE A 1 137 ? 6.223   -5.497  -1.430  1.00 8.88  ? 137 PHE A CD2   1 
ATOM   1000 C CE1   . PHE A 1 137 ? 7.908   -3.556  -0.378  1.00 12.30 ? 137 PHE A CE1   1 
ATOM   1001 C CE2   . PHE A 1 137 ? 5.976   -4.140  -1.684  1.00 14.02 ? 137 PHE A CE2   1 
ATOM   1002 C CZ    . PHE A 1 137 ? 6.824   -3.170  -1.156  1.00 10.72 ? 137 PHE A CZ    1 
ATOM   1003 N N     . ARG A 1 138 ? 8.388   -7.478  2.840   1.00 13.13 ? 138 ARG A N     1 
ATOM   1004 C CA    . ARG A 1 138 ? 8.756   -6.748  4.044   1.00 16.03 ? 138 ARG A CA    1 
ATOM   1005 C C     . ARG A 1 138 ? 9.785   -5.681  3.713   1.00 15.86 ? 138 ARG A C     1 
ATOM   1006 O O     . ARG A 1 138 ? 10.638  -5.879  2.840   1.00 16.28 ? 138 ARG A O     1 
ATOM   1007 C CB    . ARG A 1 138 ? 9.332   -7.702  5.099   1.00 18.13 ? 138 ARG A CB    1 
ATOM   1008 C CG    . ARG A 1 138 ? 9.641   -7.029  6.423   1.00 21.15 ? 138 ARG A CG    1 
ATOM   1009 C CD    . ARG A 1 138 ? 10.369  -7.949  7.392   1.00 27.03 ? 138 ARG A CD    1 
ATOM   1010 N NE    . ARG A 1 138 ? 11.760  -8.176  7.009   1.00 31.19 ? 138 ARG A NE    1 
ATOM   1011 C CZ    . ARG A 1 138 ? 12.171  -9.132  6.185   1.00 32.40 ? 138 ARG A CZ    1 
ATOM   1012 N NH1   . ARG A 1 138 ? 11.299  -9.974  5.649   1.00 35.63 ? 138 ARG A NH1   1 
ATOM   1013 N NH2   . ARG A 1 138 ? 13.459  -9.240  5.887   1.00 33.69 ? 138 ARG A NH2   1 
ATOM   1014 N N     . ALA A 1 139 ? 9.698   -4.551  4.409   1.00 14.74 ? 139 ALA A N     1 
ATOM   1015 C CA    . ALA A 1 139 ? 10.621  -3.438  4.206   1.00 14.01 ? 139 ALA A CA    1 
ATOM   1016 C C     . ALA A 1 139 ? 10.541  -2.450  5.371   1.00 15.14 ? 139 ALA A C     1 
ATOM   1017 O O     . ALA A 1 139 ? 9.629   -2.518  6.195   1.00 12.33 ? 139 ALA A O     1 
ATOM   1018 C CB    . ALA A 1 139 ? 10.296  -2.725  2.902   1.00 12.06 ? 139 ALA A CB    1 
ATOM   1019 N N     . THR A 1 140 ? 11.503  -1.539  5.448   1.00 14.63 ? 140 THR A N     1 
ATOM   1020 C CA    . THR A 1 140 ? 11.486  -0.543  6.506   1.00 14.83 ? 140 THR A CA    1 
ATOM   1021 C C     . THR A 1 140 ? 10.617  0.604   6.024   1.00 15.12 ? 140 THR A C     1 
ATOM   1022 O O     . THR A 1 140 ? 10.411  0.771   4.818   1.00 14.86 ? 140 THR A O     1 
ATOM   1023 C CB    . THR A 1 140 ? 12.880  0.024   6.776   1.00 15.30 ? 140 THR A CB    1 
ATOM   1024 O OG1   . THR A 1 140 ? 13.344  0.700   5.599   1.00 12.44 ? 140 THR A OG1   1 
ATOM   1025 C CG2   . THR A 1 140 ? 13.849  -1.095  7.153   1.00 15.50 ? 140 THR A CG2   1 
ATOM   1026 N N     . PRO A 1 141 ? 10.083  1.407   6.956   1.00 15.97 ? 141 PRO A N     1 
ATOM   1027 C CA    . PRO A 1 141 ? 9.243   2.534   6.540   1.00 17.67 ? 141 PRO A CA    1 
ATOM   1028 C C     . PRO A 1 141 ? 10.047  3.446   5.620   1.00 18.33 ? 141 PRO A C     1 
ATOM   1029 O O     . PRO A 1 141 ? 9.539   3.953   4.616   1.00 18.08 ? 141 PRO A O     1 
ATOM   1030 C CB    . PRO A 1 141 ? 8.902   3.212   7.861   1.00 16.50 ? 141 PRO A CB    1 
ATOM   1031 C CG    . PRO A 1 141 ? 8.846   2.057   8.822   1.00 18.29 ? 141 PRO A CG    1 
ATOM   1032 C CD    . PRO A 1 141 ? 10.074  1.252   8.422   1.00 17.68 ? 141 PRO A CD    1 
ATOM   1033 N N     . LYS A 1 142 ? 11.315  3.635   5.966   1.00 19.97 ? 142 LYS A N     1 
ATOM   1034 C CA    . LYS A 1 142 ? 12.200  4.484   5.181   1.00 22.56 ? 142 LYS A CA    1 
ATOM   1035 C C     . LYS A 1 142 ? 12.245  4.001   3.732   1.00 21.86 ? 142 LYS A C     1 
ATOM   1036 O O     . LYS A 1 142 ? 12.155  4.805   2.802   1.00 22.17 ? 142 LYS A O     1 
ATOM   1037 C CB    . LYS A 1 142 ? 13.612  4.467   5.768   1.00 24.81 ? 142 LYS A CB    1 
ATOM   1038 C CG    . LYS A 1 142 ? 13.690  4.746   7.264   1.00 30.53 ? 142 LYS A CG    1 
ATOM   1039 C CD    . LYS A 1 142 ? 13.289  6.167   7.649   1.00 30.04 ? 142 LYS A CD    1 
ATOM   1040 C CE    . LYS A 1 142 ? 13.598  6.409   9.120   1.00 30.62 ? 142 LYS A CE    1 
ATOM   1041 N NZ    . LYS A 1 142 ? 13.223  7.764   9.601   1.00 30.05 ? 142 LYS A NZ    1 
ATOM   1042 N N     . GLU A 1 143 ? 12.395  2.693   3.541   1.00 20.36 ? 143 GLU A N     1 
ATOM   1043 C CA    . GLU A 1 143 ? 12.444  2.145   2.190   1.00 19.84 ? 143 GLU A CA    1 
ATOM   1044 C C     . GLU A 1 143 ? 11.101  2.326   1.500   1.00 19.14 ? 143 GLU A C     1 
ATOM   1045 O O     . GLU A 1 143 ? 11.042  2.594   0.300   1.00 20.14 ? 143 GLU A O     1 
ATOM   1046 C CB    . GLU A 1 143 ? 12.825  0.668   2.220   1.00 19.80 ? 143 GLU A CB    1 
ATOM   1047 C CG    . GLU A 1 143 ? 14.228  0.429   2.741   1.00 22.07 ? 143 GLU A CG    1 
ATOM   1048 C CD    . GLU A 1 143 ? 14.582  -1.032  2.790   1.00 23.06 ? 143 GLU A CD    1 
ATOM   1049 O OE1   . GLU A 1 143 ? 13.796  -1.814  3.365   1.00 23.53 ? 143 GLU A OE1   1 
ATOM   1050 O OE2   . GLU A 1 143 ? 15.648  -1.399  2.256   1.00 25.04 ? 143 GLU A OE2   1 
ATOM   1051 N N     . LEU A 1 144 ? 10.021  2.177   2.259   1.00 17.85 ? 144 LEU A N     1 
ATOM   1052 C CA    . LEU A 1 144 ? 8.692   2.353   1.698   1.00 16.77 ? 144 LEU A CA    1 
ATOM   1053 C C     . LEU A 1 144 ? 8.575   3.798   1.233   1.00 15.34 ? 144 LEU A C     1 
ATOM   1054 O O     . LEU A 1 144 ? 7.977   4.078   0.197   1.00 16.27 ? 144 LEU A O     1 
ATOM   1055 C CB    . LEU A 1 144 ? 7.618   2.047   2.747   1.00 16.68 ? 144 LEU A CB    1 
ATOM   1056 C CG    . LEU A 1 144 ? 6.161   2.230   2.306   1.00 17.56 ? 144 LEU A CG    1 
ATOM   1057 C CD1   . LEU A 1 144 ? 5.927   1.549   0.962   1.00 17.07 ? 144 LEU A CD1   1 
ATOM   1058 C CD2   . LEU A 1 144 ? 5.226   1.665   3.372   1.00 14.20 ? 144 LEU A CD2   1 
ATOM   1059 N N     . LEU A 1 145 ? 9.152   4.712   2.006   1.00 15.55 ? 145 LEU A N     1 
ATOM   1060 C CA    . LEU A 1 145 ? 9.132   6.131   1.661   1.00 15.77 ? 145 LEU A CA    1 
ATOM   1061 C C     . LEU A 1 145 ? 9.952   6.366   0.402   1.00 15.85 ? 145 LEU A C     1 
ATOM   1062 O O     . LEU A 1 145 ? 9.514   7.062   -0.507  1.00 16.81 ? 145 LEU A O     1 
ATOM   1063 C CB    . LEU A 1 145 ? 9.705   6.973   2.802   1.00 14.53 ? 145 LEU A CB    1 
ATOM   1064 C CG    . LEU A 1 145 ? 8.791   7.231   4.000   1.00 14.77 ? 145 LEU A CG    1 
ATOM   1065 C CD1   . LEU A 1 145 ? 9.597   7.872   5.115   1.00 17.12 ? 145 LEU A CD1   1 
ATOM   1066 C CD2   . LEU A 1 145 ? 7.622   8.130   3.588   1.00 11.93 ? 145 LEU A CD2   1 
ATOM   1067 N N     . ALA A 1 146 ? 11.144  5.780   0.351   1.00 16.28 ? 146 ALA A N     1 
ATOM   1068 C CA    . ALA A 1 146 ? 12.011  5.935   -0.812  1.00 16.11 ? 146 ALA A CA    1 
ATOM   1069 C C     . ALA A 1 146 ? 11.344  5.327   -2.038  1.00 16.77 ? 146 ALA A C     1 
ATOM   1070 O O     . ALA A 1 146 ? 11.442  5.860   -3.145  1.00 16.11 ? 146 ALA A O     1 
ATOM   1071 C CB    . ALA A 1 146 ? 13.355  5.259   -0.560  1.00 16.01 ? 146 ALA A CB    1 
ATOM   1072 N N     . LEU A 1 147 ? 10.663  4.208   -1.823  1.00 16.58 ? 147 LEU A N     1 
ATOM   1073 C CA    . LEU A 1 147 ? 9.973   3.500   -2.891  1.00 17.35 ? 147 LEU A CA    1 
ATOM   1074 C C     . LEU A 1 147 ? 8.775   4.246   -3.467  1.00 17.47 ? 147 LEU A C     1 
ATOM   1075 O O     . LEU A 1 147 ? 8.467   4.104   -4.651  1.00 17.11 ? 147 LEU A O     1 
ATOM   1076 C CB    . LEU A 1 147 ? 9.501   2.135   -2.387  1.00 18.53 ? 147 LEU A CB    1 
ATOM   1077 C CG    . LEU A 1 147 ? 10.539  1.018   -2.341  1.00 19.14 ? 147 LEU A CG    1 
ATOM   1078 C CD1   . LEU A 1 147 ? 9.985   -0.157  -1.553  1.00 17.81 ? 147 LEU A CD1   1 
ATOM   1079 C CD2   . LEU A 1 147 ? 10.890  0.598   -3.765  1.00 18.63 ? 147 LEU A CD2   1 
ATOM   1080 N N     . THR A 1 148 ? 8.109   5.041   -2.635  1.00 16.23 ? 148 THR A N     1 
ATOM   1081 C CA    . THR A 1 148 ? 6.918   5.760   -3.067  1.00 15.14 ? 148 THR A CA    1 
ATOM   1082 C C     . THR A 1 148 ? 7.034   7.279   -3.067  1.00 16.46 ? 148 THR A C     1 
ATOM   1083 O O     . THR A 1 148 ? 6.235   7.962   -3.706  1.00 15.92 ? 148 THR A O     1 
ATOM   1084 C CB    . THR A 1 148 ? 5.721   5.405   -2.174  1.00 16.54 ? 148 THR A CB    1 
ATOM   1085 O OG1   . THR A 1 148 ? 6.003   5.820   -0.828  1.00 15.25 ? 148 THR A OG1   1 
ATOM   1086 C CG2   . THR A 1 148 ? 5.456   3.897   -2.200  1.00 14.60 ? 148 THR A CG2   1 
ATOM   1087 N N     . GLY A 1 149 ? 8.013   7.805   -2.339  1.00 16.40 ? 149 GLY A N     1 
ATOM   1088 C CA    . GLY A 1 149 ? 8.176   9.244   -2.266  1.00 15.31 ? 149 GLY A CA    1 
ATOM   1089 C C     . GLY A 1 149 ? 6.974   9.889   -1.598  1.00 15.93 ? 149 GLY A C     1 
ATOM   1090 O O     . GLY A 1 149 ? 6.680   11.063  -1.820  1.00 14.23 ? 149 GLY A O     1 
ATOM   1091 N N     . ALA A 1 150 ? 6.280   9.117   -0.766  1.00 15.58 ? 150 ALA A N     1 
ATOM   1092 C CA    . ALA A 1 150 ? 5.092   9.605   -0.076  1.00 15.67 ? 150 ALA A CA    1 
ATOM   1093 C C     . ALA A 1 150 ? 5.421   10.631  1.003   1.00 15.43 ? 150 ALA A C     1 
ATOM   1094 O O     . ALA A 1 150 ? 6.549   10.711  1.488   1.00 13.30 ? 150 ALA A O     1 
ATOM   1095 C CB    . ALA A 1 150 ? 4.342   8.431   0.539   1.00 14.78 ? 150 ALA A CB    1 
ATOM   1096 N N     . GLN A 1 151 ? 4.438   11.434  1.381   1.00 15.78 ? 151 GLN A N     1 
ATOM   1097 C CA    . GLN A 1 151 ? 4.698   12.406  2.424   1.00 16.97 ? 151 GLN A CA    1 
ATOM   1098 C C     . GLN A 1 151 ? 4.072   11.904  3.716   1.00 15.45 ? 151 GLN A C     1 
ATOM   1099 O O     . GLN A 1 151 ? 2.932   11.431  3.724   1.00 14.00 ? 151 GLN A O     1 
ATOM   1100 C CB    . GLN A 1 151 ? 4.157   13.789  2.040   1.00 18.56 ? 151 GLN A CB    1 
ATOM   1101 C CG    . GLN A 1 151 ? 2.666   13.995  2.219   1.00 23.10 ? 151 GLN A CG    1 
ATOM   1102 C CD    . GLN A 1 151 ? 2.273   15.460  2.083   1.00 24.83 ? 151 GLN A CD    1 
ATOM   1103 O OE1   . GLN A 1 151 ? 2.410   16.050  1.013   1.00 23.67 ? 151 GLN A OE1   1 
ATOM   1104 N NE2   . GLN A 1 151 ? 1.788   16.053  3.173   1.00 24.17 ? 151 GLN A NE2   1 
ATOM   1105 N N     . VAL A 1 152 ? 4.839   11.969  4.800   1.00 15.63 ? 152 VAL A N     1 
ATOM   1106 C CA    . VAL A 1 152 ? 4.360   11.519  6.103   1.00 14.10 ? 152 VAL A CA    1 
ATOM   1107 C C     . VAL A 1 152 ? 3.156   12.359  6.502   1.00 14.71 ? 152 VAL A C     1 
ATOM   1108 O O     . VAL A 1 152 ? 3.143   13.566  6.277   1.00 16.03 ? 152 VAL A O     1 
ATOM   1109 C CB    . VAL A 1 152 ? 5.446   11.667  7.172   1.00 13.38 ? 152 VAL A CB    1 
ATOM   1110 C CG1   . VAL A 1 152 ? 4.921   11.180  8.512   1.00 7.81  ? 152 VAL A CG1   1 
ATOM   1111 C CG2   . VAL A 1 152 ? 6.689   10.890  6.753   1.00 9.84  ? 152 VAL A CG2   1 
ATOM   1112 N N     . ALA A 1 153 ? 2.149   11.728  7.099   1.00 14.72 ? 153 ALA A N     1 
ATOM   1113 C CA    . ALA A 1 153 ? 0.948   12.456  7.490   1.00 14.07 ? 153 ALA A CA    1 
ATOM   1114 C C     . ALA A 1 153 ? 0.066   11.737  8.501   1.00 12.36 ? 153 ALA A C     1 
ATOM   1115 O O     . ALA A 1 153 ? 0.177   10.530  8.702   1.00 10.49 ? 153 ALA A O     1 
ATOM   1116 C CB    . ALA A 1 153 ? 0.122   12.792  6.240   1.00 11.31 ? 153 ALA A CB    1 
ATOM   1117 N N     . ASP A 1 154 ? -0.810  12.513  9.133   1.00 14.63 ? 154 ASP A N     1 
ATOM   1118 C CA    . ASP A 1 154 ? -1.766  12.006  10.108  1.00 15.91 ? 154 ASP A CA    1 
ATOM   1119 C C     . ASP A 1 154 ? -2.984  11.610  9.285   1.00 15.58 ? 154 ASP A C     1 
ATOM   1120 O O     . ASP A 1 154 ? -3.738  12.470  8.823   1.00 15.48 ? 154 ASP A O     1 
ATOM   1121 C CB    . ASP A 1 154 ? -2.113  13.113  11.114  1.00 18.58 ? 154 ASP A CB    1 
ATOM   1122 C CG    . ASP A 1 154 ? -3.330  12.780  11.962  1.00 19.40 ? 154 ASP A CG    1 
ATOM   1123 O OD1   . ASP A 1 154 ? -3.536  11.591  12.280  1.00 19.80 ? 154 ASP A OD1   1 
ATOM   1124 O OD2   . ASP A 1 154 ? -4.073  13.718  12.323  1.00 19.00 ? 154 ASP A OD2   1 
ATOM   1125 N N     . LEU A 1 155 ? -3.168  10.306  9.098   1.00 14.04 ? 155 LEU A N     1 
ATOM   1126 C CA    . LEU A 1 155 ? -4.263  9.800   8.276   1.00 14.05 ? 155 LEU A CA    1 
ATOM   1127 C C     . LEU A 1 155 ? -5.386  9.082   9.004   1.00 14.97 ? 155 LEU A C     1 
ATOM   1128 O O     . LEU A 1 155 ? -6.494  8.977   8.477   1.00 12.84 ? 155 LEU A O     1 
ATOM   1129 C CB    . LEU A 1 155 ? -3.712  8.844   7.216   1.00 12.86 ? 155 LEU A CB    1 
ATOM   1130 C CG    . LEU A 1 155 ? -2.629  9.323   6.246   1.00 13.18 ? 155 LEU A CG    1 
ATOM   1131 C CD1   . LEU A 1 155 ? -2.228  8.173   5.326   1.00 12.60 ? 155 LEU A CD1   1 
ATOM   1132 C CD2   . LEU A 1 155 ? -3.151  10.490  5.427   1.00 11.49 ? 155 LEU A CD2   1 
ATOM   1133 N N     . LYS A 1 156 ? -5.107  8.587   10.205  1.00 14.82 ? 156 LYS A N     1 
ATOM   1134 C CA    . LYS A 1 156 ? -6.102  7.833   10.958  1.00 16.08 ? 156 LYS A CA    1 
ATOM   1135 C C     . LYS A 1 156 ? -7.262  8.644   11.520  1.00 16.21 ? 156 LYS A C     1 
ATOM   1136 O O     . LYS A 1 156 ? -7.109  9.818   11.863  1.00 12.49 ? 156 LYS A O     1 
ATOM   1137 C CB    . LYS A 1 156 ? -5.421  7.080   12.100  1.00 15.91 ? 156 LYS A CB    1 
ATOM   1138 C CG    . LYS A 1 156 ? -4.759  7.990   13.111  1.00 18.37 ? 156 LYS A CG    1 
ATOM   1139 C CD    . LYS A 1 156 ? -4.086  7.199   14.212  1.00 18.62 ? 156 LYS A CD    1 
ATOM   1140 C CE    . LYS A 1 156 ? -3.191  8.094   15.046  1.00 20.12 ? 156 LYS A CE    1 
ATOM   1141 N NZ    . LYS A 1 156 ? -2.260  7.297   15.889  1.00 25.71 ? 156 LYS A NZ    1 
ATOM   1142 N N     . GLU A 1 157 ? -8.425  8.002   11.605  1.00 17.28 ? 157 GLU A N     1 
ATOM   1143 C CA    . GLU A 1 157 ? -9.605  8.648   12.160  1.00 20.40 ? 157 GLU A CA    1 
ATOM   1144 C C     . GLU A 1 157 ? -9.376  8.747   13.658  1.00 22.04 ? 157 GLU A C     1 
ATOM   1145 O O     . GLU A 1 157 ? -9.835  9.685   14.306  1.00 23.39 ? 157 GLU A O     1 
ATOM   1146 C CB    . GLU A 1 157 ? -10.870 7.818   11.906  1.00 19.43 ? 157 GLU A CB    1 
ATOM   1147 C CG    . GLU A 1 157 ? -11.239 7.623   10.449  1.00 20.88 ? 157 GLU A CG    1 
ATOM   1148 C CD    . GLU A 1 157 ? -12.616 7.004   10.282  1.00 22.62 ? 157 GLU A CD    1 
ATOM   1149 O OE1   . GLU A 1 157 ? -12.959 6.091   11.063  1.00 23.42 ? 157 GLU A OE1   1 
ATOM   1150 O OE2   . GLU A 1 157 ? -13.355 7.421   9.366   1.00 24.37 ? 157 GLU A OE2   1 
ATOM   1151 N N     . GLY A 1 158 ? -8.656  7.767   14.197  1.00 24.94 ? 158 GLY A N     1 
ATOM   1152 C CA    . GLY A 1 158 ? -8.370  7.734   15.620  1.00 28.87 ? 158 GLY A CA    1 
ATOM   1153 C C     . GLY A 1 158 ? -7.345  8.751   16.089  1.00 31.55 ? 158 GLY A C     1 
ATOM   1154 O O     . GLY A 1 158 ? -6.920  9.605   15.281  1.00 33.83 ? 158 GLY A O     1 
ATOM   1155 O OXT   . GLY A 1 158 ? -6.963  8.702   17.278  1.00 35.02 ? 158 GLY A OXT   1 
HETATM 1156 N N     . A5A B 2 .   ? -3.551  -7.519  0.930   1.00 20.15 ? 600 A5A A N     1 
HETATM 1157 C CA    . A5A B 2 .   ? -3.892  -6.555  1.987   1.00 21.86 ? 600 A5A A CA    1 
HETATM 1158 C CB    . A5A B 2 .   ? -2.613  -5.933  2.552   1.00 19.59 ? 600 A5A A CB    1 
HETATM 1159 C C     . A5A B 2 .   ? -4.791  -5.460  1.408   1.00 22.30 ? 600 A5A A C     1 
HETATM 1160 O O     . A5A B 2 .   ? -4.981  -5.374  0.196   1.00 19.85 ? 600 A5A A O     1 
HETATM 1161 N N3S   . A5A B 2 .   ? -5.306  -4.622  2.304   1.00 23.92 ? 600 A5A A N3S   1 
HETATM 1162 S S     . A5A B 2 .   ? -6.295  -3.414  1.836   1.00 26.47 ? 600 A5A A S     1 
HETATM 1163 O O1S   . A5A B 2 .   ? -5.560  -2.460  0.943   1.00 26.70 ? 600 A5A A O1S   1 
HETATM 1164 O O2S   . A5A B 2 .   ? -6.776  -2.684  3.054   1.00 29.63 ? 600 A5A A O2S   1 
HETATM 1165 O "O5'" . A5A B 2 .   ? -7.403  -3.967  1.118   1.00 28.97 ? 600 A5A A "O5'" 1 
HETATM 1166 C "C5'" . A5A B 2 .   ? -8.727  -3.888  1.652   1.00 34.38 ? 600 A5A A "C5'" 1 
HETATM 1167 C "C4'" . A5A B 2 .   ? -9.301  -2.479  1.483   1.00 38.02 ? 600 A5A A "C4'" 1 
HETATM 1168 O "O4'" . A5A B 2 .   ? -9.737  -2.229  0.136   1.00 38.49 ? 600 A5A A "O4'" 1 
HETATM 1169 C "C3'" . A5A B 2 .   ? -10.566 -2.298  2.318   1.00 39.43 ? 600 A5A A "C3'" 1 
HETATM 1170 O "O3'" . A5A B 2 .   ? -10.183 -2.064  3.676   1.00 40.17 ? 600 A5A A "O3'" 1 
HETATM 1171 C "C2'" . A5A B 2 .   ? -11.047 -0.991  1.688   1.00 39.40 ? 600 A5A A "C2'" 1 
HETATM 1172 O "O2'" . A5A B 2 .   ? -10.215 0.097   2.097   1.00 40.23 ? 600 A5A A "O2'" 1 
HETATM 1173 C "C1'" . A5A B 2 .   ? -10.830 -1.292  0.202   1.00 39.02 ? 600 A5A A "C1'" 1 
HETATM 1174 N N9    . A5A B 2 .   ? -12.031 -1.957  -0.352  1.00 38.66 ? 600 A5A A N9    1 
HETATM 1175 C C8    . A5A B 2 .   ? -12.515 -3.144  0.007   1.00 37.78 ? 600 A5A A C8    1 
HETATM 1176 N N7    . A5A B 2 .   ? -13.639 -3.390  -0.663  1.00 38.22 ? 600 A5A A N7    1 
HETATM 1177 C C5    . A5A B 2 .   ? -13.870 -2.351  -1.459  1.00 38.67 ? 600 A5A A C5    1 
HETATM 1178 C C6    . A5A B 2 .   ? -14.865 -2.030  -2.376  1.00 39.86 ? 600 A5A A C6    1 
HETATM 1179 N N6    . A5A B 2 .   ? -15.881 -2.864  -2.580  1.00 39.38 ? 600 A5A A N6    1 
HETATM 1180 N N1    . A5A B 2 .   ? -14.792 -0.865  -3.038  1.00 41.06 ? 600 A5A A N1    1 
HETATM 1181 C C2    . A5A B 2 .   ? -13.796 -0.018  -2.833  1.00 40.58 ? 600 A5A A C2    1 
HETATM 1182 N N3    . A5A B 2 .   ? -12.836 -0.290  -1.965  1.00 38.84 ? 600 A5A A N3    1 
HETATM 1183 C C4    . A5A B 2 .   ? -12.843 -1.436  -1.267  1.00 39.26 ? 600 A5A A C4    1 
HETATM 1184 O O     . HOH C 3 .   ? 11.327  -9.846  9.957   1.00 49.71 ? 601 HOH A O     1 
HETATM 1185 O O     . HOH C 3 .   ? -1.705  -9.079  -0.238  1.00 3.98  ? 602 HOH A O     1 
HETATM 1186 O O     . HOH C 3 .   ? -1.702  10.062  13.115  1.00 13.66 ? 603 HOH A O     1 
HETATM 1187 O O     . HOH C 3 .   ? -4.432  -7.924  -8.041  1.00 16.05 ? 604 HOH A O     1 
HETATM 1188 O O     . HOH C 3 .   ? -2.863  12.069  -9.565  1.00 23.50 ? 605 HOH A O     1 
HETATM 1189 O O     . HOH C 3 .   ? -3.081  -4.988  -15.533 1.00 43.83 ? 606 HOH A O     1 
HETATM 1190 O O     . HOH C 3 .   ? -1.133  -3.663  15.827  1.00 19.99 ? 607 HOH A O     1 
HETATM 1191 O O     . HOH C 3 .   ? -3.156  3.902   16.261  1.00 30.89 ? 608 HOH A O     1 
HETATM 1192 O O     . HOH C 3 .   ? -8.007  4.883   12.919  1.00 14.48 ? 609 HOH A O     1 
HETATM 1193 O O     . HOH C 3 .   ? -5.895  -3.851  -1.766  1.00 20.54 ? 610 HOH A O     1 
HETATM 1194 O O     . HOH C 3 .   ? 2.963   2.862   15.362  1.00 11.01 ? 611 HOH A O     1 
HETATM 1195 O O     . HOH C 3 .   ? 8.150   -8.428  -13.158 1.00 24.15 ? 612 HOH A O     1 
HETATM 1196 O O     . HOH C 3 .   ? 6.731   3.917   -6.674  1.00 17.30 ? 613 HOH A O     1 
HETATM 1197 O O     . HOH C 3 .   ? -10.155 -4.478  -8.079  1.00 22.84 ? 614 HOH A O     1 
HETATM 1198 O O     . HOH C 3 .   ? -0.651  15.313  8.225   1.00 10.87 ? 615 HOH A O     1 
HETATM 1199 O O     . HOH C 3 .   ? 13.820  0.322   10.182  1.00 19.83 ? 616 HOH A O     1 
HETATM 1200 O O     . HOH C 3 .   ? -2.058  8.317   10.804  1.00 16.80 ? 617 HOH A O     1 
HETATM 1201 O O     . HOH C 3 .   ? -1.483  -12.874 -9.427  1.00 12.93 ? 618 HOH A O     1 
HETATM 1202 O O     . HOH C 3 .   ? 6.445   2.640   -9.198  1.00 26.90 ? 619 HOH A O     1 
HETATM 1203 O O     . HOH C 3 .   ? -2.935  -3.072  -0.212  1.00 12.31 ? 620 HOH A O     1 
HETATM 1204 O O     . HOH C 3 .   ? 8.104   -13.714 9.127   1.00 12.77 ? 621 HOH A O     1 
HETATM 1205 O O     . HOH C 3 .   ? -5.674  -18.508 4.848   1.00 22.14 ? 622 HOH A O     1 
HETATM 1206 O O     . HOH C 3 .   ? -13.905 14.588  -0.079  1.00 29.50 ? 623 HOH A O     1 
HETATM 1207 O O     . HOH C 3 .   ? -0.367  12.422  15.889  1.00 11.95 ? 624 HOH A O     1 
HETATM 1208 O O     . HOH C 3 .   ? -11.073 -13.469 4.308   1.00 19.79 ? 625 HOH A O     1 
HETATM 1209 O O     . HOH C 3 .   ? -3.594  15.366  8.397   1.00 18.71 ? 626 HOH A O     1 
HETATM 1210 O O     . HOH C 3 .   ? 3.649   2.988   -9.181  1.00 12.28 ? 627 HOH A O     1 
HETATM 1211 O O     . HOH C 3 .   ? 9.818   -9.947  2.125   1.00 13.15 ? 628 HOH A O     1 
HETATM 1212 O O     . HOH C 3 .   ? 5.180   -18.863 -8.992  1.00 33.41 ? 629 HOH A O     1 
HETATM 1213 O O     . HOH C 3 .   ? -6.483  21.668  -7.796  1.00 38.25 ? 630 HOH A O     1 
HETATM 1214 O O     . HOH C 3 .   ? 4.288   10.426  -3.529  1.00 18.07 ? 631 HOH A O     1 
HETATM 1215 O O     . HOH C 3 .   ? 9.010   9.662   -5.768  1.00 28.21 ? 632 HOH A O     1 
HETATM 1216 O O     . HOH C 3 .   ? -2.112  -7.527  15.733  1.00 26.49 ? 633 HOH A O     1 
HETATM 1217 O O     . HOH C 3 .   ? -5.504  21.753  2.988   1.00 24.41 ? 634 HOH A O     1 
HETATM 1218 O O     . HOH C 3 .   ? 19.282  -3.672  -3.688  1.00 28.16 ? 635 HOH A O     1 
HETATM 1219 O O     . HOH C 3 .   ? -14.904 17.907  -0.138  1.00 42.38 ? 636 HOH A O     1 
HETATM 1220 O O     . HOH C 3 .   ? -9.537  19.991  -6.229  1.00 32.88 ? 637 HOH A O     1 
HETATM 1221 O O     . HOH C 3 .   ? 0.037   15.073  -3.081  1.00 32.94 ? 638 HOH A O     1 
HETATM 1222 O O     . HOH C 3 .   ? 14.569  -3.982  4.345   1.00 20.95 ? 639 HOH A O     1 
HETATM 1223 O O     . HOH C 3 .   ? -3.677  10.179  -11.446 1.00 25.65 ? 640 HOH A O     1 
HETATM 1224 O O     . HOH C 3 .   ? -16.253 4.126   -4.578  1.00 27.58 ? 641 HOH A O     1 
HETATM 1225 O O     . HOH C 3 .   ? -1.675  -2.878  -16.277 1.00 20.50 ? 642 HOH A O     1 
HETATM 1226 O O     . HOH C 3 .   ? -13.308 8.351   6.966   1.00 15.17 ? 643 HOH A O     1 
HETATM 1227 O O     . HOH C 3 .   ? 6.738   -17.293 -5.893  1.00 27.74 ? 644 HOH A O     1 
HETATM 1228 O O     . HOH C 3 .   ? -0.439  17.559  -0.039  1.00 20.02 ? 645 HOH A O     1 
HETATM 1229 O O     . HOH C 3 .   ? -9.075  2.791   6.147   1.00 20.72 ? 646 HOH A O     1 
HETATM 1230 O O     . HOH C 3 .   ? 0.677   8.894   15.924  1.00 38.69 ? 647 HOH A O     1 
HETATM 1231 O O     . HOH C 3 .   ? -10.561 -8.505  -1.187  1.00 33.21 ? 648 HOH A O     1 
HETATM 1232 O O     . HOH C 3 .   ? 17.700  0.078   1.680   1.00 32.87 ? 649 HOH A O     1 
HETATM 1233 O O     . HOH C 3 .   ? -6.706  -1.092  -1.785  1.00 10.99 ? 650 HOH A O     1 
HETATM 1234 O O     . HOH C 3 .   ? 10.321  -12.426 3.464   1.00 18.77 ? 651 HOH A O     1 
HETATM 1235 O O     . HOH C 3 .   ? -2.781  11.022  16.577  1.00 18.14 ? 652 HOH A O     1 
HETATM 1236 O O     . HOH C 3 .   ? 10.138  -2.802  -14.095 1.00 20.13 ? 653 HOH A O     1 
HETATM 1237 O O     . HOH C 3 .   ? -4.765  -21.476 2.045   1.00 15.78 ? 654 HOH A O     1 
HETATM 1238 O O     . HOH C 3 .   ? -9.455  2.696   -1.374  1.00 38.58 ? 655 HOH A O     1 
HETATM 1239 O O     . HOH C 3 .   ? 6.243   13.462  -0.932  1.00 28.66 ? 656 HOH A O     1 
HETATM 1240 O O     . HOH C 3 .   ? -10.748 2.427   0.724   1.00 26.62 ? 657 HOH A O     1 
HETATM 1241 O O     . HOH C 3 .   ? 3.281   -17.687 6.037   1.00 22.68 ? 658 HOH A O     1 
HETATM 1242 O O     . HOH C 3 .   ? 11.654  -7.954  1.782   1.00 24.57 ? 659 HOH A O     1 
HETATM 1243 O O     . HOH C 3 .   ? -9.311  21.379  11.890  1.00 37.55 ? 660 HOH A O     1 
HETATM 1244 O O     . HOH C 3 .   ? -5.362  16.831  6.993   1.00 13.13 ? 661 HOH A O     1 
HETATM 1245 O O     . HOH C 3 .   ? 18.254  0.268   -9.552  1.00 41.06 ? 662 HOH A O     1 
HETATM 1246 O O     . HOH C 3 .   ? -9.976  16.839  -5.977  1.00 35.69 ? 663 HOH A O     1 
HETATM 1247 O O     . HOH C 3 .   ? -7.807  -6.451  9.114   1.00 16.63 ? 664 HOH A O     1 
HETATM 1248 O O     . HOH C 3 .   ? 16.082  0.921   6.470   1.00 31.11 ? 665 HOH A O     1 
HETATM 1249 O O     . HOH C 3 .   ? 12.697  2.718   8.827   1.00 23.80 ? 666 HOH A O     1 
HETATM 1250 O O     . HOH C 3 .   ? -3.466  -15.454 7.067   1.00 9.09  ? 667 HOH A O     1 
HETATM 1251 O O     . HOH C 3 .   ? 3.654   -17.704 -6.142  1.00 24.60 ? 668 HOH A O     1 
HETATM 1252 O O     . HOH C 3 .   ? 11.401  6.650   -10.470 1.00 23.97 ? 669 HOH A O     1 
HETATM 1253 O O     . HOH C 3 .   ? 7.243   -11.402 10.952  1.00 34.64 ? 670 HOH A O     1 
HETATM 1254 O O     . HOH C 3 .   ? -16.634 -4.411  -12.748 1.00 48.94 ? 671 HOH A O     1 
HETATM 1255 O O     . HOH C 3 .   ? 12.249  -12.948 1.920   1.00 20.84 ? 672 HOH A O     1 
HETATM 1256 O O     . HOH C 3 .   ? -5.013  -2.013  -15.550 1.00 32.93 ? 673 HOH A O     1 
HETATM 1257 O O     . HOH C 3 .   ? -4.608  9.445   18.150  1.00 36.62 ? 674 HOH A O     1 
HETATM 1258 O O     . HOH C 3 .   ? 10.873  -12.636 -4.906  1.00 34.57 ? 675 HOH A O     1 
HETATM 1259 O O     . HOH C 3 .   ? -7.176  -4.950  5.118   1.00 20.73 ? 676 HOH A O     1 
HETATM 1260 O O     . HOH C 3 .   ? 3.698   6.734   -5.311  1.00 18.72 ? 677 HOH A O     1 
HETATM 1261 O O     . HOH C 3 .   ? -1.077  -6.765  -12.346 1.00 13.27 ? 678 HOH A O     1 
HETATM 1262 O O     . HOH C 3 .   ? -11.379 18.314  4.842   1.00 30.54 ? 679 HOH A O     1 
HETATM 1263 O O     . HOH C 3 .   ? -10.237 -8.197  -5.929  1.00 30.47 ? 680 HOH A O     1 
HETATM 1264 O O     . HOH C 3 .   ? -9.630  20.121  0.805   1.00 29.68 ? 681 HOH A O     1 
HETATM 1265 O O     . HOH C 3 .   ? 13.521  7.510   2.301   1.00 28.40 ? 682 HOH A O     1 
HETATM 1266 O O     . HOH C 3 .   ? -16.443 10.842  -0.423  1.00 30.95 ? 683 HOH A O     1 
HETATM 1267 O O     . HOH C 3 .   ? 7.173   -3.801  -12.721 1.00 44.16 ? 684 HOH A O     1 
HETATM 1268 O O     . HOH C 3 .   ? 8.567   -15.272 -4.274  1.00 38.61 ? 685 HOH A O     1 
HETATM 1269 O O     . HOH C 3 .   ? 4.860   15.593  5.754   1.00 22.25 ? 686 HOH A O     1 
HETATM 1270 O O     . HOH C 3 .   ? -5.520  -8.628  -5.929  1.00 23.97 ? 687 HOH A O     1 
HETATM 1271 O O     . HOH C 3 .   ? -9.963  -5.475  5.072   1.00 25.97 ? 688 HOH A O     1 
HETATM 1272 O O     . HOH C 3 .   ? 15.261  -13.422 1.213   1.00 51.92 ? 689 HOH A O     1 
HETATM 1273 O O     . HOH C 3 .   ? -11.137 -3.229  5.606   1.00 25.53 ? 690 HOH A O     1 
HETATM 1274 O O     . HOH C 3 .   ? -8.082  12.256  14.777  1.00 25.16 ? 691 HOH A O     1 
HETATM 1275 O O     . HOH C 3 .   ? 0.044   -2.349  0.447   1.00 19.84 ? 692 HOH A O     1 
HETATM 1276 O O     . HOH C 3 .   ? 16.275  1.015   9.295   1.00 26.06 ? 693 HOH A O     1 
HETATM 1277 O O     . HOH C 3 .   ? -4.409  11.147  14.681  1.00 21.50 ? 694 HOH A O     1 
HETATM 1278 O O     . HOH C 3 .   ? -7.690  0.861   -3.306  1.00 18.49 ? 695 HOH A O     1 
HETATM 1279 O O     . HOH C 3 .   ? -4.048  19.090  6.333   1.00 19.65 ? 696 HOH A O     1 
HETATM 1280 O O     . HOH C 3 .   ? 0.964   -2.370  16.871  1.00 27.60 ? 697 HOH A O     1 
HETATM 1281 O O     . HOH C 3 .   ? -7.230  16.431  -7.524  1.00 25.20 ? 698 HOH A O     1 
HETATM 1282 O O     . HOH C 3 .   ? -1.763  8.956   17.767  1.00 26.32 ? 699 HOH A O     1 
HETATM 1283 O O     . HOH C 3 .   ? 4.024   4.299   -5.709  1.00 22.02 ? 700 HOH A O     1 
HETATM 1284 O O     . HOH C 3 .   ? 17.440  -3.241  -7.336  1.00 18.90 ? 701 HOH A O     1 
HETATM 1285 O O     . HOH C 3 .   ? -11.332 -6.509  -9.707  1.00 30.96 ? 702 HOH A O     1 
HETATM 1286 O O     . HOH C 3 .   ? -0.136  5.345   -17.661 1.00 25.86 ? 703 HOH A O     1 
HETATM 1287 O O     . HOH C 3 .   ? -15.415 7.734   -0.724  1.00 23.65 ? 704 HOH A O     1 
HETATM 1288 O O     . HOH C 3 .   ? 2.293   13.000  -1.893  1.00 30.38 ? 705 HOH A O     1 
HETATM 1289 O O     . HOH C 3 .   ? -4.154  4.514   -15.247 1.00 34.87 ? 706 HOH A O     1 
HETATM 1290 O O     . HOH C 3 .   ? 6.589   -7.380  14.831  1.00 24.63 ? 707 HOH A O     1 
HETATM 1291 O O     . HOH C 3 .   ? -13.667 1.925   11.266  1.00 37.50 ? 708 HOH A O     1 
HETATM 1292 O O     . HOH C 3 .   ? -14.425 7.103   5.158   1.00 26.81 ? 709 HOH A O     1 
HETATM 1293 O O     . HOH C 3 .   ? -2.369  -22.363 5.173   1.00 22.90 ? 710 HOH A O     1 
HETATM 1294 O O     . HOH C 3 .   ? -10.950 20.332  3.174   1.00 28.02 ? 711 HOH A O     1 
HETATM 1295 O O     . HOH C 3 .   ? 14.505  -8.876  1.930   1.00 26.99 ? 712 HOH A O     1 
HETATM 1296 O O     . HOH C 3 .   ? -9.675  11.743  -11.227 1.00 23.07 ? 713 HOH A O     1 
HETATM 1297 O O     . HOH C 3 .   ? -4.090  -11.156 12.600  1.00 22.13 ? 714 HOH A O     1 
HETATM 1298 O O     . HOH C 3 .   ? 12.217  -14.850 0.093   1.00 26.70 ? 715 HOH A O     1 
HETATM 1299 O O     . HOH C 3 .   ? -9.841  -6.916  0.530   1.00 31.63 ? 716 HOH A O     1 
HETATM 1300 O O     . HOH C 3 .   ? -5.972  -12.845 13.778  1.00 34.03 ? 717 HOH A O     1 
HETATM 1301 O O     . HOH C 3 .   ? -6.245  9.224   -12.923 1.00 30.35 ? 718 HOH A O     1 
HETATM 1302 O O     . HOH C 3 .   ? -7.531  17.381  8.515   1.00 31.62 ? 719 HOH A O     1 
HETATM 1303 O O     . HOH C 3 .   ? -10.650 19.094  11.410  1.00 23.94 ? 720 HOH A O     1 
HETATM 1304 O O     . HOH C 3 .   ? 0.472   19.320  2.047   1.00 40.54 ? 721 HOH A O     1 
HETATM 1305 O O     . HOH C 3 .   ? -5.671  -17.027 7.855   1.00 43.32 ? 722 HOH A O     1 
HETATM 1306 O O     . HOH C 3 .   ? -0.600  -6.073  17.293  1.00 43.76 ? 723 HOH A O     1 
HETATM 1307 O O     . HOH C 3 .   ? -7.167  -3.007  8.674   1.00 37.73 ? 724 HOH A O     1 
HETATM 1308 O O     . HOH C 3 .   ? -10.390 18.048  7.256   1.00 41.81 ? 725 HOH A O     1 
HETATM 1309 O O     . HOH C 3 .   ? 11.309  7.067   -5.379  1.00 37.63 ? 726 HOH A O     1 
HETATM 1310 O O     . HOH C 3 .   ? -4.915  -7.073  -12.841 1.00 38.30 ? 727 HOH A O     1 
HETATM 1311 O O     . HOH C 3 .   ? 10.962  3.518   10.556  1.00 39.11 ? 728 HOH A O     1 
HETATM 1312 O O     . HOH C 3 .   ? -7.734  21.669  -5.521  1.00 34.00 ? 729 HOH A O     1 
HETATM 1313 O O     . HOH C 3 .   ? -3.914  -9.207  -10.360 1.00 31.96 ? 730 HOH A O     1 
HETATM 1314 O O     . HOH C 3 .   ? -3.451  -3.290  17.188  1.00 30.59 ? 731 HOH A O     1 
# 
loop_
_pdbx_poly_seq_scheme.asym_id 
_pdbx_poly_seq_scheme.entity_id 
_pdbx_poly_seq_scheme.seq_id 
_pdbx_poly_seq_scheme.mon_id 
_pdbx_poly_seq_scheme.ndb_seq_num 
_pdbx_poly_seq_scheme.pdb_seq_num 
_pdbx_poly_seq_scheme.auth_seq_num 
_pdbx_poly_seq_scheme.pdb_mon_id 
_pdbx_poly_seq_scheme.auth_mon_id 
_pdbx_poly_seq_scheme.pdb_strand_id 
_pdbx_poly_seq_scheme.pdb_ins_code 
_pdbx_poly_seq_scheme.hetero 
A 1 1   MET 1   1   ?   ?   ?   A . n 
A 1 2   SER 2   2   ?   ?   ?   A . n 
A 1 3   LEU 3   3   3   LEU LEU A . n 
A 1 4   SER 4   4   4   SER SER A . n 
A 1 5   PRO 5   5   5   PRO PRO A . n 
A 1 6   SER 6   6   6   SER SER A . n 
A 1 7   ALA 7   7   7   ALA ALA A . n 
A 1 8   ARG 8   8   8   ARG ARG A . n 
A 1 9   ARG 9   9   9   ARG ARG A . n 
A 1 10  VAL 10  10  10  VAL VAL A . n 
A 1 11  GLN 11  11  11  GLN GLN A . n 
A 1 12  GLY 12  12  12  GLY GLY A . n 
A 1 13  ALA 13  13  13  ALA ALA A . n 
A 1 14  LEU 14  14  14  LEU LEU A . n 
A 1 15  GLU 15  15  15  GLU GLU A . n 
A 1 16  THR 16  16  16  THR THR A . n 
A 1 17  ARG 17  17  17  ARG ARG A . n 
A 1 18  GLY 18  18  18  GLY GLY A . n 
A 1 19  PHE 19  19  19  PHE PHE A . n 
A 1 20  GLY 20  20  20  GLY GLY A . n 
A 1 21  HIS 21  21  21  HIS HIS A . n 
A 1 22  LEU 22  22  22  LEU LEU A . n 
A 1 23  LYS 23  23  23  LYS LYS A . n 
A 1 24  VAL 24  24  24  VAL VAL A . n 
A 1 25  VAL 25  25  25  VAL VAL A . n 
A 1 26  GLU 26  26  26  GLU GLU A . n 
A 1 27  LEU 27  27  27  LEU LEU A . n 
A 1 28  PRO 28  28  28  PRO PRO A . n 
A 1 29  ALA 29  29  29  ALA ALA A . n 
A 1 30  SER 30  30  30  SER SER A . n 
A 1 31  THR 31  31  31  THR THR A . n 
A 1 32  ARG 32  32  32  ARG ARG A . n 
A 1 33  THR 33  33  33  THR THR A . n 
A 1 34  ALA 34  34  34  ALA ALA A . n 
A 1 35  LYS 35  35  35  LYS LYS A . n 
A 1 36  GLU 36  36  36  GLU GLU A . n 
A 1 37  ALA 37  37  37  ALA ALA A . n 
A 1 38  ALA 38  38  38  ALA ALA A . n 
A 1 39  GLN 39  39  39  GLN GLN A . n 
A 1 40  ALA 40  40  40  ALA ALA A . n 
A 1 41  VAL 41  41  41  VAL VAL A . n 
A 1 42  GLY 42  42  42  GLY GLY A . n 
A 1 43  ALA 43  43  43  ALA ALA A . n 
A 1 44  GLU 44  44  44  GLU GLU A . n 
A 1 45  VAL 45  45  45  VAL VAL A . n 
A 1 46  GLY 46  46  46  GLY GLY A . n 
A 1 47  GLN 47  47  47  GLN GLN A . n 
A 1 48  ILE 48  48  48  ILE ILE A . n 
A 1 49  VAL 49  49  49  VAL VAL A . n 
A 1 50  LYS 50  50  50  LYS LYS A . n 
A 1 51  SER 51  51  51  SER SER A . n 
A 1 52  LEU 52  52  52  LEU LEU A . n 
A 1 53  VAL 53  53  53  VAL VAL A . n 
A 1 54  PHE 54  54  54  PHE PHE A . n 
A 1 55  VAL 55  55  55  VAL VAL A . n 
A 1 56  GLY 56  56  56  GLY GLY A . n 
A 1 57  GLU 57  57  57  GLU GLU A . n 
A 1 58  LYS 58  58  58  LYS LYS A . n 
A 1 59  GLY 59  59  59  GLY GLY A . n 
A 1 60  ALA 60  60  60  ALA ALA A . n 
A 1 61  TYR 61  61  61  TYR TYR A . n 
A 1 62  LEU 62  62  62  LEU LEU A . n 
A 1 63  PHE 63  63  63  PHE PHE A . n 
A 1 64  LEU 64  64  64  LEU LEU A . n 
A 1 65  VAL 65  65  65  VAL VAL A . n 
A 1 66  SER 66  66  66  SER SER A . n 
A 1 67  GLY 67  67  67  GLY GLY A . n 
A 1 68  LYS 68  68  68  LYS LYS A . n 
A 1 69  ASN 69  69  69  ASN ASN A . n 
A 1 70  ARG 70  70  70  ARG ARG A . n 
A 1 71  LEU 71  71  71  LEU LEU A . n 
A 1 72  ASP 72  72  72  ASP ASP A . n 
A 1 73  LEU 73  73  73  LEU LEU A . n 
A 1 74  GLY 74  74  74  GLY GLY A . n 
A 1 75  LYS 75  75  75  LYS LYS A . n 
A 1 76  ALA 76  76  76  ALA ALA A . n 
A 1 77  THR 77  77  77  THR THR A . n 
A 1 78  ARG 78  78  78  ARG ARG A . n 
A 1 79  LEU 79  79  79  LEU LEU A . n 
A 1 80  VAL 80  80  80  VAL VAL A . n 
A 1 81  GLY 81  81  81  GLY GLY A . n 
A 1 82  GLY 82  82  82  GLY GLY A . n 
A 1 83  PRO 83  83  83  PRO PRO A . n 
A 1 84  LEU 84  84  84  LEU LEU A . n 
A 1 85  ARG 85  85  85  ARG ARG A . n 
A 1 86  GLN 86  86  86  GLN GLN A . n 
A 1 87  ALA 87  87  87  ALA ALA A . n 
A 1 88  THR 88  88  88  THR THR A . n 
A 1 89  PRO 89  89  89  PRO PRO A . n 
A 1 90  GLU 90  90  90  GLU GLU A . n 
A 1 91  GLU 91  91  91  GLU GLU A . n 
A 1 92  VAL 92  92  92  VAL VAL A . n 
A 1 93  ARG 93  93  93  ARG ARG A . n 
A 1 94  GLU 94  94  94  GLU GLU A . n 
A 1 95  LEU 95  95  95  LEU LEU A . n 
A 1 96  THR 96  96  96  THR THR A . n 
A 1 97  GLY 97  97  97  GLY GLY A . n 
A 1 98  PHE 98  98  98  PHE PHE A . n 
A 1 99  ALA 99  99  99  ALA ALA A . n 
A 1 100 ILE 100 100 100 ILE ILE A . n 
A 1 101 GLY 101 101 101 GLY GLY A . n 
A 1 102 GLY 102 102 102 GLY GLY A . n 
A 1 103 VAL 103 103 103 VAL VAL A . n 
A 1 104 PRO 104 104 104 PRO PRO A . n 
A 1 105 PRO 105 105 105 PRO PRO A . n 
A 1 106 VAL 106 106 106 VAL VAL A . n 
A 1 107 GLY 107 107 107 GLY GLY A . n 
A 1 108 HIS 108 108 108 HIS HIS A . n 
A 1 109 ASN 109 109 109 ASN ASN A . n 
A 1 110 THR 110 110 110 THR THR A . n 
A 1 111 PRO 111 111 111 PRO PRO A . n 
A 1 112 LEU 112 112 112 LEU LEU A . n 
A 1 113 PRO 113 113 113 PRO PRO A . n 
A 1 114 ALA 114 114 114 ALA ALA A . n 
A 1 115 TYR 115 115 115 TYR TYR A . n 
A 1 116 LEU 116 116 116 LEU LEU A . n 
A 1 117 ASP 117 117 117 ASP ASP A . n 
A 1 118 GLU 118 118 118 GLU GLU A . n 
A 1 119 ASP 119 119 119 ASP ASP A . n 
A 1 120 LEU 120 120 120 LEU LEU A . n 
A 1 121 LEU 121 121 121 LEU LEU A . n 
A 1 122 GLY 122 122 122 GLY GLY A . n 
A 1 123 TYR 123 123 123 TYR TYR A . n 
A 1 124 PRO 124 124 124 PRO PRO A . n 
A 1 125 GLU 125 125 125 GLU GLU A . n 
A 1 126 VAL 126 126 126 VAL VAL A . n 
A 1 127 TRP 127 127 127 TRP TRP A . n 
A 1 128 ALA 128 128 128 ALA ALA A . n 
A 1 129 ALA 129 129 129 ALA ALA A . n 
A 1 130 GLY 130 130 130 GLY GLY A . n 
A 1 131 GLY 131 131 131 GLY GLY A . n 
A 1 132 THR 132 132 132 THR THR A . n 
A 1 133 PRO 133 133 133 PRO PRO A . n 
A 1 134 ARG 134 134 134 ARG ARG A . n 
A 1 135 ALA 135 135 135 ALA ALA A . n 
A 1 136 LEU 136 136 136 LEU LEU A . n 
A 1 137 PHE 137 137 137 PHE PHE A . n 
A 1 138 ARG 138 138 138 ARG ARG A . n 
A 1 139 ALA 139 139 139 ALA ALA A . n 
A 1 140 THR 140 140 140 THR THR A . n 
A 1 141 PRO 141 141 141 PRO PRO A . n 
A 1 142 LYS 142 142 142 LYS LYS A . n 
A 1 143 GLU 143 143 143 GLU GLU A . n 
A 1 144 LEU 144 144 144 LEU LEU A . n 
A 1 145 LEU 145 145 145 LEU LEU A . n 
A 1 146 ALA 146 146 146 ALA ALA A . n 
A 1 147 LEU 147 147 147 LEU LEU A . n 
A 1 148 THR 148 148 148 THR THR A . n 
A 1 149 GLY 149 149 149 GLY GLY A . n 
A 1 150 ALA 150 150 150 ALA ALA A . n 
A 1 151 GLN 151 151 151 GLN GLN A . n 
A 1 152 VAL 152 152 152 VAL VAL A . n 
A 1 153 ALA 153 153 153 ALA ALA A . n 
A 1 154 ASP 154 154 154 ASP ASP A . n 
A 1 155 LEU 155 155 155 LEU LEU A . n 
A 1 156 LYS 156 156 156 LYS LYS A . n 
A 1 157 GLU 157 157 157 GLU GLU A . n 
A 1 158 GLY 158 158 158 GLY GLY A . n 
# 
_pdbx_SG_project.id                    1 
_pdbx_SG_project.project_name          'NPPSFA, National Project on Protein Structural and Functional Analyses' 
_pdbx_SG_project.full_name_of_center   'RIKEN Structural Genomics/Proteomics Initiative' 
_pdbx_SG_project.initial_of_center     RSGI 
# 
loop_
_pdbx_nonpoly_scheme.asym_id 
_pdbx_nonpoly_scheme.entity_id 
_pdbx_nonpoly_scheme.mon_id 
_pdbx_nonpoly_scheme.ndb_seq_num 
_pdbx_nonpoly_scheme.pdb_seq_num 
_pdbx_nonpoly_scheme.auth_seq_num 
_pdbx_nonpoly_scheme.pdb_mon_id 
_pdbx_nonpoly_scheme.auth_mon_id 
_pdbx_nonpoly_scheme.pdb_strand_id 
_pdbx_nonpoly_scheme.pdb_ins_code 
B 2 A5A 1   600 600 A5A A5A A . 
C 3 HOH 1   601 1   HOH TIP A . 
C 3 HOH 2   602 2   HOH TIP A . 
C 3 HOH 3   603 3   HOH TIP A . 
C 3 HOH 4   604 4   HOH TIP A . 
C 3 HOH 5   605 5   HOH TIP A . 
C 3 HOH 6   606 6   HOH TIP A . 
C 3 HOH 7   607 7   HOH TIP A . 
C 3 HOH 8   608 8   HOH TIP A . 
C 3 HOH 9   609 9   HOH TIP A . 
C 3 HOH 10  610 10  HOH TIP A . 
C 3 HOH 11  611 11  HOH TIP A . 
C 3 HOH 12  612 12  HOH TIP A . 
C 3 HOH 13  613 13  HOH TIP A . 
C 3 HOH 14  614 14  HOH TIP A . 
C 3 HOH 15  615 15  HOH TIP A . 
C 3 HOH 16  616 16  HOH TIP A . 
C 3 HOH 17  617 17  HOH TIP A . 
C 3 HOH 18  618 18  HOH TIP A . 
C 3 HOH 19  619 19  HOH TIP A . 
C 3 HOH 20  620 20  HOH TIP A . 
C 3 HOH 21  621 21  HOH TIP A . 
C 3 HOH 22  622 22  HOH TIP A . 
C 3 HOH 23  623 23  HOH TIP A . 
C 3 HOH 24  624 24  HOH TIP A . 
C 3 HOH 25  625 25  HOH TIP A . 
C 3 HOH 26  626 26  HOH TIP A . 
C 3 HOH 27  627 27  HOH TIP A . 
C 3 HOH 28  628 28  HOH TIP A . 
C 3 HOH 29  629 29  HOH TIP A . 
C 3 HOH 30  630 30  HOH TIP A . 
C 3 HOH 31  631 31  HOH TIP A . 
C 3 HOH 32  632 32  HOH TIP A . 
C 3 HOH 33  633 33  HOH TIP A . 
C 3 HOH 34  634 34  HOH TIP A . 
C 3 HOH 35  635 35  HOH TIP A . 
C 3 HOH 36  636 36  HOH TIP A . 
C 3 HOH 37  637 37  HOH TIP A . 
C 3 HOH 38  638 38  HOH TIP A . 
C 3 HOH 39  639 39  HOH TIP A . 
C 3 HOH 40  640 40  HOH TIP A . 
C 3 HOH 41  641 41  HOH TIP A . 
C 3 HOH 42  642 42  HOH TIP A . 
C 3 HOH 43  643 43  HOH TIP A . 
C 3 HOH 44  644 44  HOH TIP A . 
C 3 HOH 45  645 45  HOH TIP A . 
C 3 HOH 46  646 46  HOH TIP A . 
C 3 HOH 47  647 47  HOH TIP A . 
C 3 HOH 48  648 48  HOH TIP A . 
C 3 HOH 49  649 49  HOH TIP A . 
C 3 HOH 50  650 50  HOH TIP A . 
C 3 HOH 51  651 51  HOH TIP A . 
C 3 HOH 52  652 52  HOH TIP A . 
C 3 HOH 53  653 53  HOH TIP A . 
C 3 HOH 54  654 54  HOH TIP A . 
C 3 HOH 55  655 55  HOH TIP A . 
C 3 HOH 56  656 56  HOH TIP A . 
C 3 HOH 57  657 57  HOH TIP A . 
C 3 HOH 58  658 58  HOH TIP A . 
C 3 HOH 59  659 59  HOH TIP A . 
C 3 HOH 60  660 60  HOH TIP A . 
C 3 HOH 61  661 61  HOH TIP A . 
C 3 HOH 62  662 62  HOH TIP A . 
C 3 HOH 63  663 63  HOH TIP A . 
C 3 HOH 64  664 64  HOH TIP A . 
C 3 HOH 65  665 65  HOH TIP A . 
C 3 HOH 66  666 66  HOH TIP A . 
C 3 HOH 67  667 67  HOH TIP A . 
C 3 HOH 68  668 68  HOH TIP A . 
C 3 HOH 69  669 69  HOH TIP A . 
C 3 HOH 70  670 70  HOH TIP A . 
C 3 HOH 71  671 71  HOH TIP A . 
C 3 HOH 72  672 72  HOH TIP A . 
C 3 HOH 73  673 73  HOH TIP A . 
C 3 HOH 74  674 74  HOH TIP A . 
C 3 HOH 75  675 75  HOH TIP A . 
C 3 HOH 76  676 76  HOH TIP A . 
C 3 HOH 77  677 77  HOH TIP A . 
C 3 HOH 78  678 78  HOH TIP A . 
C 3 HOH 79  679 79  HOH TIP A . 
C 3 HOH 80  680 80  HOH TIP A . 
C 3 HOH 81  681 81  HOH TIP A . 
C 3 HOH 82  682 82  HOH TIP A . 
C 3 HOH 83  683 83  HOH TIP A . 
C 3 HOH 84  684 84  HOH TIP A . 
C 3 HOH 85  685 85  HOH TIP A . 
C 3 HOH 86  686 86  HOH TIP A . 
C 3 HOH 87  687 87  HOH TIP A . 
C 3 HOH 88  688 88  HOH TIP A . 
C 3 HOH 89  689 89  HOH TIP A . 
C 3 HOH 90  690 90  HOH TIP A . 
C 3 HOH 91  691 91  HOH TIP A . 
C 3 HOH 92  692 92  HOH TIP A . 
C 3 HOH 93  693 93  HOH TIP A . 
C 3 HOH 94  694 94  HOH TIP A . 
C 3 HOH 95  695 95  HOH TIP A . 
C 3 HOH 96  696 96  HOH TIP A . 
C 3 HOH 97  697 97  HOH TIP A . 
C 3 HOH 98  698 98  HOH TIP A . 
C 3 HOH 99  699 99  HOH TIP A . 
C 3 HOH 100 700 100 HOH TIP A . 
C 3 HOH 101 701 101 HOH TIP A . 
C 3 HOH 102 702 102 HOH TIP A . 
C 3 HOH 103 703 103 HOH TIP A . 
C 3 HOH 104 704 104 HOH TIP A . 
C 3 HOH 105 705 105 HOH TIP A . 
C 3 HOH 106 706 106 HOH TIP A . 
C 3 HOH 107 707 107 HOH TIP A . 
C 3 HOH 108 708 108 HOH TIP A . 
C 3 HOH 109 709 109 HOH TIP A . 
C 3 HOH 110 710 110 HOH TIP A . 
C 3 HOH 111 711 111 HOH TIP A . 
C 3 HOH 112 712 112 HOH TIP A . 
C 3 HOH 113 713 113 HOH TIP A . 
C 3 HOH 114 714 114 HOH TIP A . 
C 3 HOH 115 715 115 HOH TIP A . 
C 3 HOH 116 716 116 HOH TIP A . 
C 3 HOH 117 717 117 HOH TIP A . 
C 3 HOH 118 718 118 HOH TIP A . 
C 3 HOH 119 719 119 HOH TIP A . 
C 3 HOH 120 720 120 HOH TIP A . 
C 3 HOH 121 721 121 HOH TIP A . 
C 3 HOH 122 722 122 HOH TIP A . 
C 3 HOH 123 723 123 HOH TIP A . 
C 3 HOH 124 724 124 HOH TIP A . 
C 3 HOH 125 725 125 HOH TIP A . 
C 3 HOH 126 726 126 HOH TIP A . 
C 3 HOH 127 727 127 HOH TIP A . 
C 3 HOH 128 728 128 HOH TIP A . 
C 3 HOH 129 729 129 HOH TIP A . 
C 3 HOH 130 730 130 HOH TIP A . 
C 3 HOH 131 731 131 HOH TIP A . 
# 
_pdbx_struct_assembly.id                   1 
_pdbx_struct_assembly.details              author_and_software_defined_assembly 
_pdbx_struct_assembly.method_details       PISA 
_pdbx_struct_assembly.oligomeric_details   monomeric 
_pdbx_struct_assembly.oligomeric_count     1 
# 
_pdbx_struct_assembly_gen.assembly_id       1 
_pdbx_struct_assembly_gen.oper_expression   1 
_pdbx_struct_assembly_gen.asym_id_list      A,B,C 
# 
_pdbx_struct_oper_list.id                   1 
_pdbx_struct_oper_list.type                 'identity operation' 
_pdbx_struct_oper_list.name                 1_555 
_pdbx_struct_oper_list.symmetry_operation   x,y,z 
_pdbx_struct_oper_list.matrix[1][1]         1.0000000000 
_pdbx_struct_oper_list.matrix[1][2]         0.0000000000 
_pdbx_struct_oper_list.matrix[1][3]         0.0000000000 
_pdbx_struct_oper_list.vector[1]            0.0000000000 
_pdbx_struct_oper_list.matrix[2][1]         0.0000000000 
_pdbx_struct_oper_list.matrix[2][2]         1.0000000000 
_pdbx_struct_oper_list.matrix[2][3]         0.0000000000 
_pdbx_struct_oper_list.vector[2]            0.0000000000 
_pdbx_struct_oper_list.matrix[3][1]         0.0000000000 
_pdbx_struct_oper_list.matrix[3][2]         0.0000000000 
_pdbx_struct_oper_list.matrix[3][3]         1.0000000000 
_pdbx_struct_oper_list.vector[3]            0.0000000000 
# 
loop_
_pdbx_audit_revision_history.ordinal 
_pdbx_audit_revision_history.data_content_type 
_pdbx_audit_revision_history.major_revision 
_pdbx_audit_revision_history.minor_revision 
_pdbx_audit_revision_history.revision_date 
1 'Structure model' 1 0 2007-11-13 
2 'Structure model' 1 1 2011-07-13 
3 'Structure model' 1 2 2023-11-01 
# 
_pdbx_audit_revision_details.ordinal             1 
_pdbx_audit_revision_details.revision_ordinal    1 
_pdbx_audit_revision_details.data_content_type   'Structure model' 
_pdbx_audit_revision_details.provider            repository 
_pdbx_audit_revision_details.type                'Initial release' 
_pdbx_audit_revision_details.description         ? 
_pdbx_audit_revision_details.details             ? 
# 
loop_
_pdbx_audit_revision_group.ordinal 
_pdbx_audit_revision_group.revision_ordinal 
_pdbx_audit_revision_group.data_content_type 
_pdbx_audit_revision_group.group 
1 2 'Structure model' 'Source and taxonomy'       
2 2 'Structure model' 'Version format compliance' 
3 3 'Structure model' 'Data collection'           
4 3 'Structure model' 'Database references'       
5 3 'Structure model' 'Derived calculations'      
6 3 'Structure model' 'Refinement description'    
# 
loop_
_pdbx_audit_revision_category.ordinal 
_pdbx_audit_revision_category.revision_ordinal 
_pdbx_audit_revision_category.data_content_type 
_pdbx_audit_revision_category.category 
1 3 'Structure model' chem_comp_atom                
2 3 'Structure model' chem_comp_bond                
3 3 'Structure model' database_2                    
4 3 'Structure model' pdbx_initial_refinement_model 
5 3 'Structure model' struct_site                   
# 
loop_
_pdbx_audit_revision_item.ordinal 
_pdbx_audit_revision_item.revision_ordinal 
_pdbx_audit_revision_item.data_content_type 
_pdbx_audit_revision_item.item 
1 3 'Structure model' '_database_2.pdbx_DOI'                
2 3 'Structure model' '_database_2.pdbx_database_accession' 
3 3 'Structure model' '_struct_site.pdbx_auth_asym_id'      
4 3 'Structure model' '_struct_site.pdbx_auth_comp_id'      
5 3 'Structure model' '_struct_site.pdbx_auth_seq_id'       
# 
loop_
_software.name 
_software.classification 
_software.version 
_software.citation_id 
_software.pdbx_ordinal 
CNS      refinement       1.1 ? 1 
HKL-2000 'data reduction' .   ? 2 
HKL-2000 'data scaling'   .   ? 3 
MOLREP   phasing          .   ? 4 
# 
loop_
_pdbx_unobs_or_zero_occ_residues.id 
_pdbx_unobs_or_zero_occ_residues.PDB_model_num 
_pdbx_unobs_or_zero_occ_residues.polymer_flag 
_pdbx_unobs_or_zero_occ_residues.occupancy_flag 
_pdbx_unobs_or_zero_occ_residues.auth_asym_id 
_pdbx_unobs_or_zero_occ_residues.auth_comp_id 
_pdbx_unobs_or_zero_occ_residues.auth_seq_id 
_pdbx_unobs_or_zero_occ_residues.PDB_ins_code 
_pdbx_unobs_or_zero_occ_residues.label_asym_id 
_pdbx_unobs_or_zero_occ_residues.label_comp_id 
_pdbx_unobs_or_zero_occ_residues.label_seq_id 
1 1 Y 1 A MET 1 ? A MET 1 
2 1 Y 1 A SER 2 ? A SER 2 
# 
loop_
_chem_comp_atom.comp_id 
_chem_comp_atom.atom_id 
_chem_comp_atom.type_symbol 
_chem_comp_atom.pdbx_aromatic_flag 
_chem_comp_atom.pdbx_stereo_config 
_chem_comp_atom.pdbx_ordinal 
A5A N      N N N 1   
A5A CA     C N S 2   
A5A CB     C N N 3   
A5A C      C N N 4   
A5A O      O N N 5   
A5A N3S    N N N 6   
A5A S      S N N 7   
A5A O1S    O N N 8   
A5A O2S    O N N 9   
A5A "O5'"  O N N 10  
A5A "C5'"  C N N 11  
A5A "C4'"  C N R 12  
A5A "O4'"  O N N 13  
A5A "C3'"  C N S 14  
A5A "O3'"  O N N 15  
A5A "C2'"  C N R 16  
A5A "O2'"  O N N 17  
A5A "C1'"  C N R 18  
A5A N9     N Y N 19  
A5A C8     C Y N 20  
A5A N7     N Y N 21  
A5A C5     C Y N 22  
A5A C6     C Y N 23  
A5A N6     N N N 24  
A5A N1     N Y N 25  
A5A C2     C Y N 26  
A5A N3     N Y N 27  
A5A C4     C Y N 28  
A5A H      H N N 29  
A5A HN2    H N N 30  
A5A HA     H N N 31  
A5A HB1    H N N 32  
A5A HB2    H N N 33  
A5A HB3    H N N 34  
A5A H3S    H N N 35  
A5A "H5'1" H N N 36  
A5A "H5'2" H N N 37  
A5A "H4'"  H N N 38  
A5A "H3'"  H N N 39  
A5A H3T    H N N 40  
A5A "H2'"  H N N 41  
A5A "HO'2" H N N 42  
A5A "H1'"  H N N 43  
A5A H8     H N N 44  
A5A H61    H N N 45  
A5A H62    H N N 46  
A5A H2     H N N 47  
ALA N      N N N 48  
ALA CA     C N S 49  
ALA C      C N N 50  
ALA O      O N N 51  
ALA CB     C N N 52  
ALA OXT    O N N 53  
ALA H      H N N 54  
ALA H2     H N N 55  
ALA HA     H N N 56  
ALA HB1    H N N 57  
ALA HB2    H N N 58  
ALA HB3    H N N 59  
ALA HXT    H N N 60  
ARG N      N N N 61  
ARG CA     C N S 62  
ARG C      C N N 63  
ARG O      O N N 64  
ARG CB     C N N 65  
ARG CG     C N N 66  
ARG CD     C N N 67  
ARG NE     N N N 68  
ARG CZ     C N N 69  
ARG NH1    N N N 70  
ARG NH2    N N N 71  
ARG OXT    O N N 72  
ARG H      H N N 73  
ARG H2     H N N 74  
ARG HA     H N N 75  
ARG HB2    H N N 76  
ARG HB3    H N N 77  
ARG HG2    H N N 78  
ARG HG3    H N N 79  
ARG HD2    H N N 80  
ARG HD3    H N N 81  
ARG HE     H N N 82  
ARG HH11   H N N 83  
ARG HH12   H N N 84  
ARG HH21   H N N 85  
ARG HH22   H N N 86  
ARG HXT    H N N 87  
ASN N      N N N 88  
ASN CA     C N S 89  
ASN C      C N N 90  
ASN O      O N N 91  
ASN CB     C N N 92  
ASN CG     C N N 93  
ASN OD1    O N N 94  
ASN ND2    N N N 95  
ASN OXT    O N N 96  
ASN H      H N N 97  
ASN H2     H N N 98  
ASN HA     H N N 99  
ASN HB2    H N N 100 
ASN HB3    H N N 101 
ASN HD21   H N N 102 
ASN HD22   H N N 103 
ASN HXT    H N N 104 
ASP N      N N N 105 
ASP CA     C N S 106 
ASP C      C N N 107 
ASP O      O N N 108 
ASP CB     C N N 109 
ASP CG     C N N 110 
ASP OD1    O N N 111 
ASP OD2    O N N 112 
ASP OXT    O N N 113 
ASP H      H N N 114 
ASP H2     H N N 115 
ASP HA     H N N 116 
ASP HB2    H N N 117 
ASP HB3    H N N 118 
ASP HD2    H N N 119 
ASP HXT    H N N 120 
GLN N      N N N 121 
GLN CA     C N S 122 
GLN C      C N N 123 
GLN O      O N N 124 
GLN CB     C N N 125 
GLN CG     C N N 126 
GLN CD     C N N 127 
GLN OE1    O N N 128 
GLN NE2    N N N 129 
GLN OXT    O N N 130 
GLN H      H N N 131 
GLN H2     H N N 132 
GLN HA     H N N 133 
GLN HB2    H N N 134 
GLN HB3    H N N 135 
GLN HG2    H N N 136 
GLN HG3    H N N 137 
GLN HE21   H N N 138 
GLN HE22   H N N 139 
GLN HXT    H N N 140 
GLU N      N N N 141 
GLU CA     C N S 142 
GLU C      C N N 143 
GLU O      O N N 144 
GLU CB     C N N 145 
GLU CG     C N N 146 
GLU CD     C N N 147 
GLU OE1    O N N 148 
GLU OE2    O N N 149 
GLU OXT    O N N 150 
GLU H      H N N 151 
GLU H2     H N N 152 
GLU HA     H N N 153 
GLU HB2    H N N 154 
GLU HB3    H N N 155 
GLU HG2    H N N 156 
GLU HG3    H N N 157 
GLU HE2    H N N 158 
GLU HXT    H N N 159 
GLY N      N N N 160 
GLY CA     C N N 161 
GLY C      C N N 162 
GLY O      O N N 163 
GLY OXT    O N N 164 
GLY H      H N N 165 
GLY H2     H N N 166 
GLY HA2    H N N 167 
GLY HA3    H N N 168 
GLY HXT    H N N 169 
HIS N      N N N 170 
HIS CA     C N S 171 
HIS C      C N N 172 
HIS O      O N N 173 
HIS CB     C N N 174 
HIS CG     C Y N 175 
HIS ND1    N Y N 176 
HIS CD2    C Y N 177 
HIS CE1    C Y N 178 
HIS NE2    N Y N 179 
HIS OXT    O N N 180 
HIS H      H N N 181 
HIS H2     H N N 182 
HIS HA     H N N 183 
HIS HB2    H N N 184 
HIS HB3    H N N 185 
HIS HD1    H N N 186 
HIS HD2    H N N 187 
HIS HE1    H N N 188 
HIS HE2    H N N 189 
HIS HXT    H N N 190 
HOH O      O N N 191 
HOH H1     H N N 192 
HOH H2     H N N 193 
ILE N      N N N 194 
ILE CA     C N S 195 
ILE C      C N N 196 
ILE O      O N N 197 
ILE CB     C N S 198 
ILE CG1    C N N 199 
ILE CG2    C N N 200 
ILE CD1    C N N 201 
ILE OXT    O N N 202 
ILE H      H N N 203 
ILE H2     H N N 204 
ILE HA     H N N 205 
ILE HB     H N N 206 
ILE HG12   H N N 207 
ILE HG13   H N N 208 
ILE HG21   H N N 209 
ILE HG22   H N N 210 
ILE HG23   H N N 211 
ILE HD11   H N N 212 
ILE HD12   H N N 213 
ILE HD13   H N N 214 
ILE HXT    H N N 215 
LEU N      N N N 216 
LEU CA     C N S 217 
LEU C      C N N 218 
LEU O      O N N 219 
LEU CB     C N N 220 
LEU CG     C N N 221 
LEU CD1    C N N 222 
LEU CD2    C N N 223 
LEU OXT    O N N 224 
LEU H      H N N 225 
LEU H2     H N N 226 
LEU HA     H N N 227 
LEU HB2    H N N 228 
LEU HB3    H N N 229 
LEU HG     H N N 230 
LEU HD11   H N N 231 
LEU HD12   H N N 232 
LEU HD13   H N N 233 
LEU HD21   H N N 234 
LEU HD22   H N N 235 
LEU HD23   H N N 236 
LEU HXT    H N N 237 
LYS N      N N N 238 
LYS CA     C N S 239 
LYS C      C N N 240 
LYS O      O N N 241 
LYS CB     C N N 242 
LYS CG     C N N 243 
LYS CD     C N N 244 
LYS CE     C N N 245 
LYS NZ     N N N 246 
LYS OXT    O N N 247 
LYS H      H N N 248 
LYS H2     H N N 249 
LYS HA     H N N 250 
LYS HB2    H N N 251 
LYS HB3    H N N 252 
LYS HG2    H N N 253 
LYS HG3    H N N 254 
LYS HD2    H N N 255 
LYS HD3    H N N 256 
LYS HE2    H N N 257 
LYS HE3    H N N 258 
LYS HZ1    H N N 259 
LYS HZ2    H N N 260 
LYS HZ3    H N N 261 
LYS HXT    H N N 262 
MET N      N N N 263 
MET CA     C N S 264 
MET C      C N N 265 
MET O      O N N 266 
MET CB     C N N 267 
MET CG     C N N 268 
MET SD     S N N 269 
MET CE     C N N 270 
MET OXT    O N N 271 
MET H      H N N 272 
MET H2     H N N 273 
MET HA     H N N 274 
MET HB2    H N N 275 
MET HB3    H N N 276 
MET HG2    H N N 277 
MET HG3    H N N 278 
MET HE1    H N N 279 
MET HE2    H N N 280 
MET HE3    H N N 281 
MET HXT    H N N 282 
PHE N      N N N 283 
PHE CA     C N S 284 
PHE C      C N N 285 
PHE O      O N N 286 
PHE CB     C N N 287 
PHE CG     C Y N 288 
PHE CD1    C Y N 289 
PHE CD2    C Y N 290 
PHE CE1    C Y N 291 
PHE CE2    C Y N 292 
PHE CZ     C Y N 293 
PHE OXT    O N N 294 
PHE H      H N N 295 
PHE H2     H N N 296 
PHE HA     H N N 297 
PHE HB2    H N N 298 
PHE HB3    H N N 299 
PHE HD1    H N N 300 
PHE HD2    H N N 301 
PHE HE1    H N N 302 
PHE HE2    H N N 303 
PHE HZ     H N N 304 
PHE HXT    H N N 305 
PRO N      N N N 306 
PRO CA     C N S 307 
PRO C      C N N 308 
PRO O      O N N 309 
PRO CB     C N N 310 
PRO CG     C N N 311 
PRO CD     C N N 312 
PRO OXT    O N N 313 
PRO H      H N N 314 
PRO HA     H N N 315 
PRO HB2    H N N 316 
PRO HB3    H N N 317 
PRO HG2    H N N 318 
PRO HG3    H N N 319 
PRO HD2    H N N 320 
PRO HD3    H N N 321 
PRO HXT    H N N 322 
SER N      N N N 323 
SER CA     C N S 324 
SER C      C N N 325 
SER O      O N N 326 
SER CB     C N N 327 
SER OG     O N N 328 
SER OXT    O N N 329 
SER H      H N N 330 
SER H2     H N N 331 
SER HA     H N N 332 
SER HB2    H N N 333 
SER HB3    H N N 334 
SER HG     H N N 335 
SER HXT    H N N 336 
THR N      N N N 337 
THR CA     C N S 338 
THR C      C N N 339 
THR O      O N N 340 
THR CB     C N R 341 
THR OG1    O N N 342 
THR CG2    C N N 343 
THR OXT    O N N 344 
THR H      H N N 345 
THR H2     H N N 346 
THR HA     H N N 347 
THR HB     H N N 348 
THR HG1    H N N 349 
THR HG21   H N N 350 
THR HG22   H N N 351 
THR HG23   H N N 352 
THR HXT    H N N 353 
TRP N      N N N 354 
TRP CA     C N S 355 
TRP C      C N N 356 
TRP O      O N N 357 
TRP CB     C N N 358 
TRP CG     C Y N 359 
TRP CD1    C Y N 360 
TRP CD2    C Y N 361 
TRP NE1    N Y N 362 
TRP CE2    C Y N 363 
TRP CE3    C Y N 364 
TRP CZ2    C Y N 365 
TRP CZ3    C Y N 366 
TRP CH2    C Y N 367 
TRP OXT    O N N 368 
TRP H      H N N 369 
TRP H2     H N N 370 
TRP HA     H N N 371 
TRP HB2    H N N 372 
TRP HB3    H N N 373 
TRP HD1    H N N 374 
TRP HE1    H N N 375 
TRP HE3    H N N 376 
TRP HZ2    H N N 377 
TRP HZ3    H N N 378 
TRP HH2    H N N 379 
TRP HXT    H N N 380 
TYR N      N N N 381 
TYR CA     C N S 382 
TYR C      C N N 383 
TYR O      O N N 384 
TYR CB     C N N 385 
TYR CG     C Y N 386 
TYR CD1    C Y N 387 
TYR CD2    C Y N 388 
TYR CE1    C Y N 389 
TYR CE2    C Y N 390 
TYR CZ     C Y N 391 
TYR OH     O N N 392 
TYR OXT    O N N 393 
TYR H      H N N 394 
TYR H2     H N N 395 
TYR HA     H N N 396 
TYR HB2    H N N 397 
TYR HB3    H N N 398 
TYR HD1    H N N 399 
TYR HD2    H N N 400 
TYR HE1    H N N 401 
TYR HE2    H N N 402 
TYR HH     H N N 403 
TYR HXT    H N N 404 
VAL N      N N N 405 
VAL CA     C N S 406 
VAL C      C N N 407 
VAL O      O N N 408 
VAL CB     C N N 409 
VAL CG1    C N N 410 
VAL CG2    C N N 411 
VAL OXT    O N N 412 
VAL H      H N N 413 
VAL H2     H N N 414 
VAL HA     H N N 415 
VAL HB     H N N 416 
VAL HG11   H N N 417 
VAL HG12   H N N 418 
VAL HG13   H N N 419 
VAL HG21   H N N 420 
VAL HG22   H N N 421 
VAL HG23   H N N 422 
VAL HXT    H N N 423 
# 
loop_
_chem_comp_bond.comp_id 
_chem_comp_bond.atom_id_1 
_chem_comp_bond.atom_id_2 
_chem_comp_bond.value_order 
_chem_comp_bond.pdbx_aromatic_flag 
_chem_comp_bond.pdbx_stereo_config 
_chem_comp_bond.pdbx_ordinal 
A5A N     CA     sing N N 1   
A5A N     H      sing N N 2   
A5A N     HN2    sing N N 3   
A5A CA    CB     sing N N 4   
A5A CA    C      sing N N 5   
A5A CA    HA     sing N N 6   
A5A CB    HB1    sing N N 7   
A5A CB    HB2    sing N N 8   
A5A CB    HB3    sing N N 9   
A5A C     O      doub N N 10  
A5A C     N3S    sing N N 11  
A5A N3S   S      sing N N 12  
A5A N3S   H3S    sing N N 13  
A5A S     O1S    doub N N 14  
A5A S     O2S    doub N N 15  
A5A S     "O5'"  sing N N 16  
A5A "O5'" "C5'"  sing N N 17  
A5A "C5'" "C4'"  sing N N 18  
A5A "C5'" "H5'1" sing N N 19  
A5A "C5'" "H5'2" sing N N 20  
A5A "C4'" "O4'"  sing N N 21  
A5A "C4'" "C3'"  sing N N 22  
A5A "C4'" "H4'"  sing N N 23  
A5A "O4'" "C1'"  sing N N 24  
A5A "C3'" "O3'"  sing N N 25  
A5A "C3'" "C2'"  sing N N 26  
A5A "C3'" "H3'"  sing N N 27  
A5A "O3'" H3T    sing N N 28  
A5A "C2'" "O2'"  sing N N 29  
A5A "C2'" "C1'"  sing N N 30  
A5A "C2'" "H2'"  sing N N 31  
A5A "O2'" "HO'2" sing N N 32  
A5A "C1'" N9     sing N N 33  
A5A "C1'" "H1'"  sing N N 34  
A5A N9    C8     sing Y N 35  
A5A N9    C4     sing Y N 36  
A5A C8    N7     doub Y N 37  
A5A C8    H8     sing N N 38  
A5A N7    C5     sing Y N 39  
A5A C5    C6     doub Y N 40  
A5A C5    C4     sing Y N 41  
A5A C6    N6     sing N N 42  
A5A C6    N1     sing Y N 43  
A5A N6    H61    sing N N 44  
A5A N6    H62    sing N N 45  
A5A N1    C2     doub Y N 46  
A5A C2    N3     sing Y N 47  
A5A C2    H2     sing N N 48  
A5A N3    C4     doub Y N 49  
ALA N     CA     sing N N 50  
ALA N     H      sing N N 51  
ALA N     H2     sing N N 52  
ALA CA    C      sing N N 53  
ALA CA    CB     sing N N 54  
ALA CA    HA     sing N N 55  
ALA C     O      doub N N 56  
ALA C     OXT    sing N N 57  
ALA CB    HB1    sing N N 58  
ALA CB    HB2    sing N N 59  
ALA CB    HB3    sing N N 60  
ALA OXT   HXT    sing N N 61  
ARG N     CA     sing N N 62  
ARG N     H      sing N N 63  
ARG N     H2     sing N N 64  
ARG CA    C      sing N N 65  
ARG CA    CB     sing N N 66  
ARG CA    HA     sing N N 67  
ARG C     O      doub N N 68  
ARG C     OXT    sing N N 69  
ARG CB    CG     sing N N 70  
ARG CB    HB2    sing N N 71  
ARG CB    HB3    sing N N 72  
ARG CG    CD     sing N N 73  
ARG CG    HG2    sing N N 74  
ARG CG    HG3    sing N N 75  
ARG CD    NE     sing N N 76  
ARG CD    HD2    sing N N 77  
ARG CD    HD3    sing N N 78  
ARG NE    CZ     sing N N 79  
ARG NE    HE     sing N N 80  
ARG CZ    NH1    sing N N 81  
ARG CZ    NH2    doub N N 82  
ARG NH1   HH11   sing N N 83  
ARG NH1   HH12   sing N N 84  
ARG NH2   HH21   sing N N 85  
ARG NH2   HH22   sing N N 86  
ARG OXT   HXT    sing N N 87  
ASN N     CA     sing N N 88  
ASN N     H      sing N N 89  
ASN N     H2     sing N N 90  
ASN CA    C      sing N N 91  
ASN CA    CB     sing N N 92  
ASN CA    HA     sing N N 93  
ASN C     O      doub N N 94  
ASN C     OXT    sing N N 95  
ASN CB    CG     sing N N 96  
ASN CB    HB2    sing N N 97  
ASN CB    HB3    sing N N 98  
ASN CG    OD1    doub N N 99  
ASN CG    ND2    sing N N 100 
ASN ND2   HD21   sing N N 101 
ASN ND2   HD22   sing N N 102 
ASN OXT   HXT    sing N N 103 
ASP N     CA     sing N N 104 
ASP N     H      sing N N 105 
ASP N     H2     sing N N 106 
ASP CA    C      sing N N 107 
ASP CA    CB     sing N N 108 
ASP CA    HA     sing N N 109 
ASP C     O      doub N N 110 
ASP C     OXT    sing N N 111 
ASP CB    CG     sing N N 112 
ASP CB    HB2    sing N N 113 
ASP CB    HB3    sing N N 114 
ASP CG    OD1    doub N N 115 
ASP CG    OD2    sing N N 116 
ASP OD2   HD2    sing N N 117 
ASP OXT   HXT    sing N N 118 
GLN N     CA     sing N N 119 
GLN N     H      sing N N 120 
GLN N     H2     sing N N 121 
GLN CA    C      sing N N 122 
GLN CA    CB     sing N N 123 
GLN CA    HA     sing N N 124 
GLN C     O      doub N N 125 
GLN C     OXT    sing N N 126 
GLN CB    CG     sing N N 127 
GLN CB    HB2    sing N N 128 
GLN CB    HB3    sing N N 129 
GLN CG    CD     sing N N 130 
GLN CG    HG2    sing N N 131 
GLN CG    HG3    sing N N 132 
GLN CD    OE1    doub N N 133 
GLN CD    NE2    sing N N 134 
GLN NE2   HE21   sing N N 135 
GLN NE2   HE22   sing N N 136 
GLN OXT   HXT    sing N N 137 
GLU N     CA     sing N N 138 
GLU N     H      sing N N 139 
GLU N     H2     sing N N 140 
GLU CA    C      sing N N 141 
GLU CA    CB     sing N N 142 
GLU CA    HA     sing N N 143 
GLU C     O      doub N N 144 
GLU C     OXT    sing N N 145 
GLU CB    CG     sing N N 146 
GLU CB    HB2    sing N N 147 
GLU CB    HB3    sing N N 148 
GLU CG    CD     sing N N 149 
GLU CG    HG2    sing N N 150 
GLU CG    HG3    sing N N 151 
GLU CD    OE1    doub N N 152 
GLU CD    OE2    sing N N 153 
GLU OE2   HE2    sing N N 154 
GLU OXT   HXT    sing N N 155 
GLY N     CA     sing N N 156 
GLY N     H      sing N N 157 
GLY N     H2     sing N N 158 
GLY CA    C      sing N N 159 
GLY CA    HA2    sing N N 160 
GLY CA    HA3    sing N N 161 
GLY C     O      doub N N 162 
GLY C     OXT    sing N N 163 
GLY OXT   HXT    sing N N 164 
HIS N     CA     sing N N 165 
HIS N     H      sing N N 166 
HIS N     H2     sing N N 167 
HIS CA    C      sing N N 168 
HIS CA    CB     sing N N 169 
HIS CA    HA     sing N N 170 
HIS C     O      doub N N 171 
HIS C     OXT    sing N N 172 
HIS CB    CG     sing N N 173 
HIS CB    HB2    sing N N 174 
HIS CB    HB3    sing N N 175 
HIS CG    ND1    sing Y N 176 
HIS CG    CD2    doub Y N 177 
HIS ND1   CE1    doub Y N 178 
HIS ND1   HD1    sing N N 179 
HIS CD2   NE2    sing Y N 180 
HIS CD2   HD2    sing N N 181 
HIS CE1   NE2    sing Y N 182 
HIS CE1   HE1    sing N N 183 
HIS NE2   HE2    sing N N 184 
HIS OXT   HXT    sing N N 185 
HOH O     H1     sing N N 186 
HOH O     H2     sing N N 187 
ILE N     CA     sing N N 188 
ILE N     H      sing N N 189 
ILE N     H2     sing N N 190 
ILE CA    C      sing N N 191 
ILE CA    CB     sing N N 192 
ILE CA    HA     sing N N 193 
ILE C     O      doub N N 194 
ILE C     OXT    sing N N 195 
ILE CB    CG1    sing N N 196 
ILE CB    CG2    sing N N 197 
ILE CB    HB     sing N N 198 
ILE CG1   CD1    sing N N 199 
ILE CG1   HG12   sing N N 200 
ILE CG1   HG13   sing N N 201 
ILE CG2   HG21   sing N N 202 
ILE CG2   HG22   sing N N 203 
ILE CG2   HG23   sing N N 204 
ILE CD1   HD11   sing N N 205 
ILE CD1   HD12   sing N N 206 
ILE CD1   HD13   sing N N 207 
ILE OXT   HXT    sing N N 208 
LEU N     CA     sing N N 209 
LEU N     H      sing N N 210 
LEU N     H2     sing N N 211 
LEU CA    C      sing N N 212 
LEU CA    CB     sing N N 213 
LEU CA    HA     sing N N 214 
LEU C     O      doub N N 215 
LEU C     OXT    sing N N 216 
LEU CB    CG     sing N N 217 
LEU CB    HB2    sing N N 218 
LEU CB    HB3    sing N N 219 
LEU CG    CD1    sing N N 220 
LEU CG    CD2    sing N N 221 
LEU CG    HG     sing N N 222 
LEU CD1   HD11   sing N N 223 
LEU CD1   HD12   sing N N 224 
LEU CD1   HD13   sing N N 225 
LEU CD2   HD21   sing N N 226 
LEU CD2   HD22   sing N N 227 
LEU CD2   HD23   sing N N 228 
LEU OXT   HXT    sing N N 229 
LYS N     CA     sing N N 230 
LYS N     H      sing N N 231 
LYS N     H2     sing N N 232 
LYS CA    C      sing N N 233 
LYS CA    CB     sing N N 234 
LYS CA    HA     sing N N 235 
LYS C     O      doub N N 236 
LYS C     OXT    sing N N 237 
LYS CB    CG     sing N N 238 
LYS CB    HB2    sing N N 239 
LYS CB    HB3    sing N N 240 
LYS CG    CD     sing N N 241 
LYS CG    HG2    sing N N 242 
LYS CG    HG3    sing N N 243 
LYS CD    CE     sing N N 244 
LYS CD    HD2    sing N N 245 
LYS CD    HD3    sing N N 246 
LYS CE    NZ     sing N N 247 
LYS CE    HE2    sing N N 248 
LYS CE    HE3    sing N N 249 
LYS NZ    HZ1    sing N N 250 
LYS NZ    HZ2    sing N N 251 
LYS NZ    HZ3    sing N N 252 
LYS OXT   HXT    sing N N 253 
MET N     CA     sing N N 254 
MET N     H      sing N N 255 
MET N     H2     sing N N 256 
MET CA    C      sing N N 257 
MET CA    CB     sing N N 258 
MET CA    HA     sing N N 259 
MET C     O      doub N N 260 
MET C     OXT    sing N N 261 
MET CB    CG     sing N N 262 
MET CB    HB2    sing N N 263 
MET CB    HB3    sing N N 264 
MET CG    SD     sing N N 265 
MET CG    HG2    sing N N 266 
MET CG    HG3    sing N N 267 
MET SD    CE     sing N N 268 
MET CE    HE1    sing N N 269 
MET CE    HE2    sing N N 270 
MET CE    HE3    sing N N 271 
MET OXT   HXT    sing N N 272 
PHE N     CA     sing N N 273 
PHE N     H      sing N N 274 
PHE N     H2     sing N N 275 
PHE CA    C      sing N N 276 
PHE CA    CB     sing N N 277 
PHE CA    HA     sing N N 278 
PHE C     O      doub N N 279 
PHE C     OXT    sing N N 280 
PHE CB    CG     sing N N 281 
PHE CB    HB2    sing N N 282 
PHE CB    HB3    sing N N 283 
PHE CG    CD1    doub Y N 284 
PHE CG    CD2    sing Y N 285 
PHE CD1   CE1    sing Y N 286 
PHE CD1   HD1    sing N N 287 
PHE CD2   CE2    doub Y N 288 
PHE CD2   HD2    sing N N 289 
PHE CE1   CZ     doub Y N 290 
PHE CE1   HE1    sing N N 291 
PHE CE2   CZ     sing Y N 292 
PHE CE2   HE2    sing N N 293 
PHE CZ    HZ     sing N N 294 
PHE OXT   HXT    sing N N 295 
PRO N     CA     sing N N 296 
PRO N     CD     sing N N 297 
PRO N     H      sing N N 298 
PRO CA    C      sing N N 299 
PRO CA    CB     sing N N 300 
PRO CA    HA     sing N N 301 
PRO C     O      doub N N 302 
PRO C     OXT    sing N N 303 
PRO CB    CG     sing N N 304 
PRO CB    HB2    sing N N 305 
PRO CB    HB3    sing N N 306 
PRO CG    CD     sing N N 307 
PRO CG    HG2    sing N N 308 
PRO CG    HG3    sing N N 309 
PRO CD    HD2    sing N N 310 
PRO CD    HD3    sing N N 311 
PRO OXT   HXT    sing N N 312 
SER N     CA     sing N N 313 
SER N     H      sing N N 314 
SER N     H2     sing N N 315 
SER CA    C      sing N N 316 
SER CA    CB     sing N N 317 
SER CA    HA     sing N N 318 
SER C     O      doub N N 319 
SER C     OXT    sing N N 320 
SER CB    OG     sing N N 321 
SER CB    HB2    sing N N 322 
SER CB    HB3    sing N N 323 
SER OG    HG     sing N N 324 
SER OXT   HXT    sing N N 325 
THR N     CA     sing N N 326 
THR N     H      sing N N 327 
THR N     H2     sing N N 328 
THR CA    C      sing N N 329 
THR CA    CB     sing N N 330 
THR CA    HA     sing N N 331 
THR C     O      doub N N 332 
THR C     OXT    sing N N 333 
THR CB    OG1    sing N N 334 
THR CB    CG2    sing N N 335 
THR CB    HB     sing N N 336 
THR OG1   HG1    sing N N 337 
THR CG2   HG21   sing N N 338 
THR CG2   HG22   sing N N 339 
THR CG2   HG23   sing N N 340 
THR OXT   HXT    sing N N 341 
TRP N     CA     sing N N 342 
TRP N     H      sing N N 343 
TRP N     H2     sing N N 344 
TRP CA    C      sing N N 345 
TRP CA    CB     sing N N 346 
TRP CA    HA     sing N N 347 
TRP C     O      doub N N 348 
TRP C     OXT    sing N N 349 
TRP CB    CG     sing N N 350 
TRP CB    HB2    sing N N 351 
TRP CB    HB3    sing N N 352 
TRP CG    CD1    doub Y N 353 
TRP CG    CD2    sing Y N 354 
TRP CD1   NE1    sing Y N 355 
TRP CD1   HD1    sing N N 356 
TRP CD2   CE2    doub Y N 357 
TRP CD2   CE3    sing Y N 358 
TRP NE1   CE2    sing Y N 359 
TRP NE1   HE1    sing N N 360 
TRP CE2   CZ2    sing Y N 361 
TRP CE3   CZ3    doub Y N 362 
TRP CE3   HE3    sing N N 363 
TRP CZ2   CH2    doub Y N 364 
TRP CZ2   HZ2    sing N N 365 
TRP CZ3   CH2    sing Y N 366 
TRP CZ3   HZ3    sing N N 367 
TRP CH2   HH2    sing N N 368 
TRP OXT   HXT    sing N N 369 
TYR N     CA     sing N N 370 
TYR N     H      sing N N 371 
TYR N     H2     sing N N 372 
TYR CA    C      sing N N 373 
TYR CA    CB     sing N N 374 
TYR CA    HA     sing N N 375 
TYR C     O      doub N N 376 
TYR C     OXT    sing N N 377 
TYR CB    CG     sing N N 378 
TYR CB    HB2    sing N N 379 
TYR CB    HB3    sing N N 380 
TYR CG    CD1    doub Y N 381 
TYR CG    CD2    sing Y N 382 
TYR CD1   CE1    sing Y N 383 
TYR CD1   HD1    sing N N 384 
TYR CD2   CE2    doub Y N 385 
TYR CD2   HD2    sing N N 386 
TYR CE1   CZ     doub Y N 387 
TYR CE1   HE1    sing N N 388 
TYR CE2   CZ     sing Y N 389 
TYR CE2   HE2    sing N N 390 
TYR CZ    OH     sing N N 391 
TYR OH    HH     sing N N 392 
TYR OXT   HXT    sing N N 393 
VAL N     CA     sing N N 394 
VAL N     H      sing N N 395 
VAL N     H2     sing N N 396 
VAL CA    C      sing N N 397 
VAL CA    CB     sing N N 398 
VAL CA    HA     sing N N 399 
VAL C     O      doub N N 400 
VAL C     OXT    sing N N 401 
VAL CB    CG1    sing N N 402 
VAL CB    CG2    sing N N 403 
VAL CB    HB     sing N N 404 
VAL CG1   HG11   sing N N 405 
VAL CG1   HG12   sing N N 406 
VAL CG1   HG13   sing N N 407 
VAL CG2   HG21   sing N N 408 
VAL CG2   HG22   sing N N 409 
VAL CG2   HG23   sing N N 410 
VAL OXT   HXT    sing N N 411 
# 
loop_
_pdbx_entity_nonpoly.entity_id 
_pdbx_entity_nonpoly.name 
_pdbx_entity_nonpoly.comp_id 
2 "'5'-O-(N-(L-ALANYL)-SULFAMOYL)ADENOSINE" A5A 
3 water                                     HOH 
# 
_pdbx_initial_refinement_model.id               1 
_pdbx_initial_refinement_model.entity_id_list   ? 
_pdbx_initial_refinement_model.type             'experimental model' 
_pdbx_initial_refinement_model.source_name      PDB 
_pdbx_initial_refinement_model.accession_code   2CX5 
_pdbx_initial_refinement_model.details          'PDB ENTRY 2CX5' 
# 
